data_7F5D
# 
_entry.id   7F5D 
# 
_audit_conform.dict_name       mmcif_pdbx.dic 
_audit_conform.dict_version    5.380 
_audit_conform.dict_location   http://mmcif.pdb.org/dictionaries/ascii/mmcif_pdbx.dic 
# 
loop_
_database_2.database_id 
_database_2.database_code 
_database_2.pdbx_database_accession 
_database_2.pdbx_DOI 
PDB   7F5D         pdb_00007f5d 10.2210/pdb7f5d/pdb 
WWPDB D_1300022907 ?            ?                   
# 
_pdbx_database_status.status_code                     REL 
_pdbx_database_status.status_code_sf                  REL 
_pdbx_database_status.status_code_mr                  ? 
_pdbx_database_status.entry_id                        7F5D 
_pdbx_database_status.recvd_initial_deposition_date   2021-06-21 
_pdbx_database_status.SG_entry                        N 
_pdbx_database_status.deposit_site                    PDBJ 
_pdbx_database_status.process_site                    PDBJ 
_pdbx_database_status.status_code_cs                  ? 
_pdbx_database_status.status_code_nmr_data            ? 
_pdbx_database_status.methods_development_category    ? 
_pdbx_database_status.pdb_format_compatible           Y 
# 
loop_
_audit_author.name 
_audit_author.pdbx_ordinal 
_audit_author.identifier_ORCID 
'Lu, T.'   1 ? 
'Lu, H.B.' 2 ? 
'Wang, J.' 3 ? 
'Lin, H.'  4 ? 
'Lu, W.'   5 ? 
'Luo, C.'  6 ? 
# 
_citation.abstract                  ? 
_citation.abstract_id_CAS           ? 
_citation.book_id_ISBN              ? 
_citation.book_publisher            ? 
_citation.book_publisher_city       ? 
_citation.book_title                ? 
_citation.coordinate_linkage        ? 
_citation.country                   ? 
_citation.database_id_Medline       ? 
_citation.details                   ? 
_citation.id                        primary 
_citation.journal_abbrev            'To Be Published' 
_citation.journal_id_ASTM           ? 
_citation.journal_id_CSD            0353 
_citation.journal_id_ISSN           ? 
_citation.journal_full              ? 
_citation.journal_issue             ? 
_citation.journal_volume            ? 
_citation.language                  ? 
_citation.page_first                ? 
_citation.page_last                 ? 
_citation.title                     'Discovery and Optimization of Small-Molecule Inhibitors for the BPTF Bromodomains Proteins' 
_citation.year                      ? 
_citation.database_id_CSD           ? 
_citation.pdbx_database_id_DOI      ? 
_citation.pdbx_database_id_PubMed   ? 
_citation.pdbx_database_id_patent   ? 
_citation.unpublished_flag          ? 
# 
loop_
_citation_author.citation_id 
_citation_author.name 
_citation_author.ordinal 
_citation_author.identifier_ORCID 
primary 'Lu, T.'      1  ? 
primary 'Lu, H.B.'    2  ? 
primary 'Wang, J.'    3  ? 
primary 'Han, J.'     4  ? 
primary 'Xiao, S.'    5  ? 
primary 'Jiang, H.'   6  ? 
primary 'Chen, Y.'    7  ? 
primary 'Yang, F.'    8  ? 
primary 'Li, Q.'      9  ? 
primary 'Jiang, H.L.' 10 ? 
primary 'Chen, K.X.'  11 ? 
primary 'Lu, W.C.'    12 ? 
primary 'Lin, H.'     13 ? 
primary 'Luo, C.'     14 ? 
# 
_cell.angle_alpha                  90.000 
_cell.angle_alpha_esd              ? 
_cell.angle_beta                   96.649 
_cell.angle_beta_esd               ? 
_cell.angle_gamma                  90.000 
_cell.angle_gamma_esd              ? 
_cell.entry_id                     7F5D 
_cell.details                      ? 
_cell.formula_units_Z              ? 
_cell.length_a                     111.651 
_cell.length_a_esd                 ? 
_cell.length_b                     27.139 
_cell.length_b_esd                 ? 
_cell.length_c                     37.907 
_cell.length_c_esd                 ? 
_cell.volume                       114089.319 
_cell.volume_esd                   ? 
_cell.Z_PDB                        4 
_cell.reciprocal_angle_alpha       ? 
_cell.reciprocal_angle_beta        ? 
_cell.reciprocal_angle_gamma       ? 
_cell.reciprocal_angle_alpha_esd   ? 
_cell.reciprocal_angle_beta_esd    ? 
_cell.reciprocal_angle_gamma_esd   ? 
_cell.reciprocal_length_a          ? 
_cell.reciprocal_length_b          ? 
_cell.reciprocal_length_c          ? 
_cell.reciprocal_length_a_esd      ? 
_cell.reciprocal_length_b_esd      ? 
_cell.reciprocal_length_c_esd      ? 
_cell.pdbx_unique_axis             ? 
# 
_symmetry.entry_id                         7F5D 
_symmetry.cell_setting                     ? 
_symmetry.Int_Tables_number                5 
_symmetry.space_group_name_Hall            'C 2y' 
_symmetry.space_group_name_H-M             'C 1 2 1' 
_symmetry.pdbx_full_space_group_name_H-M   ? 
# 
loop_
_entity.id 
_entity.type 
_entity.src_method 
_entity.pdbx_description 
_entity.formula_weight 
_entity.pdbx_number_of_molecules 
_entity.pdbx_ec 
_entity.pdbx_mutation 
_entity.pdbx_fragment 
_entity.details 
1 polymer     man 'Nucleosome-remodeling factor subunit BPTF'                     13443.338 1   ? ? ? ? 
2 non-polymer syn '6-(1H-indol-5-yl)-N-methyl-2-methylsulfonyl-pyrimidin-4-amine' 302.352   1   ? ? ? ? 
3 water       nat water                                                           18.015    131 ? ? ? ? 
# 
_entity_poly.entity_id                      1 
_entity_poly.type                           'polypeptide(L)' 
_entity_poly.nstd_linkage                   no 
_entity_poly.nstd_monomer                   no 
_entity_poly.pdbx_seq_one_letter_code       
;GPLGSVLTPLTEKDYEGLKRVLRSLQAHKMAWPFLEPVDPNDAPDYYGVIKEPMDLATMEERVQRRYYEKLTEFVADMTK
IFDNCRYYNPSDSPFYQCAEVLESFFVQKLKGFKA
;
_entity_poly.pdbx_seq_one_letter_code_can   
;GPLGSVLTPLTEKDYEGLKRVLRSLQAHKMAWPFLEPVDPNDAPDYYGVIKEPMDLATMEERVQRRYYEKLTEFVADMTK
IFDNCRYYNPSDSPFYQCAEVLESFFVQKLKGFKA
;
_entity_poly.pdbx_strand_id                 A 
_entity_poly.pdbx_target_identifier         ? 
# 
loop_
_entity_poly_seq.entity_id 
_entity_poly_seq.num 
_entity_poly_seq.mon_id 
_entity_poly_seq.hetero 
1 1   GLY n 
1 2   PRO n 
1 3   LEU n 
1 4   GLY n 
1 5   SER n 
1 6   VAL n 
1 7   LEU n 
1 8   THR n 
1 9   PRO n 
1 10  LEU n 
1 11  THR n 
1 12  GLU n 
1 13  LYS n 
1 14  ASP n 
1 15  TYR n 
1 16  GLU n 
1 17  GLY n 
1 18  LEU n 
1 19  LYS n 
1 20  ARG n 
1 21  VAL n 
1 22  LEU n 
1 23  ARG n 
1 24  SER n 
1 25  LEU n 
1 26  GLN n 
1 27  ALA n 
1 28  HIS n 
1 29  LYS n 
1 30  MET n 
1 31  ALA n 
1 32  TRP n 
1 33  PRO n 
1 34  PHE n 
1 35  LEU n 
1 36  GLU n 
1 37  PRO n 
1 38  VAL n 
1 39  ASP n 
1 40  PRO n 
1 41  ASN n 
1 42  ASP n 
1 43  ALA n 
1 44  PRO n 
1 45  ASP n 
1 46  TYR n 
1 47  TYR n 
1 48  GLY n 
1 49  VAL n 
1 50  ILE n 
1 51  LYS n 
1 52  GLU n 
1 53  PRO n 
1 54  MET n 
1 55  ASP n 
1 56  LEU n 
1 57  ALA n 
1 58  THR n 
1 59  MET n 
1 60  GLU n 
1 61  GLU n 
1 62  ARG n 
1 63  VAL n 
1 64  GLN n 
1 65  ARG n 
1 66  ARG n 
1 67  TYR n 
1 68  TYR n 
1 69  GLU n 
1 70  LYS n 
1 71  LEU n 
1 72  THR n 
1 73  GLU n 
1 74  PHE n 
1 75  VAL n 
1 76  ALA n 
1 77  ASP n 
1 78  MET n 
1 79  THR n 
1 80  LYS n 
1 81  ILE n 
1 82  PHE n 
1 83  ASP n 
1 84  ASN n 
1 85  CYS n 
1 86  ARG n 
1 87  TYR n 
1 88  TYR n 
1 89  ASN n 
1 90  PRO n 
1 91  SER n 
1 92  ASP n 
1 93  SER n 
1 94  PRO n 
1 95  PHE n 
1 96  TYR n 
1 97  GLN n 
1 98  CYS n 
1 99  ALA n 
1 100 GLU n 
1 101 VAL n 
1 102 LEU n 
1 103 GLU n 
1 104 SER n 
1 105 PHE n 
1 106 PHE n 
1 107 VAL n 
1 108 GLN n 
1 109 LYS n 
1 110 LEU n 
1 111 LYS n 
1 112 GLY n 
1 113 PHE n 
1 114 LYS n 
1 115 ALA n 
# 
_entity_src_gen.entity_id                          1 
_entity_src_gen.pdbx_src_id                        1 
_entity_src_gen.pdbx_alt_source_flag               sample 
_entity_src_gen.pdbx_seq_type                      'Biological sequence' 
_entity_src_gen.pdbx_beg_seq_num                   1 
_entity_src_gen.pdbx_end_seq_num                   115 
_entity_src_gen.gene_src_common_name               Human 
_entity_src_gen.gene_src_genus                     ? 
_entity_src_gen.pdbx_gene_src_gene                 BPTF 
_entity_src_gen.gene_src_species                   ? 
_entity_src_gen.gene_src_strain                    ? 
_entity_src_gen.gene_src_tissue                    ? 
_entity_src_gen.gene_src_tissue_fraction           ? 
_entity_src_gen.gene_src_details                   ? 
_entity_src_gen.pdbx_gene_src_fragment             ? 
_entity_src_gen.pdbx_gene_src_scientific_name      'Homo sapiens' 
_entity_src_gen.pdbx_gene_src_ncbi_taxonomy_id     9606 
_entity_src_gen.pdbx_gene_src_variant              ? 
_entity_src_gen.pdbx_gene_src_cell_line            ? 
_entity_src_gen.pdbx_gene_src_atcc                 ? 
_entity_src_gen.pdbx_gene_src_organ                ? 
_entity_src_gen.pdbx_gene_src_organelle            ? 
_entity_src_gen.pdbx_gene_src_cell                 ? 
_entity_src_gen.pdbx_gene_src_cellular_location    ? 
_entity_src_gen.host_org_common_name               ? 
_entity_src_gen.pdbx_host_org_scientific_name      'Escherichia coli' 
_entity_src_gen.pdbx_host_org_ncbi_taxonomy_id     562 
_entity_src_gen.host_org_genus                     ? 
_entity_src_gen.pdbx_host_org_gene                 ? 
_entity_src_gen.pdbx_host_org_organ                ? 
_entity_src_gen.host_org_species                   ? 
_entity_src_gen.pdbx_host_org_tissue               ? 
_entity_src_gen.pdbx_host_org_tissue_fraction      ? 
_entity_src_gen.pdbx_host_org_strain               ? 
_entity_src_gen.pdbx_host_org_variant              ? 
_entity_src_gen.pdbx_host_org_cell_line            ? 
_entity_src_gen.pdbx_host_org_atcc                 ? 
_entity_src_gen.pdbx_host_org_culture_collection   ? 
_entity_src_gen.pdbx_host_org_cell                 ? 
_entity_src_gen.pdbx_host_org_organelle            ? 
_entity_src_gen.pdbx_host_org_cellular_location    ? 
_entity_src_gen.pdbx_host_org_vector_type          ? 
_entity_src_gen.pdbx_host_org_vector               ? 
_entity_src_gen.host_org_details                   ? 
_entity_src_gen.expression_system_id               ? 
_entity_src_gen.plasmid_name                       ? 
_entity_src_gen.plasmid_details                    ? 
_entity_src_gen.pdbx_description                   ? 
# 
_struct_ref.id                         1 
_struct_ref.db_name                    UNP 
_struct_ref.db_code                    J3QQQ8_HUMAN 
_struct_ref.pdbx_db_accession          J3QQQ8 
_struct_ref.pdbx_db_isoform            ? 
_struct_ref.entity_id                  1 
_struct_ref.pdbx_seq_one_letter_code   
;VLTPLTEKDYEGLKRVLRSLQAHKMAWPFLEPVDPNDAPDYYGVIKEPMDLATMEERVQRRYYEKLTEFVADMTKIFDNC
RYYNPSDSPFYQCAEVLESFFVQKLKGFKA
;
_struct_ref.pdbx_align_begin           308 
# 
_struct_ref_seq.align_id                      1 
_struct_ref_seq.ref_id                        1 
_struct_ref_seq.pdbx_PDB_id_code              7F5D 
_struct_ref_seq.pdbx_strand_id                A 
_struct_ref_seq.seq_align_beg                 6 
_struct_ref_seq.pdbx_seq_align_beg_ins_code   ? 
_struct_ref_seq.seq_align_end                 115 
_struct_ref_seq.pdbx_seq_align_end_ins_code   ? 
_struct_ref_seq.pdbx_db_accession             J3QQQ8 
_struct_ref_seq.db_align_beg                  308 
_struct_ref_seq.pdbx_db_align_beg_ins_code    ? 
_struct_ref_seq.db_align_end                  417 
_struct_ref_seq.pdbx_db_align_end_ins_code    ? 
_struct_ref_seq.pdbx_auth_seq_align_beg       65 
_struct_ref_seq.pdbx_auth_seq_align_end       174 
# 
loop_
_struct_ref_seq_dif.align_id 
_struct_ref_seq_dif.pdbx_pdb_id_code 
_struct_ref_seq_dif.mon_id 
_struct_ref_seq_dif.pdbx_pdb_strand_id 
_struct_ref_seq_dif.seq_num 
_struct_ref_seq_dif.pdbx_pdb_ins_code 
_struct_ref_seq_dif.pdbx_seq_db_name 
_struct_ref_seq_dif.pdbx_seq_db_accession_code 
_struct_ref_seq_dif.db_mon_id 
_struct_ref_seq_dif.pdbx_seq_db_seq_num 
_struct_ref_seq_dif.details 
_struct_ref_seq_dif.pdbx_auth_seq_num 
_struct_ref_seq_dif.pdbx_ordinal 
1 7F5D GLY A 1 ? UNP J3QQQ8 ? ? 'expression tag' 60 1 
1 7F5D PRO A 2 ? UNP J3QQQ8 ? ? 'expression tag' 61 2 
1 7F5D LEU A 3 ? UNP J3QQQ8 ? ? 'expression tag' 62 3 
1 7F5D GLY A 4 ? UNP J3QQQ8 ? ? 'expression tag' 63 4 
1 7F5D SER A 5 ? UNP J3QQQ8 ? ? 'expression tag' 64 5 
# 
loop_
_chem_comp.id 
_chem_comp.type 
_chem_comp.mon_nstd_flag 
_chem_comp.name 
_chem_comp.pdbx_synonyms 
_chem_comp.formula 
_chem_comp.formula_weight 
ALA 'L-peptide linking' y ALANINE                                                         ? 'C3 H7 N O2'      89.093  
ARG 'L-peptide linking' y ARGININE                                                        ? 'C6 H15 N4 O2 1'  175.209 
ASN 'L-peptide linking' y ASPARAGINE                                                      ? 'C4 H8 N2 O3'     132.118 
ASP 'L-peptide linking' y 'ASPARTIC ACID'                                                 ? 'C4 H7 N O4'      133.103 
CYS 'L-peptide linking' y CYSTEINE                                                        ? 'C3 H7 N O2 S'    121.158 
EUO non-polymer         . '6-(1H-indol-5-yl)-N-methyl-2-methylsulfonyl-pyrimidin-4-amine' ? 'C14 H14 N4 O2 S' 302.352 
GLN 'L-peptide linking' y GLUTAMINE                                                       ? 'C5 H10 N2 O3'    146.144 
GLU 'L-peptide linking' y 'GLUTAMIC ACID'                                                 ? 'C5 H9 N O4'      147.129 
GLY 'peptide linking'   y GLYCINE                                                         ? 'C2 H5 N O2'      75.067  
HIS 'L-peptide linking' y HISTIDINE                                                       ? 'C6 H10 N3 O2 1'  156.162 
HOH non-polymer         . WATER                                                           ? 'H2 O'            18.015  
ILE 'L-peptide linking' y ISOLEUCINE                                                      ? 'C6 H13 N O2'     131.173 
LEU 'L-peptide linking' y LEUCINE                                                         ? 'C6 H13 N O2'     131.173 
LYS 'L-peptide linking' y LYSINE                                                          ? 'C6 H15 N2 O2 1'  147.195 
MET 'L-peptide linking' y METHIONINE                                                      ? 'C5 H11 N O2 S'   149.211 
PHE 'L-peptide linking' y PHENYLALANINE                                                   ? 'C9 H11 N O2'     165.189 
PRO 'L-peptide linking' y PROLINE                                                         ? 'C5 H9 N O2'      115.130 
SER 'L-peptide linking' y SERINE                                                          ? 'C3 H7 N O3'      105.093 
THR 'L-peptide linking' y THREONINE                                                       ? 'C4 H9 N O3'      119.119 
TRP 'L-peptide linking' y TRYPTOPHAN                                                      ? 'C11 H12 N2 O2'   204.225 
TYR 'L-peptide linking' y TYROSINE                                                        ? 'C9 H11 N O3'     181.189 
VAL 'L-peptide linking' y VALINE                                                          ? 'C5 H11 N O2'     117.146 
# 
_exptl.absorpt_coefficient_mu     ? 
_exptl.absorpt_correction_T_max   ? 
_exptl.absorpt_correction_T_min   ? 
_exptl.absorpt_correction_type    ? 
_exptl.absorpt_process_details    ? 
_exptl.entry_id                   7F5D 
_exptl.crystals_number            1 
_exptl.details                    ? 
_exptl.method                     'X-RAY DIFFRACTION' 
_exptl.method_details             ? 
# 
_exptl_crystal.colour                      ? 
_exptl_crystal.density_diffrn              ? 
_exptl_crystal.density_Matthews            2.12 
_exptl_crystal.density_method              ? 
_exptl_crystal.density_percent_sol         42.03 
_exptl_crystal.description                 ? 
_exptl_crystal.F_000                       ? 
_exptl_crystal.id                          1 
_exptl_crystal.preparation                 ? 
_exptl_crystal.size_max                    ? 
_exptl_crystal.size_mid                    ? 
_exptl_crystal.size_min                    ? 
_exptl_crystal.size_rad                    ? 
_exptl_crystal.colour_lustre               ? 
_exptl_crystal.colour_modifier             ? 
_exptl_crystal.colour_primary              ? 
_exptl_crystal.density_meas                ? 
_exptl_crystal.density_meas_esd            ? 
_exptl_crystal.density_meas_gt             ? 
_exptl_crystal.density_meas_lt             ? 
_exptl_crystal.density_meas_temp           ? 
_exptl_crystal.density_meas_temp_esd       ? 
_exptl_crystal.density_meas_temp_gt        ? 
_exptl_crystal.density_meas_temp_lt        ? 
_exptl_crystal.pdbx_crystal_image_url      ? 
_exptl_crystal.pdbx_crystal_image_format   ? 
_exptl_crystal.pdbx_mosaicity              ? 
_exptl_crystal.pdbx_mosaicity_esd          ? 
# 
_exptl_crystal_grow.apparatus       ? 
_exptl_crystal_grow.atmosphere      ? 
_exptl_crystal_grow.crystal_id      1 
_exptl_crystal_grow.details         ? 
_exptl_crystal_grow.method          'VAPOR DIFFUSION, SITTING DROP' 
_exptl_crystal_grow.method_ref      ? 
_exptl_crystal_grow.pH              8.5 
_exptl_crystal_grow.pressure        ? 
_exptl_crystal_grow.pressure_esd    ? 
_exptl_crystal_grow.seeding         ? 
_exptl_crystal_grow.seeding_ref     ? 
_exptl_crystal_grow.temp            289 
_exptl_crystal_grow.temp_details    ? 
_exptl_crystal_grow.temp_esd        ? 
_exptl_crystal_grow.time            ? 
_exptl_crystal_grow.pdbx_details    '0.2 M Lithium sulfate monohydrate, 0.1 M Tris pH 8.5, 25% PEG 3350' 
_exptl_crystal_grow.pdbx_pH_range   ? 
# 
_diffrn.ambient_environment              ? 
_diffrn.ambient_temp                     100 
_diffrn.ambient_temp_details             ? 
_diffrn.ambient_temp_esd                 ? 
_diffrn.crystal_id                       1 
_diffrn.crystal_support                  ? 
_diffrn.crystal_treatment                ? 
_diffrn.details                          ? 
_diffrn.id                               1 
_diffrn.ambient_pressure                 ? 
_diffrn.ambient_pressure_esd             ? 
_diffrn.ambient_pressure_gt              ? 
_diffrn.ambient_pressure_lt              ? 
_diffrn.ambient_temp_gt                  ? 
_diffrn.ambient_temp_lt                  ? 
_diffrn.pdbx_serial_crystal_experiment   N 
# 
_diffrn_detector.details                      ? 
_diffrn_detector.detector                     PIXEL 
_diffrn_detector.diffrn_id                    1 
_diffrn_detector.type                         'DECTRIS PILATUS 6M' 
_diffrn_detector.area_resol_mean              ? 
_diffrn_detector.dtime                        ? 
_diffrn_detector.pdbx_frames_total            ? 
_diffrn_detector.pdbx_collection_time_total   ? 
_diffrn_detector.pdbx_collection_date         2021-06-18 
_diffrn_detector.pdbx_frequency               ? 
# 
_diffrn_radiation.collimation                      ? 
_diffrn_radiation.diffrn_id                        1 
_diffrn_radiation.filter_edge                      ? 
_diffrn_radiation.inhomogeneity                    ? 
_diffrn_radiation.monochromator                    ? 
_diffrn_radiation.polarisn_norm                    ? 
_diffrn_radiation.polarisn_ratio                   ? 
_diffrn_radiation.probe                            ? 
_diffrn_radiation.type                             ? 
_diffrn_radiation.xray_symbol                      ? 
_diffrn_radiation.wavelength_id                    1 
_diffrn_radiation.pdbx_monochromatic_or_laue_m_l   M 
_diffrn_radiation.pdbx_wavelength_list             ? 
_diffrn_radiation.pdbx_wavelength                  ? 
_diffrn_radiation.pdbx_diffrn_protocol             'SINGLE WAVELENGTH' 
_diffrn_radiation.pdbx_analyzer                    ? 
_diffrn_radiation.pdbx_scattering_type             x-ray 
# 
_diffrn_radiation_wavelength.id           1 
_diffrn_radiation_wavelength.wavelength   0.98 
_diffrn_radiation_wavelength.wt           1.0 
# 
_diffrn_source.current                     ? 
_diffrn_source.details                     ? 
_diffrn_source.diffrn_id                   1 
_diffrn_source.power                       ? 
_diffrn_source.size                        ? 
_diffrn_source.source                      SYNCHROTRON 
_diffrn_source.target                      ? 
_diffrn_source.type                        'SSRF BEAMLINE BL19U1' 
_diffrn_source.voltage                     ? 
_diffrn_source.take-off_angle              ? 
_diffrn_source.pdbx_wavelength_list        0.98 
_diffrn_source.pdbx_wavelength             ? 
_diffrn_source.pdbx_synchrotron_beamline   BL19U1 
_diffrn_source.pdbx_synchrotron_site       SSRF 
# 
_reflns.B_iso_Wilson_estimate                          13.0246033572 
_reflns.entry_id                                       7F5D 
_reflns.data_reduction_details                         ? 
_reflns.data_reduction_method                          ? 
_reflns.d_resolution_high                              1.57 
_reflns.d_resolution_low                               40 
_reflns.details                                        ? 
_reflns.limit_h_max                                    ? 
_reflns.limit_h_min                                    ? 
_reflns.limit_k_max                                    ? 
_reflns.limit_k_min                                    ? 
_reflns.limit_l_max                                    ? 
_reflns.limit_l_min                                    ? 
_reflns.number_all                                     ? 
_reflns.number_obs                                     15992 
_reflns.observed_criterion                             ? 
_reflns.observed_criterion_F_max                       ? 
_reflns.observed_criterion_F_min                       ? 
_reflns.observed_criterion_I_max                       ? 
_reflns.observed_criterion_I_min                       ? 
_reflns.observed_criterion_sigma_F                     ? 
_reflns.observed_criterion_sigma_I                     ? 
_reflns.percent_possible_obs                           99.56 
_reflns.R_free_details                                 ? 
_reflns.Rmerge_F_all                                   ? 
_reflns.Rmerge_F_obs                                   ? 
_reflns.Friedel_coverage                               ? 
_reflns.number_gt                                      ? 
_reflns.threshold_expression                           ? 
_reflns.pdbx_redundancy                                6.3 
_reflns.pdbx_Rmerge_I_obs                              0.102 
_reflns.pdbx_Rmerge_I_all                              ? 
_reflns.pdbx_Rsym_value                                0.102 
_reflns.pdbx_netI_over_av_sigmaI                       ? 
_reflns.pdbx_netI_over_sigmaI                          16.58 
_reflns.pdbx_res_netI_over_av_sigmaI_2                 ? 
_reflns.pdbx_res_netI_over_sigmaI_2                    ? 
_reflns.pdbx_chi_squared                               ? 
_reflns.pdbx_scaling_rejects                           ? 
_reflns.pdbx_d_res_high_opt                            ? 
_reflns.pdbx_d_res_low_opt                             ? 
_reflns.pdbx_d_res_opt_method                          ? 
_reflns.phase_calculation_details                      ? 
_reflns.pdbx_Rrim_I_all                                0.108 
_reflns.pdbx_Rpim_I_all                                0.042 
_reflns.pdbx_d_opt                                     ? 
_reflns.pdbx_number_measured_all                       ? 
_reflns.pdbx_diffrn_id                                 1 
_reflns.pdbx_ordinal                                   1 
_reflns.pdbx_CC_half                                   0.989 
_reflns.pdbx_CC_star                                   0.997 
_reflns.pdbx_R_split                                   ? 
_reflns.pdbx_aniso_diffraction_limit_axis_1_ortho[1]   ? 
_reflns.pdbx_aniso_diffraction_limit_axis_1_ortho[2]   ? 
_reflns.pdbx_aniso_diffraction_limit_axis_1_ortho[3]   ? 
_reflns.pdbx_aniso_diffraction_limit_axis_2_ortho[1]   ? 
_reflns.pdbx_aniso_diffraction_limit_axis_2_ortho[2]   ? 
_reflns.pdbx_aniso_diffraction_limit_axis_2_ortho[3]   ? 
_reflns.pdbx_aniso_diffraction_limit_axis_3_ortho[1]   ? 
_reflns.pdbx_aniso_diffraction_limit_axis_3_ortho[2]   ? 
_reflns.pdbx_aniso_diffraction_limit_axis_3_ortho[3]   ? 
_reflns.pdbx_aniso_diffraction_limit_1                 ? 
_reflns.pdbx_aniso_diffraction_limit_2                 ? 
_reflns.pdbx_aniso_diffraction_limit_3                 ? 
_reflns.pdbx_aniso_B_tensor_eigenvector_1_ortho[1]     ? 
_reflns.pdbx_aniso_B_tensor_eigenvector_1_ortho[2]     ? 
_reflns.pdbx_aniso_B_tensor_eigenvector_1_ortho[3]     ? 
_reflns.pdbx_aniso_B_tensor_eigenvector_2_ortho[1]     ? 
_reflns.pdbx_aniso_B_tensor_eigenvector_2_ortho[2]     ? 
_reflns.pdbx_aniso_B_tensor_eigenvector_2_ortho[3]     ? 
_reflns.pdbx_aniso_B_tensor_eigenvector_3_ortho[1]     ? 
_reflns.pdbx_aniso_B_tensor_eigenvector_3_ortho[2]     ? 
_reflns.pdbx_aniso_B_tensor_eigenvector_3_ortho[3]     ? 
_reflns.pdbx_aniso_B_tensor_eigenvalue_1               ? 
_reflns.pdbx_aniso_B_tensor_eigenvalue_2               ? 
_reflns.pdbx_aniso_B_tensor_eigenvalue_3               ? 
_reflns.pdbx_orthogonalization_convention              ? 
_reflns.pdbx_percent_possible_ellipsoidal              ? 
_reflns.pdbx_percent_possible_spherical                ? 
_reflns.pdbx_percent_possible_ellipsoidal_anomalous    ? 
_reflns.pdbx_percent_possible_spherical_anomalous      ? 
_reflns.pdbx_redundancy_anomalous                      ? 
_reflns.pdbx_CC_half_anomalous                         ? 
_reflns.pdbx_absDiff_over_sigma_anomalous              ? 
_reflns.pdbx_percent_possible_anomalous                ? 
_reflns.pdbx_observed_signal_threshold                 ? 
_reflns.pdbx_signal_type                               ? 
_reflns.pdbx_signal_details                            ? 
_reflns.pdbx_signal_software_id                        ? 
# 
_reflns_shell.d_res_high                                    1.57 
_reflns_shell.d_res_low                                     1.63 
_reflns_shell.meanI_over_sigI_all                           ? 
_reflns_shell.meanI_over_sigI_obs                           ? 
_reflns_shell.number_measured_all                           ? 
_reflns_shell.number_measured_obs                           ? 
_reflns_shell.number_possible                               ? 
_reflns_shell.number_unique_all                             ? 
_reflns_shell.number_unique_obs                             1527 
_reflns_shell.percent_possible_all                          ? 
_reflns_shell.percent_possible_obs                          ? 
_reflns_shell.Rmerge_F_all                                  ? 
_reflns_shell.Rmerge_F_obs                                  ? 
_reflns_shell.Rmerge_I_all                                  ? 
_reflns_shell.Rmerge_I_obs                                  0.379 
_reflns_shell.meanI_over_sigI_gt                            ? 
_reflns_shell.meanI_over_uI_all                             ? 
_reflns_shell.meanI_over_uI_gt                              ? 
_reflns_shell.number_measured_gt                            ? 
_reflns_shell.number_unique_gt                              ? 
_reflns_shell.percent_possible_gt                           ? 
_reflns_shell.Rmerge_F_gt                                   ? 
_reflns_shell.Rmerge_I_gt                                   ? 
_reflns_shell.pdbx_redundancy                               ? 
_reflns_shell.pdbx_Rsym_value                               ? 
_reflns_shell.pdbx_chi_squared                              ? 
_reflns_shell.pdbx_netI_over_sigmaI_all                     ? 
_reflns_shell.pdbx_netI_over_sigmaI_obs                     ? 
_reflns_shell.pdbx_Rrim_I_all                               0.418 
_reflns_shell.pdbx_Rpim_I_all                               0.179 
_reflns_shell.pdbx_rejects                                  ? 
_reflns_shell.pdbx_ordinal                                  1 
_reflns_shell.pdbx_diffrn_id                                1 
_reflns_shell.pdbx_CC_half                                  0.899 
_reflns_shell.pdbx_CC_star                                  ? 
_reflns_shell.pdbx_R_split                                  ? 
_reflns_shell.pdbx_percent_possible_ellipsoidal             ? 
_reflns_shell.pdbx_percent_possible_spherical               ? 
_reflns_shell.pdbx_percent_possible_ellipsoidal_anomalous   ? 
_reflns_shell.pdbx_percent_possible_spherical_anomalous     ? 
_reflns_shell.pdbx_redundancy_anomalous                     ? 
_reflns_shell.pdbx_CC_half_anomalous                        ? 
_reflns_shell.pdbx_absDiff_over_sigma_anomalous             ? 
_reflns_shell.pdbx_percent_possible_anomalous               ? 
# 
_refine.aniso_B[1][1]                            ? 
_refine.aniso_B[1][2]                            ? 
_refine.aniso_B[1][3]                            ? 
_refine.aniso_B[2][2]                            ? 
_refine.aniso_B[2][3]                            ? 
_refine.aniso_B[3][3]                            ? 
_refine.B_iso_max                                ? 
_refine.B_iso_mean                               17.8748662508 
_refine.B_iso_min                                ? 
_refine.correlation_coeff_Fo_to_Fc               ? 
_refine.correlation_coeff_Fo_to_Fc_free          ? 
_refine.details                                  ? 
_refine.diff_density_max                         ? 
_refine.diff_density_max_esd                     ? 
_refine.diff_density_min                         ? 
_refine.diff_density_min_esd                     ? 
_refine.diff_density_rms                         ? 
_refine.diff_density_rms_esd                     ? 
_refine.entry_id                                 7F5D 
_refine.pdbx_refine_id                           'X-RAY DIFFRACTION' 
_refine.ls_abs_structure_details                 ? 
_refine.ls_abs_structure_Flack                   ? 
_refine.ls_abs_structure_Flack_esd               ? 
_refine.ls_abs_structure_Rogers                  ? 
_refine.ls_abs_structure_Rogers_esd              ? 
_refine.ls_d_res_high                            1.5715086186 
_refine.ls_d_res_low                             37.652041566 
_refine.ls_extinction_coef                       ? 
_refine.ls_extinction_coef_esd                   ? 
_refine.ls_extinction_expression                 ? 
_refine.ls_extinction_method                     ? 
_refine.ls_goodness_of_fit_all                   ? 
_refine.ls_goodness_of_fit_all_esd               ? 
_refine.ls_goodness_of_fit_obs                   ? 
_refine.ls_goodness_of_fit_obs_esd               ? 
_refine.ls_hydrogen_treatment                    ? 
_refine.ls_matrix_type                           ? 
_refine.ls_number_constraints                    ? 
_refine.ls_number_parameters                     ? 
_refine.ls_number_reflns_all                     ? 
_refine.ls_number_reflns_obs                     15992 
_refine.ls_number_reflns_R_free                  773 
_refine.ls_number_reflns_R_work                  15219 
_refine.ls_number_restraints                     ? 
_refine.ls_percent_reflns_obs                    99.5703878961 
_refine.ls_percent_reflns_R_free                 4.83366683342 
_refine.ls_R_factor_all                          ? 
_refine.ls_R_factor_obs                          0.19558491155 
_refine.ls_R_factor_R_free                       0.228233012046 
_refine.ls_R_factor_R_free_error                 ? 
_refine.ls_R_factor_R_free_error_details         ? 
_refine.ls_R_factor_R_work                       0.193844054067 
_refine.ls_R_Fsqd_factor_obs                     ? 
_refine.ls_R_I_factor_obs                        ? 
_refine.ls_redundancy_reflns_all                 ? 
_refine.ls_redundancy_reflns_obs                 ? 
_refine.ls_restrained_S_all                      ? 
_refine.ls_restrained_S_obs                      ? 
_refine.ls_shift_over_esd_max                    ? 
_refine.ls_shift_over_esd_mean                   ? 
_refine.ls_structure_factor_coef                 ? 
_refine.ls_weighting_details                     ? 
_refine.ls_weighting_scheme                      ? 
_refine.ls_wR_factor_all                         ? 
_refine.ls_wR_factor_obs                         ? 
_refine.ls_wR_factor_R_free                      ? 
_refine.ls_wR_factor_R_work                      ? 
_refine.occupancy_max                            ? 
_refine.occupancy_min                            ? 
_refine.solvent_model_details                    'FLAT BULK SOLVENT MODEL' 
_refine.solvent_model_param_bsol                 ? 
_refine.solvent_model_param_ksol                 ? 
_refine.pdbx_R_complete                          ? 
_refine.ls_R_factor_gt                           ? 
_refine.ls_goodness_of_fit_gt                    ? 
_refine.ls_goodness_of_fit_ref                   ? 
_refine.ls_shift_over_su_max                     ? 
_refine.ls_shift_over_su_max_lt                  ? 
_refine.ls_shift_over_su_mean                    ? 
_refine.ls_shift_over_su_mean_lt                 ? 
_refine.pdbx_ls_sigma_I                          ? 
_refine.pdbx_ls_sigma_F                          1.34349168277 
_refine.pdbx_ls_sigma_Fsqd                       ? 
_refine.pdbx_data_cutoff_high_absF               ? 
_refine.pdbx_data_cutoff_high_rms_absF           ? 
_refine.pdbx_data_cutoff_low_absF                ? 
_refine.pdbx_isotropic_thermal_model             ? 
_refine.pdbx_ls_cross_valid_method               'FREE R-VALUE' 
_refine.pdbx_method_to_determine_struct          'MOLECULAR REPLACEMENT' 
_refine.pdbx_starting_model                      3QZT 
_refine.pdbx_stereochemistry_target_values       'GeoStd + Monomer Library + CDL v1.2' 
_refine.pdbx_R_Free_selection_details            ? 
_refine.pdbx_stereochem_target_val_spec_case     ? 
_refine.pdbx_overall_ESU_R                       ? 
_refine.pdbx_overall_ESU_R_Free                  ? 
_refine.pdbx_solvent_vdw_probe_radii             1.11 
_refine.pdbx_solvent_ion_probe_radii             ? 
_refine.pdbx_solvent_shrinkage_radii             0.9 
_refine.pdbx_real_space_R                        ? 
_refine.pdbx_density_correlation                 ? 
_refine.pdbx_pd_number_of_powder_patterns        ? 
_refine.pdbx_pd_number_of_points                 ? 
_refine.pdbx_pd_meas_number_of_points            ? 
_refine.pdbx_pd_proc_ls_prof_R_factor            ? 
_refine.pdbx_pd_proc_ls_prof_wR_factor           ? 
_refine.pdbx_pd_Marquardt_correlation_coeff      ? 
_refine.pdbx_pd_Fsqrd_R_factor                   ? 
_refine.pdbx_pd_ls_matrix_band_width             ? 
_refine.pdbx_overall_phase_error                 22.315904326 
_refine.pdbx_overall_SU_R_free_Cruickshank_DPI   ? 
_refine.pdbx_overall_SU_R_free_Blow_DPI          ? 
_refine.pdbx_overall_SU_R_Blow_DPI               ? 
_refine.pdbx_TLS_residual_ADP_flag               ? 
_refine.pdbx_diffrn_id                           1 
_refine.overall_SU_B                             ? 
_refine.overall_SU_ML                            0.150629482127 
_refine.overall_SU_R_Cruickshank_DPI             ? 
_refine.overall_SU_R_free                        ? 
_refine.overall_FOM_free_R_set                   ? 
_refine.overall_FOM_work_R_set                   ? 
_refine.pdbx_average_fsc_overall                 ? 
_refine.pdbx_average_fsc_work                    ? 
_refine.pdbx_average_fsc_free                    ? 
# 
_refine_hist.pdbx_refine_id                   'X-RAY DIFFRACTION' 
_refine_hist.cycle_id                         LAST 
_refine_hist.details                          ? 
_refine_hist.d_res_high                       1.5715086186 
_refine_hist.d_res_low                        37.652041566 
_refine_hist.number_atoms_solvent             131 
_refine_hist.number_atoms_total               1056 
_refine_hist.number_reflns_all                ? 
_refine_hist.number_reflns_obs                ? 
_refine_hist.number_reflns_R_free             ? 
_refine_hist.number_reflns_R_work             ? 
_refine_hist.R_factor_all                     ? 
_refine_hist.R_factor_obs                     ? 
_refine_hist.R_factor_R_free                  ? 
_refine_hist.R_factor_R_work                  ? 
_refine_hist.pdbx_number_residues_total       ? 
_refine_hist.pdbx_B_iso_mean_ligand           ? 
_refine_hist.pdbx_B_iso_mean_solvent          ? 
_refine_hist.pdbx_number_atoms_protein        904 
_refine_hist.pdbx_number_atoms_nucleic_acid   0 
_refine_hist.pdbx_number_atoms_ligand         21 
_refine_hist.pdbx_number_atoms_lipid          ? 
_refine_hist.pdbx_number_atoms_carb           ? 
_refine_hist.pdbx_pseudo_atom_details         ? 
# 
loop_
_refine_ls_restr.pdbx_refine_id 
_refine_ls_restr.criterion 
_refine_ls_restr.dev_ideal 
_refine_ls_restr.dev_ideal_target 
_refine_ls_restr.number 
_refine_ls_restr.rejects 
_refine_ls_restr.type 
_refine_ls_restr.weight 
_refine_ls_restr.pdbx_restraint_function 
'X-RAY DIFFRACTION' ? 0.0059623999346  ? 994  ? f_bond_d           ? ? 
'X-RAY DIFFRACTION' ? 0.890203540301   ? 1357 ? f_angle_d          ? ? 
'X-RAY DIFFRACTION' ? 0.0456582561724  ? 138  ? f_chiral_restr     ? ? 
'X-RAY DIFFRACTION' ? 0.00547849714116 ? 174  ? f_plane_restr      ? ? 
'X-RAY DIFFRACTION' ? 17.797749763     ? 612  ? f_dihedral_angle_d ? ? 
# 
loop_
_refine_ls_shell.pdbx_refine_id 
_refine_ls_shell.d_res_high 
_refine_ls_shell.d_res_low 
_refine_ls_shell.number_reflns_all 
_refine_ls_shell.number_reflns_obs 
_refine_ls_shell.number_reflns_R_free 
_refine_ls_shell.number_reflns_R_work 
_refine_ls_shell.percent_reflns_obs 
_refine_ls_shell.percent_reflns_R_free 
_refine_ls_shell.R_factor_all 
_refine_ls_shell.R_factor_obs 
_refine_ls_shell.R_factor_R_free 
_refine_ls_shell.R_factor_R_free_error 
_refine_ls_shell.R_factor_R_work 
_refine_ls_shell.redundancy_reflns_all 
_refine_ls_shell.redundancy_reflns_obs 
_refine_ls_shell.wR_factor_all 
_refine_ls_shell.wR_factor_obs 
_refine_ls_shell.wR_factor_R_free 
_refine_ls_shell.wR_factor_R_work 
_refine_ls_shell.pdbx_R_complete 
_refine_ls_shell.pdbx_total_number_of_bins_used 
_refine_ls_shell.pdbx_phase_error 
_refine_ls_shell.pdbx_fsc_work 
_refine_ls_shell.pdbx_fsc_free 
'X-RAY DIFFRACTION' 1.60   1.67   . . 113 2491 98.0790960452 . . . 0.220162118155 . 0.179703113512 . . . . . . . . . . . 
'X-RAY DIFFRACTION' 1.67   1.7989 . . 134 2508 99.7734138973 . . . 0.223253460756 . 0.181493005363 . . . . . . . . . . . 
'X-RAY DIFFRACTION' 1.7989 1.9799 . . 117 2512 99.7722960152 . . . 0.209476620437 . 0.185277853971 . . . . . . . . . . . 
'X-RAY DIFFRACTION' 1.9799 2.2664 . . 136 2532 99.9625327838 . . . 0.218018047388 . 0.178777084941 . . . . . . . . . . . 
'X-RAY DIFFRACTION' 2.2664 2.8553 . . 126 2547 99.9252336449 . . . 0.233427701114 . 0.196008396778 . . . . . . . . . . . 
'X-RAY DIFFRACTION' 2.8553 3.5    . . 147 2629 99.9280057595 . . . 0.237184149778 . 0.206802853647 . . . . . . . . . . . 
# 
_struct.entry_id                     7F5D 
_struct.title                        'Crystal structure of BPTF-BRD with ligand DC-BPi-03 bound' 
_struct.pdbx_model_details           ? 
_struct.pdbx_formula_weight          ? 
_struct.pdbx_formula_weight_method   ? 
_struct.pdbx_model_type_details      ? 
_struct.pdbx_CASP_flag               N 
# 
_struct_keywords.entry_id        7F5D 
_struct_keywords.text            
'BPTF Bromodomain, Lysine acetylation, small-molecule inhibitor, BIOSYNTHETIC PROTEIN, ANTITUMOR PROTEIN' 
_struct_keywords.pdbx_keywords   'ANTITUMOR PROTEIN' 
# 
loop_
_struct_asym.id 
_struct_asym.pdbx_blank_PDB_chainid_flag 
_struct_asym.pdbx_modified 
_struct_asym.entity_id 
_struct_asym.details 
A N N 1 ? 
B N N 2 ? 
C N N 3 ? 
# 
loop_
_struct_conf.conf_type_id 
_struct_conf.id 
_struct_conf.pdbx_PDB_helix_id 
_struct_conf.beg_label_comp_id 
_struct_conf.beg_label_asym_id 
_struct_conf.beg_label_seq_id 
_struct_conf.pdbx_beg_PDB_ins_code 
_struct_conf.end_label_comp_id 
_struct_conf.end_label_asym_id 
_struct_conf.end_label_seq_id 
_struct_conf.pdbx_end_PDB_ins_code 
_struct_conf.beg_auth_comp_id 
_struct_conf.beg_auth_asym_id 
_struct_conf.beg_auth_seq_id 
_struct_conf.end_auth_comp_id 
_struct_conf.end_auth_asym_id 
_struct_conf.end_auth_seq_id 
_struct_conf.pdbx_PDB_helix_class 
_struct_conf.details 
_struct_conf.pdbx_PDB_helix_length 
HELX_P HELX_P1 AA1 THR A 11 ? HIS A 28  ? THR A 70  HIS A 87  1 ? 18 
HELX_P HELX_P2 AA2 ALA A 31 ? LEU A 35  ? ALA A 90  LEU A 94  5 ? 5  
HELX_P HELX_P3 AA3 ASP A 39 ? ALA A 43  ? ASP A 98  ALA A 102 5 ? 5  
HELX_P HELX_P4 AA4 ASP A 45 ? ILE A 50  ? ASP A 104 ILE A 109 1 ? 6  
HELX_P HELX_P5 AA5 ASP A 55 ? ARG A 65  ? ASP A 114 ARG A 124 1 ? 11 
HELX_P HELX_P6 AA6 LYS A 70 ? ASN A 89  ? LYS A 129 ASN A 148 1 ? 20 
HELX_P HELX_P7 AA7 SER A 93 ? LYS A 114 ? SER A 152 LYS A 173 1 ? 22 
# 
_struct_conf_type.id          HELX_P 
_struct_conf_type.criteria    ? 
_struct_conf_type.reference   ? 
# 
_atom_sites.entry_id                    7F5D 
_atom_sites.Cartn_transf_matrix[1][1]   ? 
_atom_sites.Cartn_transf_matrix[1][2]   ? 
_atom_sites.Cartn_transf_matrix[1][3]   ? 
_atom_sites.Cartn_transf_matrix[2][1]   ? 
_atom_sites.Cartn_transf_matrix[2][2]   ? 
_atom_sites.Cartn_transf_matrix[2][3]   ? 
_atom_sites.Cartn_transf_matrix[3][1]   ? 
_atom_sites.Cartn_transf_matrix[3][2]   ? 
_atom_sites.Cartn_transf_matrix[3][3]   ? 
_atom_sites.Cartn_transf_vector[1]      ? 
_atom_sites.Cartn_transf_vector[2]      ? 
_atom_sites.Cartn_transf_vector[3]      ? 
_atom_sites.fract_transf_matrix[1][1]   0.00270640 
_atom_sites.fract_transf_matrix[1][2]   0.00856240 
_atom_sites.fract_transf_matrix[1][3]   0.00081275 
_atom_sites.fract_transf_matrix[2][1]   0.03041682 
_atom_sites.fract_transf_matrix[2][2]   -0.01127304 
_atom_sites.fract_transf_matrix[2][3]   0.01747676 
_atom_sites.fract_transf_matrix[3][1]   0.01353254 
_atom_sites.fract_transf_matrix[3][2]   0.00112750 
_atom_sites.fract_transf_matrix[3][3]   -0.02282498 
_atom_sites.fract_transf_vector[1]      0.131790 
_atom_sites.fract_transf_vector[2]      -0.006068 
_atom_sites.fract_transf_vector[3]      0.493328 
_atom_sites.solution_primary            ? 
_atom_sites.solution_secondary          ? 
_atom_sites.solution_hydrogens          ? 
_atom_sites.special_details             ? 
# 
loop_
_atom_type.symbol 
_atom_type.scat_dispersion_real 
_atom_type.scat_dispersion_imag 
_atom_type.scat_Cromer_Mann_a1 
_atom_type.scat_Cromer_Mann_a2 
_atom_type.scat_Cromer_Mann_b1 
_atom_type.scat_Cromer_Mann_b2 
_atom_type.scat_Cromer_Mann_c 
_atom_type.scat_source 
_atom_type.scat_dispersion_source 
C   ? ? 3.54356 2.42580 25.62398 1.50364  0.0 
;2-Gaussian fit: Grosse-Kunstleve RW, Sauter NK, Adams PD: Newsletter of the IUCr Commission on Crystallographic Computing 2004, 3, 22-31.
;
? 
H   ? ? 0.51345 0.48472 24.73122 6.32584  0.0 
;2-Gaussian fit: Grosse-Kunstleve RW, Sauter NK, Adams PD: Newsletter of the IUCr Commission on Crystallographic Computing 2004, 3, 22-31.
;
? 
N   ? ? 4.01032 2.96436 19.97189 1.75589  0.0 
;2-Gaussian fit: Grosse-Kunstleve RW, Sauter NK, Adams PD: Newsletter of the IUCr Commission on Crystallographic Computing 2004, 3, 22-31.
;
? 
O   ? ? 4.49882 3.47563 15.80542 1.70748  0.0 
;2-Gaussian fit: Grosse-Kunstleve RW, Sauter NK, Adams PD: Newsletter of the IUCr Commission on Crystallographic Computing 2004, 3, 22-31.
;
? 
O1- ? ? 5.12366 3.84317 3.49406  27.47979 0.0 
;2-Gaussian fit: Grosse-Kunstleve RW, Sauter NK, Adams PD: Newsletter of the IUCr Commission on Crystallographic Computing 2004, 3, 22-31.
;
? 
S   ? ? 9.55732 6.39887 1.23737  29.19336 0.0 
;2-Gaussian fit: Grosse-Kunstleve RW, Sauter NK, Adams PD: Newsletter of the IUCr Commission on Crystallographic Computing 2004, 3, 22-31.
;
? 
# 
loop_
_atom_site.group_PDB 
_atom_site.id 
_atom_site.type_symbol 
_atom_site.label_atom_id 
_atom_site.label_alt_id 
_atom_site.label_comp_id 
_atom_site.label_asym_id 
_atom_site.label_entity_id 
_atom_site.label_seq_id 
_atom_site.pdbx_PDB_ins_code 
_atom_site.Cartn_x 
_atom_site.Cartn_y 
_atom_site.Cartn_z 
_atom_site.occupancy 
_atom_site.B_iso_or_equiv 
_atom_site.pdbx_formal_charge 
_atom_site.auth_seq_id 
_atom_site.auth_comp_id 
_atom_site.auth_asym_id 
_atom_site.auth_atom_id 
_atom_site.pdbx_PDB_model_num 
ATOM   1    N N   . LEU A 1 7   ? -10.05696 -0.13847  19.66989  1.000 49.27257 ?  66  LEU A N   1 
ATOM   2    C CA  . LEU A 1 7   ? -8.68659  0.24044   19.34863  1.000 35.52294 ?  66  LEU A CA  1 
ATOM   3    C C   . LEU A 1 7   ? -8.46087  1.74328   19.49682  1.000 25.10029 ?  66  LEU A C   1 
ATOM   4    O O   . LEU A 1 7   ? -9.39903  2.53538   19.62055  1.000 21.63993 ?  66  LEU A O   1 
ATOM   5    C CB  . LEU A 1 7   ? -8.30801  -0.22642  17.93496  1.000 33.12854 ?  66  LEU A CB  1 
ATOM   6    C CG  . LEU A 1 7   ? -7.55297  -1.55158  18.00100  1.000 43.44170 ?  66  LEU A CG  1 
ATOM   7    C CD1 . LEU A 1 7   ? -6.44828  -1.69735  16.96061  1.000 18.94759 ?  66  LEU A CD1 1 
ATOM   8    C CD2 . LEU A 1 7   ? -6.97862  -1.67920  19.39980  1.000 37.24670 ?  66  LEU A CD2 1 
ATOM   9    N N   . THR A 1 8   ? -7.21458  2.12559   19.47209  1.000 17.28177 ?  67  THR A N   1 
ATOM   10   C CA  . THR A 1 8   ? -6.89445  3.49320   19.84949  1.000 15.25404 ?  67  THR A CA  1 
ATOM   11   C C   . THR A 1 8   ? -7.01922  4.42102   18.64520  1.000 16.63087 ?  67  THR A C   1 
ATOM   12   O O   . THR A 1 8   ? -6.45222  4.13273   17.58231  1.000 18.84009 ?  67  THR A O   1 
ATOM   13   C CB  . THR A 1 8   ? -5.49354  3.56698   20.42700  1.000 21.27579 ?  67  THR A CB  1 
ATOM   14   O OG1 . THR A 1 8   ? -4.54370  3.18403   19.42458  1.000 32.74033 ?  67  THR A OG1 1 
ATOM   15   C CG2 . THR A 1 8   ? -5.37012  2.61307   21.60598  1.000 19.52333 ?  67  THR A CG2 1 
ATOM   16   N N   . PRO A 1 9   ? -7.73982  5.52997   18.76688  1.000 17.14956 ?  68  PRO A N   1 
ATOM   17   C CA  . PRO A 1 9   ? -7.85825  6.45016   17.63337  1.000 17.72523 ?  68  PRO A CA  1 
ATOM   18   C C   . PRO A 1 9   ? -6.49780  6.98800   17.22203  1.000 16.94156 ?  68  PRO A C   1 
ATOM   19   O O   . PRO A 1 9   ? -5.60881  7.20802   18.05122  1.000 18.67331 ?  68  PRO A O   1 
ATOM   20   C CB  . PRO A 1 9   ? -8.77017  7.56085   18.16843  1.000 20.60831 ?  68  PRO A CB  1 
ATOM   21   C CG  . PRO A 1 9   ? -9.52270  6.92085   19.29490  1.000 22.55747 ?  68  PRO A CG  1 
ATOM   22   C CD  . PRO A 1 9   ? -8.53910  5.97217   19.92314  1.000 22.24740 ?  68  PRO A CD  1 
ATOM   23   N N   . LEU A 1 10  ? -6.33598  7.18083   15.91858  1.000 12.46837 ?  69  LEU A N   1 
ATOM   24   C CA  . LEU A 1 10  ? -5.14564  7.82716   15.39971  1.000 16.72709 ?  69  LEU A CA  1 
ATOM   25   C C   . LEU A 1 10  ? -5.13661  9.29094   15.82083  1.000 16.36442 ?  69  LEU A C   1 
ATOM   26   O O   . LEU A 1 10  ? -6.07093  10.04673  15.52301  1.000 21.46126 ?  69  LEU A O   1 
ATOM   27   C CB  . LEU A 1 10  ? -5.09410  7.68843   13.88061  1.000 13.46769 ?  69  LEU A CB  1 
ATOM   28   C CG  . LEU A 1 10  ? -4.89342  6.25804   13.37070  1.000 15.53148 ?  69  LEU A CG  1 
ATOM   29   C CD1 . LEU A 1 10  ? -5.23945  6.15736   11.88615  1.000 13.19566 ?  69  LEU A CD1 1 
ATOM   30   C CD2 . LEU A 1 10  ? -3.46921  5.79517   13.60537  1.000 15.06000 ?  69  LEU A CD2 1 
ATOM   31   N N   . THR A 1 11  ? -4.08670  9.68054   16.52231  1.000 17.06332 ?  70  THR A N   1 
ATOM   32   C CA  . THR A 1 11  ? -3.87478  11.06125  16.92011  1.000 17.59744 ?  70  THR A CA  1 
ATOM   33   C C   . THR A 1 11  ? -3.20380  11.85186  15.80090  1.000 15.31823 ?  70  THR A C   1 
ATOM   34   O O   . THR A 1 11  ? -2.77553  11.30997  14.77998  1.000 16.43202 ?  70  THR A O   1 
ATOM   35   C CB  . THR A 1 11  ? -3.01847  11.12104  18.18141  1.000 18.54249 ?  70  THR A CB  1 
ATOM   36   O OG1 . THR A 1 11  ? -1.70330  10.63545  17.89146  1.000 17.00447 ?  70  THR A OG1 1 
ATOM   37   C CG2 . THR A 1 11  ? -3.61208  10.25821  19.28339  1.000 22.15991 ?  70  THR A CG2 1 
ATOM   38   N N   . GLU A 1 12  ? -3.09374  13.16303  16.00299  1.000 17.87943 ?  71  GLU A N   1 
ATOM   39   C CA  . GLU A 1 12  ? -2.33650  13.95882  15.04484  1.000 19.29543 ?  71  GLU A CA  1 
ATOM   40   C C   . GLU A 1 12  ? -0.89094  13.47895  14.96628  1.000 18.48362 ?  71  GLU A C   1 
ATOM   41   O O   . GLU A 1 12  ? -0.30244  13.42052  13.87829  1.000 16.57304 ?  71  GLU A O   1 
ATOM   42   C CB  . GLU A 1 12  ? -2.40526  15.43919  15.42420  1.000 21.79091 ?  71  GLU A CB  1 
ATOM   43   C CG  . GLU A 1 12  ? -2.02491  16.36629  14.28791  1.000 38.96269 ?  71  GLU A CG  1 
ATOM   44   C CD  . GLU A 1 12  ? -2.82621  16.10634  13.01547  1.000 50.63532 ?  71  GLU A CD  1 
ATOM   45   O OE1 . GLU A 1 12  ? -3.85973  15.40323  13.07200  1.000 46.59901 ?  71  GLU A OE1 1 
ATOM   46   O OE2 . GLU A 1 12  ? -2.40635  16.60028  11.94633  1.000 53.97778 -1 71  GLU A OE2 1 
ATOM   47   N N   . LYS A 1 13  ? -0.30654  13.12032  16.11289  1.000 16.01361 ?  72  LYS A N   1 
ATOM   48   C CA  . LYS A 1 13  ? 1.05125   12.58500  16.13404  1.000 16.52039 ?  72  LYS A CA  1 
ATOM   49   C C   . LYS A 1 13  ? 1.12947   11.25887  15.38732  1.000 17.09278 ?  72  LYS A C   1 
ATOM   50   O O   . LYS A 1 13  ? 2.07311   11.01885  14.62310  1.000 16.14740 ?  72  LYS A O   1 
ATOM   51   C CB  . LYS A 1 13  ? 1.49941   12.43000  17.58889  1.000 23.39914 ?  72  LYS A CB  1 
ATOM   52   C CG  . LYS A 1 13  ? 2.89283   11.89911  17.81534  1.000 30.94850 ?  72  LYS A CG  1 
ATOM   53   C CD  . LYS A 1 13  ? 3.19485   11.91357  19.31235  1.000 44.78634 ?  72  LYS A CD  1 
ATOM   54   C CE  . LYS A 1 13  ? 3.94811   10.67060  19.75943  1.000 50.66913 ?  72  LYS A CE  1 
ATOM   55   N NZ  . LYS A 1 13  ? 4.03681   10.59651  21.24984  1.000 57.68940 1  72  LYS A NZ  1 
ATOM   56   N N   . ASP A 1 14  ? 0.14745   10.38052  15.59844  1.000 14.34902 ?  73  ASP A N   1 
ATOM   57   C CA  . ASP A 1 14  ? 0.09194   9.14286   14.82397  1.000 12.80406 ?  73  ASP A CA  1 
ATOM   58   C C   . ASP A 1 14  ? 0.08718   9.43532   13.32956  1.000 11.86755 ?  73  ASP A C   1 
ATOM   59   O O   . ASP A 1 14  ? 0.71777   8.71670   12.54524  1.000 13.85113 ?  73  ASP A O   1 
ATOM   60   C CB  . ASP A 1 14  ? -1.15673  8.33136   15.18714  1.000 13.11944 ?  73  ASP A CB  1 
ATOM   61   C CG  . ASP A 1 14  ? -1.09401  7.71939   16.56465  1.000 20.34200 ?  73  ASP A CG  1 
ATOM   62   O OD1 . ASP A 1 14  ? 0.00741   7.36523   17.02827  1.000 17.38233 ?  73  ASP A OD1 1 
ATOM   63   O OD2 . ASP A 1 14  ? -2.17786  7.57520   17.17052  1.000 18.93048 -1 73  ASP A OD2 1 
ATOM   64   N N   . TYR A 1 15  ? -0.66924  10.45579  12.91064  1.000 13.44396 ?  74  TYR A N   1 
ATOM   65   C CA  . TYR A 1 15  ? -0.78107  10.74209  11.48435  1.000 11.77073 ?  74  TYR A CA  1 
ATOM   66   C C   . TYR A 1 15  ? 0.55804   11.15712  10.89066  1.000 11.38457 ?  74  TYR A C   1 
ATOM   67   O O   . TYR A 1 15  ? 0.84277   10.82516  9.73880   1.000 12.76025 ?  74  TYR A O   1 
ATOM   68   C CB  . TYR A 1 15  ? -1.85607  11.80793  11.23632  1.000 14.23957 ?  74  TYR A CB  1 
ATOM   69   C CG  . TYR A 1 15  ? -3.11241  11.18599  10.67619  1.000 15.34372 ?  74  TYR A CG  1 
ATOM   70   C CD1 . TYR A 1 15  ? -3.26923  11.02705  9.31008   1.000 13.51819 ?  74  TYR A CD1 1 
ATOM   71   C CD2 . TYR A 1 15  ? -4.10386  10.69234  11.51404  1.000 11.86950 ?  74  TYR A CD2 1 
ATOM   72   C CE1 . TYR A 1 15  ? -4.39181  10.42585  8.78963   1.000 15.01604 ?  74  TYR A CE1 1 
ATOM   73   C CE2 . TYR A 1 15  ? -5.24212  10.09150  11.00554  1.000 9.85401  ?  74  TYR A CE2 1 
ATOM   74   C CZ  . TYR A 1 15  ? -5.37594  9.96073   9.63307   1.000 12.89608 ?  74  TYR A CZ  1 
ATOM   75   O OH  . TYR A 1 15  ? -6.49618  9.36725   9.09131   1.000 13.71037 ?  74  TYR A OH  1 
ATOM   76   N N   . GLU A 1 16  ? 1.39850   11.86715  11.65168  1.000 12.54126 ?  75  GLU A N   1 
ATOM   77   C CA  . GLU A 1 16  ? 2.72431   12.18588  11.13336  1.000 16.23920 ?  75  GLU A CA  1 
ATOM   78   C C   . GLU A 1 16  ? 3.53943   10.92327  10.91780  1.000 17.38547 ?  75  GLU A C   1 
ATOM   79   O O   . GLU A 1 16  ? 4.29540   10.83411  9.94185   1.000 13.71664 ?  75  GLU A O   1 
ATOM   80   C CB  . GLU A 1 16  ? 3.43210   13.16484  12.06908  1.000 16.86915 ?  75  GLU A CB  1 
ATOM   81   C CG  . GLU A 1 16  ? 2.76887   14.53186  12.07806  1.000 18.62677 ?  75  GLU A CG  1 
ATOM   82   C CD  . GLU A 1 16  ? 2.64449   15.10771  10.67582  1.000 28.07737 ?  75  GLU A CD  1 
ATOM   83   O OE1 . GLU A 1 16  ? 3.66514   15.13390  9.95500   1.000 28.70689 ?  75  GLU A OE1 1 
ATOM   84   O OE2 . GLU A 1 16  ? 1.52428   15.51348  10.28644  1.000 28.05628 -1 75  GLU A OE2 1 
ATOM   85   N N   . GLY A 1 17  ? 3.36204   9.92200   11.78599  1.000 16.21151 ?  76  GLY A N   1 
ATOM   86   C CA  . GLY A 1 17  ? 4.02271   8.64299   11.58656  1.000 15.74812 ?  76  GLY A CA  1 
ATOM   87   C C   . GLY A 1 17  ? 3.51396   7.90233   10.36448  1.000 15.35943 ?  76  GLY A C   1 
ATOM   88   O O   . GLY A 1 17  ? 4.29499   7.29242   9.63245   1.000 14.93225 ?  76  GLY A O   1 
ATOM   89   N N   . LEU A 1 18  ? 2.19908   7.91922   10.13993  1.000 14.68809 ?  77  LEU A N   1 
ATOM   90   C CA  . LEU A 1 18  ? 1.65275   7.28540   8.94428   1.000 10.62755 ?  77  LEU A CA  1 
ATOM   91   C C   . LEU A 1 18  ? 2.19301   7.94442   7.68871   1.000 13.78905 ?  77  LEU A C   1 
ATOM   92   O O   . LEU A 1 18  ? 2.48527   7.26780   6.69571   1.000 13.16730 ?  77  LEU A O   1 
ATOM   93   C CB  . LEU A 1 18  ? 0.12588   7.35950   8.94107   1.000 13.76116 ?  77  LEU A CB  1 
ATOM   94   C CG  . LEU A 1 18  ? -0.60444  6.56328   10.00991  1.000 15.91675 ?  77  LEU A CG  1 
ATOM   95   C CD1 . LEU A 1 18  ? -2.10271  6.69743   9.79486   1.000 16.85442 ?  77  LEU A CD1 1 
ATOM   96   C CD2 . LEU A 1 18  ? -0.17135  5.10721   9.97560   1.000 18.06858 ?  77  LEU A CD2 1 
ATOM   97   N N   . LYS A 1 19  ? 2.32131   9.27106   7.70730   1.000 13.35485 ?  78  LYS A N   1 
ATOM   98   C CA  . LYS A 1 19  ? 2.87646   9.95003   6.54504   1.000 14.02270 ?  78  LYS A CA  1 
ATOM   99   C C   . LYS A 1 19  ? 4.29018   9.48067   6.27738   1.000 11.39224 ?  78  LYS A C   1 
ATOM   100  O O   . LYS A 1 19  ? 4.66320   9.24577   5.12355   1.000 11.54220 ?  78  LYS A O   1 
ATOM   101  C CB  . LYS A 1 19  ? 2.84878   11.46531  6.74165   1.000 12.81335 ?  78  LYS A CB  1 
ATOM   102  C CG  . LYS A 1 19  ? 1.45594   12.04863  6.71142   1.000 11.69656 ?  78  LYS A CG  1 
ATOM   103  C CD  . LYS A 1 19  ? 1.51245   13.52807  7.05568   1.000 13.45747 ?  78  LYS A CD  1 
ATOM   104  C CE  . LYS A 1 19  ? 0.12047   14.07716  7.28944   1.000 17.84079 ?  78  LYS A CE  1 
ATOM   105  N NZ  . LYS A 1 19  ? 0.23817   15.50442  7.71758   1.000 27.81484 1  78  LYS A NZ  1 
ATOM   106  N N   . ARG A 1 20  ? 5.09227   9.33662   7.33405   1.000 11.17581 ?  79  ARG A N   1 
ATOM   107  C CA  A ARG A 1 20  ? 6.46851   8.86562   7.19222   0.595 11.94897 ?  79  ARG A CA  1 
ATOM   108  C CA  B ARG A 1 20  ? 6.46345   8.89550   7.12984   0.405 11.98685 ?  79  ARG A CA  1 
ATOM   109  C C   . ARG A 1 20  ? 6.50876   7.45569   6.62339   1.000 12.25552 ?  79  ARG A C   1 
ATOM   110  O O   . ARG A 1 20  ? 7.30816   7.14884   5.72884   1.000 10.61191 ?  79  ARG A O   1 
ATOM   111  C CB  A ARG A 1 20  ? 7.17358   8.90613   8.55087   0.595 13.67570 ?  79  ARG A CB  1 
ATOM   112  C CB  B ARG A 1 20  ? 7.27500   9.08747   8.41375   0.405 14.66499 ?  79  ARG A CB  1 
ATOM   113  C CG  A ARG A 1 20  ? 8.59522   8.39255   8.50238   0.595 13.97878 ?  79  ARG A CG  1 
ATOM   114  C CG  B ARG A 1 20  ? 7.47910   7.86115   9.24753   0.405 18.23972 ?  79  ARG A CG  1 
ATOM   115  C CD  A ARG A 1 20  ? 9.11065   7.99636   9.87792   0.595 22.57945 ?  79  ARG A CD  1 
ATOM   116  C CD  B ARG A 1 20  ? 8.30308   8.18608   10.48595  0.405 21.57781 ?  79  ARG A CD  1 
ATOM   117  N NE  A ARG A 1 20  ? 9.65059   9.13129   10.61777  0.595 25.03849 ?  79  ARG A NE  1 
ATOM   118  N NE  B ARG A 1 20  ? 8.61579   6.98383   11.24381  0.405 26.08523 ?  79  ARG A NE  1 
ATOM   119  C CZ  A ARG A 1 20  ? 9.01850   9.75539   11.60526  0.595 25.64530 ?  79  ARG A CZ  1 
ATOM   120  C CZ  B ARG A 1 20  ? 7.69950   6.11140   11.64528  0.405 16.84389 ?  79  ARG A CZ  1 
ATOM   121  N NH1 A ARG A 1 20  ? 9.60312   10.77446  12.22072  0.595 33.50323 1  79  ARG A NH1 1 
ATOM   122  N NH1 B ARG A 1 20  ? 6.42704   6.31486   11.34214  0.405 19.84372 1  79  ARG A NH1 1 
ATOM   123  N NH2 A ARG A 1 20  ? 7.80703   9.36352   11.98141  0.595 27.04592 ?  79  ARG A NH2 1 
ATOM   124  N NH2 B ARG A 1 20  ? 8.05179   5.03952   12.34055  0.405 21.33832 ?  79  ARG A NH2 1 
ATOM   125  N N   . VAL A 1 21  ? 5.64082   6.57561   7.13507   1.000 10.73318 ?  80  VAL A N   1 
ATOM   126  C CA  . VAL A 1 21  ? 5.58253   5.20019   6.63271   1.000 10.16051 ?  80  VAL A CA  1 
ATOM   127  C C   . VAL A 1 21  ? 5.20741   5.18511   5.15500   1.000 8.10246  ?  80  VAL A C   1 
ATOM   128  O O   . VAL A 1 21  ? 5.82987   4.48946   4.33470   1.000 11.31884 ?  80  VAL A O   1 
ATOM   129  C CB  . VAL A 1 21  ? 4.59370   4.37116   7.47592   1.000 12.38626 ?  80  VAL A CB  1 
ATOM   130  C CG1 . VAL A 1 21  ? 4.25625   3.04069   6.77514   1.000 14.71134 ?  80  VAL A CG1 1 
ATOM   131  C CG2 . VAL A 1 21  ? 5.15290   4.14224   8.85709   1.000 15.37337 ?  80  VAL A CG2 1 
ATOM   132  N N   . LEU A 1 22  ? 4.16548   5.93518   4.79237   1.000 9.90959  ?  81  LEU A N   1 
ATOM   133  C CA  A LEU A 1 22  ? 3.73861   5.96945   3.40261   0.609 10.03873 ?  81  LEU A CA  1 
ATOM   134  C CA  B LEU A 1 22  ? 3.73663   5.98024   3.40076   0.391 10.06396 ?  81  LEU A CA  1 
ATOM   135  C C   . LEU A 1 22  ? 4.84931   6.48895   2.50057   1.000 9.93909  ?  81  LEU A C   1 
ATOM   136  O O   . LEU A 1 22  ? 5.08773   5.93794   1.42220   1.000 10.84770 ?  81  LEU A O   1 
ATOM   137  C CB  A LEU A 1 22  ? 2.48054   6.82386   3.27926   0.609 12.12804 ?  81  LEU A CB  1 
ATOM   138  C CB  B LEU A 1 22  ? 2.49856   6.86219   3.26024   0.391 12.13247 ?  81  LEU A CB  1 
ATOM   139  C CG  A LEU A 1 22  ? 1.81903   6.98108   1.91855   0.609 9.45849  ?  81  LEU A CG  1 
ATOM   140  C CG  B LEU A 1 22  ? 1.17503   6.14902   3.00781   0.391 14.40915 ?  81  LEU A CG  1 
ATOM   141  C CD1 A LEU A 1 22  ? 1.44894   5.63923   1.33523   0.609 11.85146 ?  81  LEU A CD1 1 
ATOM   142  C CD1 B LEU A 1 22  ? 0.06741   7.17010   2.83133   0.391 9.77028  ?  81  LEU A CD1 1 
ATOM   143  C CD2 A LEU A 1 22  ? 0.58629   7.85556   2.08874   0.609 12.53881 ?  81  LEU A CD2 1 
ATOM   144  C CD2 B LEU A 1 22  ? 1.28267   5.25256   1.77821   0.391 12.39815 ?  81  LEU A CD2 1 
ATOM   145  N N   . ARG A 1 23  ? 5.54258   7.55013   2.92210   1.000 9.60080  ?  82  ARG A N   1 
ATOM   146  C CA  A ARG A 1 23  ? 6.62535   8.08256   2.09978   0.546 9.02865  ?  82  ARG A CA  1 
ATOM   147  C CA  B ARG A 1 23  ? 6.61726   8.07901   2.09149   0.454 9.05215  ?  82  ARG A CA  1 
ATOM   148  C C   . ARG A 1 23  ? 7.75208   7.07240   1.94656   1.000 9.69193  ?  82  ARG A C   1 
ATOM   149  O O   . ARG A 1 23  ? 8.37788   6.98575   0.88638   1.000 10.76953 ?  82  ARG A O   1 
ATOM   150  C CB  A ARG A 1 23  ? 7.16303   9.38638   2.69487   0.546 9.86352  ?  82  ARG A CB  1 
ATOM   151  C CB  B ARG A 1 23  ? 7.11957   9.40430   2.66752   0.454 9.92126  ?  82  ARG A CB  1 
ATOM   152  C CG  A ARG A 1 23  ? 6.24646   10.59007  2.49109   0.546 11.63216 ?  82  ARG A CG  1 
ATOM   153  C CG  B ARG A 1 23  ? 6.04870   10.49894  2.63658   0.454 11.55310 ?  82  ARG A CG  1 
ATOM   154  C CD  A ARG A 1 23  ? 6.97662   11.89683  2.82412   0.546 12.78198 ?  82  ARG A CD  1 
ATOM   155  C CD  B ARG A 1 23  ? 6.56167   11.82880  3.18198   0.454 14.39029 ?  82  ARG A CD  1 
ATOM   156  N NE  A ARG A 1 23  ? 7.61225   11.85964  4.14097   0.546 13.26403 ?  82  ARG A NE  1 
ATOM   157  N NE  B ARG A 1 23  ? 5.53042   12.86424  3.14868   0.454 17.07002 ?  82  ARG A NE  1 
ATOM   158  C CZ  A ARG A 1 23  ? 7.12670   12.44385  5.23231   0.546 15.53428 ?  82  ARG A CZ  1 
ATOM   159  C CZ  B ARG A 1 23  ? 5.14674   13.57883  4.20245   0.454 13.38592 ?  82  ARG A CZ  1 
ATOM   160  N NH1 A ARG A 1 23  ? 5.98965   13.12517  5.17847   0.546 17.29696 1  82  ARG A NH1 1 
ATOM   161  N NH1 B ARG A 1 23  ? 5.71628   13.38673  5.38265   0.454 17.47362 1  82  ARG A NH1 1 
ATOM   162  N NH2 A ARG A 1 23  ? 7.78520   12.34813  6.38049   0.546 14.76617 ?  82  ARG A NH2 1 
ATOM   163  N NH2 B ARG A 1 23  ? 4.20129   14.49957  4.06566   0.454 16.82436 ?  82  ARG A NH2 1 
ATOM   164  N N   . SER A 1 24  ? 8.03369   6.30298   3.00088   1.000 8.93362  ?  83  SER A N   1 
ATOM   165  C CA  A SER A 1 24  ? 9.05640   5.26679   2.89302   0.230 9.36116  ?  83  SER A CA  1 
ATOM   166  C CA  B SER A 1 24  ? 9.05031   5.25910   2.89941   0.770 9.30033  ?  83  SER A CA  1 
ATOM   167  C C   . SER A 1 24  ? 8.67067   4.22811   1.85122   1.000 8.87344  ?  83  SER A C   1 
ATOM   168  O O   . SER A 1 24  ? 9.50779   3.80508   1.04286   1.000 10.00318 ?  83  SER A O   1 
ATOM   169  C CB  A SER A 1 24  ? 9.28866   4.60231   4.25108   0.230 9.86430  ?  83  SER A CB  1 
ATOM   170  C CB  B SER A 1 24  ? 9.24873   4.58815   4.26094   0.770 9.76841  ?  83  SER A CB  1 
ATOM   171  O OG  A SER A 1 24  ? 8.27001   3.66612   4.54222   0.230 13.29692 ?  83  SER A OG  1 
ATOM   172  O OG  B SER A 1 24  ? 10.05169  5.40000   5.09918   0.770 12.44371 ?  83  SER A OG  1 
ATOM   173  N N   . LEU A 1 25  ? 7.39918   3.81922   1.83330   1.000 10.29923 ?  84  LEU A N   1 
ATOM   174  C CA  A LEU A 1 25  ? 6.94037   2.86931   0.82666   0.335 9.13888  ?  84  LEU A CA  1 
ATOM   175  C CA  B LEU A 1 25  ? 6.97153   2.85920   0.82688   0.665 9.06418  ?  84  LEU A CA  1 
ATOM   176  C C   . LEU A 1 25  ? 7.03899   3.46490   -0.56923  1.000 10.27507 ?  84  LEU A C   1 
ATOM   177  O O   . LEU A 1 25  ? 7.49222   2.80067   -1.51187  1.000 10.47213 ?  84  LEU A O   1 
ATOM   178  C CB  A LEU A 1 25  ? 5.49881   2.45342   1.11720   0.335 10.83382 ?  84  LEU A CB  1 
ATOM   179  C CB  B LEU A 1 25  ? 5.56437   2.35501   1.14516   0.665 10.87579 ?  84  LEU A CB  1 
ATOM   180  C CG  A LEU A 1 25  ? 5.21533   1.53469   2.30464   0.335 13.03480 ?  84  LEU A CG  1 
ATOM   181  C CG  B LEU A 1 25  ? 5.50823   1.03784   1.93272   0.665 13.09793 ?  84  LEU A CG  1 
ATOM   182  C CD1 A LEU A 1 25  ? 4.37418   0.35641   1.83172   0.335 17.90550 ?  84  LEU A CD1 1 
ATOM   183  C CD1 B LEU A 1 25  ? 6.08624   1.19519   3.32673   0.665 16.94209 ?  84  LEU A CD1 1 
ATOM   184  C CD2 A LEU A 1 25  ? 6.49399   1.05392   2.95981   0.335 15.40746 ?  84  LEU A CD2 1 
ATOM   185  C CD2 B LEU A 1 25  ? 4.06778   0.55121   1.99939   0.665 19.45927 ?  84  LEU A CD2 1 
ATOM   186  N N   . GLN A 1 26  ? 6.61317   4.72653   -0.71946  1.000 8.82796  ?  85  GLN A N   1 
ATOM   187  C CA  . GLN A 1 26  ? 6.61179   5.36339   -2.03350  1.000 8.37511  ?  85  GLN A CA  1 
ATOM   188  C C   . GLN A 1 26  ? 8.02138   5.53339   -2.58060  1.000 11.87750 ?  85  GLN A C   1 
ATOM   189  O O   . GLN A 1 26  ? 8.20241   5.59973   -3.80311  1.000 10.94372 ?  85  GLN A O   1 
ATOM   190  C CB  . GLN A 1 26  ? 5.91305   6.71927   -1.95875  1.000 8.52544  ?  85  GLN A CB  1 
ATOM   191  C CG  . GLN A 1 26  ? 4.40999   6.61166   -1.74765  1.000 8.98868  ?  85  GLN A CG  1 
ATOM   192  C CD  . GLN A 1 26  ? 3.79139   7.94192   -1.39718  1.000 11.87730 ?  85  GLN A CD  1 
ATOM   193  O OE1 . GLN A 1 26  ? 4.33597   8.69478   -0.59394  1.000 12.74461 ?  85  GLN A OE1 1 
ATOM   194  N NE2 . GLN A 1 26  ? 2.64124   8.24817   -2.00754  1.000 12.91603 ?  85  GLN A NE2 1 
ATOM   195  N N   . ALA A 1 27  ? 9.02087   5.61259   -1.70586  1.000 9.67610  ?  86  ALA A N   1 
ATOM   196  C CA  . ALA A 1 27  ? 10.40034  5.78580   -2.13864  1.000 12.39772 ?  86  ALA A CA  1 
ATOM   197  C C   . ALA A 1 27  ? 11.11303  4.47445   -2.41894  1.000 12.29864 ?  86  ALA A C   1 
ATOM   198  O O   . ALA A 1 27  ? 12.24150  4.48996   -2.93247  1.000 14.20759 ?  86  ALA A O   1 
ATOM   199  C CB  . ALA A 1 27  ? 11.19310  6.55582   -1.07914  1.000 14.74899 ?  86  ALA A CB  1 
ATOM   200  N N   . HIS A 1 28  ? 10.50398  3.35144   -2.07300  1.000 10.35495 ?  87  HIS A N   1 
ATOM   201  C CA  . HIS A 1 28  ? 11.15493  2.05829   -2.24621  1.000 10.55266 ?  87  HIS A CA  1 
ATOM   202  C C   . HIS A 1 28  ? 11.29278  1.71891   -3.72679  1.000 9.27517  ?  87  HIS A C   1 
ATOM   203  O O   . HIS A 1 28  ? 10.38224  1.96084   -4.51953  1.000 13.08956 ?  87  HIS A O   1 
ATOM   204  C CB  . HIS A 1 28  ? 10.33409  0.98790   -1.54073  1.000 10.93351 ?  87  HIS A CB  1 
ATOM   205  C CG  . HIS A 1 28  ? 11.05576  -0.30622  -1.33897  1.000 9.67947  ?  87  HIS A CG  1 
ATOM   206  N ND1 . HIS A 1 28  ? 11.30868  -1.19320  -2.36396  1.000 13.17977 ?  87  HIS A ND1 1 
ATOM   207  C CD2 . HIS A 1 28  ? 11.56043  -0.87321  -0.21883  1.000 13.11386 ?  87  HIS A CD2 1 
ATOM   208  C CE1 . HIS A 1 28  ? 11.95429  -2.24143  -1.88483  1.000 14.20006 ?  87  HIS A CE1 1 
ATOM   209  N NE2 . HIS A 1 28  ? 12.11289  -2.07500  -0.58469  1.000 13.33333 ?  87  HIS A NE2 1 
ATOM   210  N N   . LYS A 1 29  ? 12.42335  1.12381   -4.10492  1.000 13.31521 ?  88  LYS A N   1 
ATOM   211  C CA  . LYS A 1 29  ? 12.63648  0.90358   -5.53203  1.000 16.91179 ?  88  LYS A CA  1 
ATOM   212  C C   . LYS A 1 29  ? 11.70827  -0.15707  -6.11250  1.000 15.33347 ?  88  LYS A C   1 
ATOM   213  O O   . LYS A 1 29  ? 11.56901  -0.22896  -7.33813  1.000 19.98100 ?  88  LYS A O   1 
ATOM   214  C CB  . LYS A 1 29  ? 14.09439  0.54000   -5.81267  1.000 19.10583 ?  88  LYS A CB  1 
ATOM   215  C CG  . LYS A 1 29  ? 14.49519  -0.87258  -5.44543  1.000 29.02336 ?  88  LYS A CG  1 
ATOM   216  C CD  . LYS A 1 29  ? 15.94038  -1.13053  -5.88609  1.000 28.85542 ?  88  LYS A CD  1 
ATOM   217  C CE  . LYS A 1 29  ? 16.30051  -2.61001  -5.82504  1.000 35.45791 ?  88  LYS A CE  1 
ATOM   218  N NZ  . LYS A 1 29  ? 17.67361  -2.86288  -6.35499  1.000 35.46717 1  88  LYS A NZ  1 
ATOM   219  N N   . MET A 1 30  ? 11.06659  -0.97391  -5.28072  1.000 10.81395 ?  89  MET A N   1 
ATOM   220  C CA  . MET A 1 30  ? 10.11756  -1.97302  -5.75921  1.000 13.33903 ?  89  MET A CA  1 
ATOM   221  C C   . MET A 1 30  ? 8.67838   -1.48396  -5.70629  1.000 12.77330 ?  89  MET A C   1 
ATOM   222  O O   . MET A 1 30  ? 7.75322   -2.26535  -5.95713  1.000 15.56808 ?  89  MET A O   1 
ATOM   223  C CB  . MET A 1 30  ? 10.24466  -3.27024  -4.95109  1.000 14.60615 ?  89  MET A CB  1 
ATOM   224  C CG  . MET A 1 30  ? 11.62208  -3.92704  -5.06285  1.000 23.02450 ?  89  MET A CG  1 
ATOM   225  S SD  . MET A 1 30  ? 12.01928  -4.55040  -6.72213  1.000 25.60495 ?  89  MET A SD  1 
ATOM   226  C CE  . MET A 1 30  ? 11.22731  -6.15683  -6.71318  1.000 25.53637 ?  89  MET A CE  1 
ATOM   227  N N   . ALA A 1 31  ? 8.46196   -0.22103  -5.37677  1.000 13.14286 ?  90  ALA A N   1 
ATOM   228  C CA  . ALA A 1 31  ? 7.10604   0.26553   -5.18634  1.000 13.46888 ?  90  ALA A CA  1 
ATOM   229  C C   . ALA A 1 31  ? 6.42326   0.68776   -6.47537  1.000 13.00645 ?  90  ALA A C   1 
ATOM   230  O O   . ALA A 1 31  ? 5.21337   0.92113   -6.45959  1.000 11.55483 ?  90  ALA A O   1 
ATOM   231  C CB  . ALA A 1 31  ? 7.09924   1.44631   -4.21099  1.000 16.70588 ?  90  ALA A CB  1 
ATOM   232  N N   . TRP A 1 32  ? 7.14702   0.77820   -7.58560  1.000 13.19210 ?  91  TRP A N   1 
ATOM   233  C CA  . TRP A 1 32  ? 6.58732   1.39192   -8.78984  1.000 12.91061 ?  91  TRP A CA  1 
ATOM   234  C C   . TRP A 1 32  ? 5.19895   0.88618   -9.17027  1.000 12.23320 ?  91  TRP A C   1 
ATOM   235  O O   . TRP A 1 32  ? 4.33845   1.71559   -9.49227  1.000 13.13464 ?  91  TRP A O   1 
ATOM   236  C CB  . TRP A 1 32  ? 7.57154   1.20202   -9.95427  1.000 13.23908 ?  91  TRP A CB  1 
ATOM   237  C CG  . TRP A 1 32  ? 8.87647   1.90078   -9.72407  1.000 24.08352 ?  91  TRP A CG  1 
ATOM   238  C CD1 . TRP A 1 32  ? 10.05232  1.34060   -9.31054  1.000 28.97166 ?  91  TRP A CD1 1 
ATOM   239  C CD2 . TRP A 1 32  ? 9.13094   3.30176   -9.88086  1.000 33.14765 ?  91  TRP A CD2 1 
ATOM   240  N NE1 . TRP A 1 32  ? 11.02655  2.30765   -9.21047  1.000 28.64792 ?  91  TRP A NE1 1 
ATOM   241  C CE2 . TRP A 1 32  ? 10.48487  3.52000   -9.55580  1.000 34.88824 ?  91  TRP A CE2 1 
ATOM   242  C CE3 . TRP A 1 32  ? 8.34593   4.39176   -10.27423 1.000 27.50658 ?  91  TRP A CE3 1 
ATOM   243  C CZ2 . TRP A 1 32  ? 11.06890  4.78641   -9.60860  1.000 41.51788 ?  91  TRP A CZ2 1 
ATOM   244  C CZ3 . TRP A 1 32  ? 8.92604   5.64489   -10.32599 1.000 27.70506 ?  91  TRP A CZ3 1 
ATOM   245  C CH2 . TRP A 1 32  ? 10.27455  5.83211   -9.99771  1.000 32.49175 ?  91  TRP A CH2 1 
ATOM   246  N N   . PRO A 1 33  ? 4.90790   -0.41878  -9.17116  1.000 10.70694 ?  92  PRO A N   1 
ATOM   247  C CA  . PRO A 1 33  ? 3.59178   -0.86648  -9.65485  1.000 13.09946 ?  92  PRO A CA  1 
ATOM   248  C C   . PRO A 1 33  ? 2.45394   -0.43361  -8.76901  1.000 10.98897 ?  92  PRO A C   1 
ATOM   249  O O   . PRO A 1 33  ? 1.29937   -0.50944  -9.19950  1.000 12.52543 ?  92  PRO A O   1 
ATOM   250  C CB  . PRO A 1 33  ? 3.71642   -2.40030  -9.68068  1.000 17.04485 ?  92  PRO A CB  1 
ATOM   251  C CG  . PRO A 1 33  ? 5.16100   -2.69325  -9.55006  1.000 21.42571 ?  92  PRO A CG  1 
ATOM   252  C CD  . PRO A 1 33  ? 5.80724   -1.53786  -8.85191  1.000 12.14784 ?  92  PRO A CD  1 
ATOM   253  N N   . PHE A 1 34  ? 2.75017   0.01194   -7.54807  1.000 10.03089 ?  93  PHE A N   1 
ATOM   254  C CA  . PHE A 1 34  ? 1.74484   0.35111   -6.54943  1.000 7.13138  ?  93  PHE A CA  1 
ATOM   255  C C   . PHE A 1 34  ? 1.57277   1.84147   -6.34161  1.000 8.80219  ?  93  PHE A C   1 
ATOM   256  O O   . PHE A 1 34  ? 0.71807   2.24180   -5.54470  1.000 10.11460 ?  93  PHE A O   1 
ATOM   257  C CB  . PHE A 1 34  ? 2.11295   -0.26378  -5.20000  1.000 7.91781  ?  93  PHE A CB  1 
ATOM   258  C CG  . PHE A 1 34  ? 2.48656   -1.70780  -5.27662  1.000 9.87027  ?  93  PHE A CG  1 
ATOM   259  C CD1 . PHE A 1 34  ? 1.66181   -2.61989  -5.89253  1.000 10.28187 ?  93  PHE A CD1 1 
ATOM   260  C CD2 . PHE A 1 34  ? 3.69878   -2.14346  -4.77029  1.000 13.03907 ?  93  PHE A CD2 1 
ATOM   261  C CE1 . PHE A 1 34  ? 2.00461   -3.95825  -5.96564  1.000 12.59550 ?  93  PHE A CE1 1 
ATOM   262  C CE2 . PHE A 1 34  ? 4.05923   -3.48146  -4.84534  1.000 15.63996 ?  93  PHE A CE2 1 
ATOM   263  C CZ  . PHE A 1 34  ? 3.20068   -4.39506  -5.44713  1.000 13.06926 ?  93  PHE A CZ  1 
ATOM   264  N N   . LEU A 1 35  ? 2.33886   2.66829   -7.03969  1.000 8.32776  ?  94  LEU A N   1 
ATOM   265  C CA  . LEU A 1 35  ? 2.32954   4.09754   -6.74412  1.000 8.40567  ?  94  LEU A CA  1 
ATOM   266  C C   . LEU A 1 35  ? 1.02364   4.76061   -7.14070  1.000 10.94549 ?  94  LEU A C   1 
ATOM   267  O O   . LEU A 1 35  ? 0.60670   5.72555   -6.49165  1.000 14.18981 ?  94  LEU A O   1 
ATOM   268  C CB  . LEU A 1 35  ? 3.48747   4.79101   -7.44975  1.000 10.43513 ?  94  LEU A CB  1 
ATOM   269  C CG  . LEU A 1 35  ? 4.86858   4.43150   -6.91609  1.000 10.16722 ?  94  LEU A CG  1 
ATOM   270  C CD1 . LEU A 1 35  ? 5.95993   5.07261   -7.80840  1.000 11.11126 ?  94  LEU A CD1 1 
ATOM   271  C CD2 . LEU A 1 35  ? 5.07922   4.84775   -5.48085  1.000 11.79535 ?  94  LEU A CD2 1 
ATOM   272  N N   . GLU A 1 36  ? 0.37862   4.27287   -8.19148  1.000 9.03180  ?  95  GLU A N   1 
ATOM   273  C CA  . GLU A 1 36  ? -0.82062  4.87409   -8.75207  1.000 11.75038 ?  95  GLU A CA  1 
ATOM   274  C C   . GLU A 1 36  ? -1.76948  3.75157   -9.13227  1.000 9.25695  ?  95  GLU A C   1 
ATOM   275  O O   . GLU A 1 36  ? -1.35161  2.59517   -9.24515  1.000 10.20375 ?  95  GLU A O   1 
ATOM   276  C CB  . GLU A 1 36  ? -0.49512  5.72027   -9.99546  1.000 14.53537 ?  95  GLU A CB  1 
ATOM   277  C CG  . GLU A 1 36  ? 0.46000   6.88063   -9.73473  1.000 20.56951 ?  95  GLU A CG  1 
ATOM   278  C CD  . GLU A 1 36  ? -0.19887  8.02809   -8.98579  1.000 40.58808 ?  95  GLU A CD  1 
ATOM   279  O OE1 . GLU A 1 36  ? -1.44776  8.11351   -8.99762  1.000 33.57944 ?  95  GLU A OE1 1 
ATOM   280  O OE2 . GLU A 1 36  ? 0.53440   8.84199   -8.37864  1.000 43.20908 -1 95  GLU A OE2 1 
ATOM   281  N N   . PRO A 1 37  ? -3.04533  4.05987   -9.36363  1.000 11.80031 ?  96  PRO A N   1 
ATOM   282  C CA  . PRO A 1 37  ? -3.96597  3.01132   -9.81418  1.000 14.01445 ?  96  PRO A CA  1 
ATOM   283  C C   . PRO A 1 37  ? -3.46176  2.34372   -11.08329 1.000 14.14634 ?  96  PRO A C   1 
ATOM   284  O O   . PRO A 1 37  ? -2.87813  2.98500   -11.96153 1.000 15.75001 ?  96  PRO A O   1 
ATOM   285  C CB  . PRO A 1 37  ? -5.27455  3.76661   -10.06148 1.000 12.70510 ?  96  PRO A CB  1 
ATOM   286  C CG  . PRO A 1 37  ? -5.20957  4.90840   -9.14881  1.000 12.96513 ?  96  PRO A CG  1 
ATOM   287  C CD  . PRO A 1 37  ? -3.74890  5.32892   -9.11685  1.000 13.68278 ?  96  PRO A CD  1 
ATOM   288  N N   . VAL A 1 38  ? -3.68302  1.03035   -11.15566 1.000 11.91428 ?  97  VAL A N   1 
ATOM   289  C CA  . VAL A 1 38  ? -3.36661  0.27173   -12.35703 1.000 13.79586 ?  97  VAL A CA  1 
ATOM   290  C C   . VAL A 1 38  ? -3.97869  0.95035   -13.56831 1.000 13.76175 ?  97  VAL A C   1 
ATOM   291  O O   . VAL A 1 38  ? -5.16317  1.29871   -13.56916 1.000 19.01179 ?  97  VAL A O   1 
ATOM   292  C CB  . VAL A 1 38  ? -3.87563  -1.17092  -12.20472 1.000 14.42462 ?  97  VAL A CB  1 
ATOM   293  C CG1 . VAL A 1 38  ? -3.75222  -1.91190  -13.52486 1.000 16.08436 ?  97  VAL A CG1 1 
ATOM   294  C CG2 . VAL A 1 38  ? -3.10997  -1.88120  -11.08457 1.000 15.48710 ?  97  VAL A CG2 1 
ATOM   295  N N   . ASP A 1 39  ? -3.16259  1.17292   -14.59144 1.000 17.56185 ?  98  ASP A N   1 
ATOM   296  C CA  . ASP A 1 39  ? -3.61852  1.78611   -15.82905 1.000 20.44550 ?  98  ASP A CA  1 
ATOM   297  C C   . ASP A 1 39  ? -4.46667  0.78693   -16.60003 1.000 24.66059 ?  98  ASP A C   1 
ATOM   298  O O   . ASP A 1 39  ? -3.93511  -0.23918  -17.04530 1.000 25.87210 ?  98  ASP A O   1 
ATOM   299  C CB  . ASP A 1 39  ? -2.41270  2.23261   -16.65739 1.000 26.55375 ?  98  ASP A CB  1 
ATOM   300  C CG  . ASP A 1 39  ? -2.80374  2.92544   -17.94434 1.000 32.85308 ?  98  ASP A CG  1 
ATOM   301  O OD1 . ASP A 1 39  ? -4.00173  2.91722   -18.29889 1.000 25.04278 ?  98  ASP A OD1 1 
ATOM   302  O OD2 . ASP A 1 39  ? -1.89955  3.48300   -18.60741 1.000 31.10711 -1 98  ASP A OD2 1 
ATOM   303  N N   . PRO A 1 40  ? -5.76978  1.02408   -16.77147 1.000 24.50649 ?  99  PRO A N   1 
ATOM   304  C CA  . PRO A 1 40  ? -6.60171  0.02586   -17.45916 1.000 32.70810 ?  99  PRO A CA  1 
ATOM   305  C C   . PRO A 1 40  ? -6.10787  -0.29830  -18.85589 1.000 42.10906 ?  99  PRO A C   1 
ATOM   306  O O   . PRO A 1 40  ? -6.33853  -1.41248  -19.34106 1.000 42.28541 ?  99  PRO A O   1 
ATOM   307  C CB  . PRO A 1 40  ? -7.98951  0.68095   -17.47709 1.000 28.44645 ?  99  PRO A CB  1 
ATOM   308  C CG  . PRO A 1 40  ? -7.73477  2.14702   -17.27003 1.000 36.26487 ?  99  PRO A CG  1 
ATOM   309  C CD  . PRO A 1 40  ? -6.53832  2.21393   -16.37213 1.000 28.35603 ?  99  PRO A CD  1 
ATOM   310  N N   . ASN A 1 41  ? -5.40898  0.63324   -19.51016 1.000 42.54563 ?  100 ASN A N   1 
ATOM   311  C CA  . ASN A 1 41  ? -4.90186  0.37780   -20.85417 1.000 42.64031 ?  100 ASN A CA  1 
ATOM   312  C C   . ASN A 1 41  ? -3.75050  -0.62040  -20.87179 1.000 45.46968 ?  100 ASN A C   1 
ATOM   313  O O   . ASN A 1 41  ? -3.47840  -1.20999  -21.92351 1.000 52.65800 ?  100 ASN A O   1 
ATOM   314  C CB  . ASN A 1 41  ? -4.46235  1.68740   -21.50920 1.000 42.38689 ?  100 ASN A CB  1 
ATOM   315  C CG  . ASN A 1 41  ? -5.63680  2.52679   -21.97597 1.000 46.20113 ?  100 ASN A CG  1 
ATOM   316  O OD1 . ASN A 1 41  ? -6.13148  2.35643   -23.09178 1.000 41.61295 ?  100 ASN A OD1 1 
ATOM   317  N ND2 . ASN A 1 41  ? -6.08883  3.43995   -21.12411 1.000 43.80854 ?  100 ASN A ND2 1 
ATOM   318  N N   . ASP A 1 42  ? -3.06675  -0.81856  -19.74701 1.000 42.42692 ?  101 ASP A N   1 
ATOM   319  C CA  . ASP A 1 42  ? -1.97452  -1.77876  -19.65315 1.000 34.62670 ?  101 ASP A CA  1 
ATOM   320  C C   . ASP A 1 42  ? -2.40928  -3.10897  -19.06092 1.000 46.19030 ?  101 ASP A C   1 
ATOM   321  O O   . ASP A 1 42  ? -1.58661  -4.02407  -18.95289 1.000 49.54138 ?  101 ASP A O   1 
ATOM   322  C CB  . ASP A 1 42  ? -0.82566  -1.20156  -18.82041 1.000 40.00251 ?  101 ASP A CB  1 
ATOM   323  C CG  . ASP A 1 42  ? -0.12774  -0.04802  -19.51145 1.000 43.57259 ?  101 ASP A CG  1 
ATOM   324  O OD1 . ASP A 1 42  ? 0.03524   -0.10286  -20.75048 1.000 54.82717 ?  101 ASP A OD1 1 
ATOM   325  O OD2 . ASP A 1 42  ? 0.25553   0.91531   -18.81506 1.000 46.38699 -1 101 ASP A OD2 1 
ATOM   326  N N   . ALA A 1 43  ? -3.66694  -3.22716  -18.65338 1.000 38.09282 ?  102 ALA A N   1 
ATOM   327  C CA  . ALA A 1 43  ? -4.24752  -4.48053  -18.19489 1.000 37.74042 ?  102 ALA A CA  1 
ATOM   328  C C   . ALA A 1 43  ? -5.75857  -4.36101  -18.33349 1.000 42.91592 ?  102 ALA A C   1 
ATOM   329  O O   . ALA A 1 43  ? -6.45641  -4.07412  -17.35252 1.000 36.09243 ?  102 ALA A O   1 
ATOM   330  C CB  . ALA A 1 43  ? -3.84296  -4.79277  -16.75297 1.000 36.82994 ?  102 ALA A CB  1 
ATOM   331  N N   . PRO A 1 44  ? -6.29568  -4.54292  -19.54249 1.000 37.64910 ?  103 PRO A N   1 
ATOM   332  C CA  . PRO A 1 44  ? -7.73111  -4.30114  -19.75623 1.000 35.72762 ?  103 PRO A CA  1 
ATOM   333  C C   . PRO A 1 44  ? -8.65175  -5.23316  -18.98405 1.000 35.71673 ?  103 PRO A C   1 
ATOM   334  O O   . PRO A 1 44  ? -9.85957  -4.96670  -18.93733 1.000 38.71059 ?  103 PRO A O   1 
ATOM   335  C CB  . PRO A 1 44  ? -7.89479  -4.48783  -21.26980 1.000 35.32222 ?  103 PRO A CB  1 
ATOM   336  C CG  . PRO A 1 44  ? -6.54789  -4.18113  -21.82450 1.000 38.13580 ?  103 PRO A CG  1 
ATOM   337  C CD  . PRO A 1 44  ? -5.57115  -4.70831  -20.81395 1.000 46.04303 ?  103 PRO A CD  1 
ATOM   338  N N   . ASP A 1 45  ? -8.14170  -6.30712  -18.38578 1.000 30.07665 ?  104 ASP A N   1 
ATOM   339  C CA  . ASP A 1 45  ? -8.96734  -7.18629  -17.57060 1.000 26.09129 ?  104 ASP A CA  1 
ATOM   340  C C   . ASP A 1 45  ? -8.80698  -6.92826  -16.08073 1.000 17.30048 ?  104 ASP A C   1 
ATOM   341  O O   . ASP A 1 45  ? -9.52329  -7.53551  -15.28016 1.000 20.65728 ?  104 ASP A O   1 
ATOM   342  C CB  . ASP A 1 45  ? -8.64747  -8.65143  -17.87520 1.000 33.70890 ?  104 ASP A CB  1 
ATOM   343  C CG  . ASP A 1 45  ? -7.24952  -9.04278  -17.44279 1.000 36.32104 ?  104 ASP A CG  1 
ATOM   344  O OD1 . ASP A 1 45  ? -6.34900  -8.17580  -17.48068 1.000 27.56738 ?  104 ASP A OD1 1 
ATOM   345  O OD2 . ASP A 1 45  ? -7.05386  -10.21811 -17.06334 1.000 44.30751 -1 104 ASP A OD2 1 
ATOM   346  N N   . TYR A 1 46  ? -7.89338  -6.03836  -15.68948 1.000 23.17521 ?  105 TYR A N   1 
ATOM   347  C CA  . TYR A 1 46  ? -7.57035  -5.89200  -14.27448 1.000 19.54445 ?  105 TYR A CA  1 
ATOM   348  C C   . TYR A 1 46  ? -8.79800  -5.52993  -13.44636 1.000 15.25060 ?  105 TYR A C   1 
ATOM   349  O O   . TYR A 1 46  ? -9.01240  -6.08158  -12.36178 1.000 17.51642 ?  105 TYR A O   1 
ATOM   350  C CB  . TYR A 1 46  ? -6.48052  -4.83957  -14.08495 1.000 15.75094 ?  105 TYR A CB  1 
ATOM   351  C CG  . TYR A 1 46  ? -6.08802  -4.68104  -12.63051 1.000 15.65358 ?  105 TYR A CG  1 
ATOM   352  C CD1 . TYR A 1 46  ? -5.09685  -5.48647  -12.07716 1.000 14.61866 ?  105 TYR A CD1 1 
ATOM   353  C CD2 . TYR A 1 46  ? -6.70475  -3.73201  -11.81328 1.000 15.54584 ?  105 TYR A CD2 1 
ATOM   354  C CE1 . TYR A 1 46  ? -4.72742  -5.35784  -10.76553 1.000 12.75084 ?  105 TYR A CE1 1 
ATOM   355  C CE2 . TYR A 1 46  ? -6.34729  -3.60726  -10.47469 1.000 13.62059 ?  105 TYR A CE2 1 
ATOM   356  C CZ  . TYR A 1 46  ? -5.35975  -4.42679  -9.96126  1.000 13.76712 ?  105 TYR A CZ  1 
ATOM   357  O OH  . TYR A 1 46  ? -4.97675  -4.32069  -8.63486  1.000 15.41689 ?  105 TYR A OH  1 
ATOM   358  N N   . TYR A 1 47  ? -9.59738  -4.56678  -13.91551 1.000 14.65986 ?  106 TYR A N   1 
ATOM   359  C CA  . TYR A 1 47  ? -10.70568 -4.08007  -13.10500 1.000 13.25781 ?  106 TYR A CA  1 
ATOM   360  C C   . TYR A 1 47  ? -11.93166 -4.96935  -13.17959 1.000 16.27775 ?  106 TYR A C   1 
ATOM   361  O O   . TYR A 1 47  ? -12.87698 -4.76068  -12.41478 1.000 15.60530 ?  106 TYR A O   1 
ATOM   362  C CB  . TYR A 1 47  ? -11.04066 -2.64420  -13.50007 1.000 13.49001 ?  106 TYR A CB  1 
ATOM   363  C CG  . TYR A 1 47  ? -9.94437  -1.70208  -13.04666 1.000 13.44495 ?  106 TYR A CG  1 
ATOM   364  C CD1 . TYR A 1 47  ? -9.95813  -1.16948  -11.76654 1.000 12.02660 ?  106 TYR A CD1 1 
ATOM   365  C CD2 . TYR A 1 47  ? -8.87728  -1.38728  -13.88205 1.000 14.80600 ?  106 TYR A CD2 1 
ATOM   366  C CE1 . TYR A 1 47  ? -8.95005  -0.32411  -11.32784 1.000 13.11269 ?  106 TYR A CE1 1 
ATOM   367  C CE2 . TYR A 1 47  ? -7.86231  -0.53777  -13.45731 1.000 16.15856 ?  106 TYR A CE2 1 
ATOM   368  C CZ  . TYR A 1 47  ? -7.90781  -0.00878  -12.17920 1.000 13.23408 ?  106 TYR A CZ  1 
ATOM   369  O OH  . TYR A 1 47  ? -6.90421  0.82764   -11.72816 1.000 14.82727 ?  106 TYR A OH  1 
ATOM   370  N N   . GLY A 1 48  ? -11.92103 -5.96973  -14.05995 1.000 18.16039 ?  107 GLY A N   1 
ATOM   371  C CA  . GLY A 1 48  ? -12.89668 -7.03726  -13.95724 1.000 21.81900 ?  107 GLY A CA  1 
ATOM   372  C C   . GLY A 1 48  ? -12.48419 -8.14634  -13.01478 1.000 18.95555 ?  107 GLY A C   1 
ATOM   373  O O   . GLY A 1 48  ? -13.33743 -8.93069  -12.58939 1.000 25.63938 ?  107 GLY A O   1 
ATOM   374  N N   . VAL A 1 49  ? -11.20145 -8.20750  -12.66320 1.000 16.31934 ?  108 VAL A N   1 
ATOM   375  C CA  . VAL A 1 49  ? -10.66571 -9.24860  -11.79462 1.000 17.63771 ?  108 VAL A CA  1 
ATOM   376  C C   . VAL A 1 49  ? -10.63940 -8.80825  -10.33458 1.000 17.12216 ?  108 VAL A C   1 
ATOM   377  O O   . VAL A 1 49  ? -11.00535 -9.57138  -9.44078  1.000 15.74695 ?  108 VAL A O   1 
ATOM   378  C CB  . VAL A 1 49  ? -9.25440  -9.66198  -12.27267 1.000 18.57263 ?  108 VAL A CB  1 
ATOM   379  C CG1 . VAL A 1 49  ? -8.62765  -10.68197 -11.31830 1.000 17.52708 ?  108 VAL A CG1 1 
ATOM   380  C CG2 . VAL A 1 49  ? -9.30561  -10.20865 -13.70805 1.000 21.70095 ?  108 VAL A CG2 1 
ATOM   381  N N   . ILE A 1 50  ? -10.21522 -7.57897  -10.08329 1.000 13.24757 ?  109 ILE A N   1 
ATOM   382  C CA  . ILE A 1 50  ? -9.95212  -7.07059  -8.74323  1.000 11.21125 ?  109 ILE A CA  1 
ATOM   383  C C   . ILE A 1 50  ? -11.14556 -6.22664  -8.31994  1.000 11.94501 ?  109 ILE A C   1 
ATOM   384  O O   . ILE A 1 50  ? -11.37315 -5.15048  -8.88380  1.000 16.62899 ?  109 ILE A O   1 
ATOM   385  C CB  . ILE A 1 50  ? -8.65444  -6.25486  -8.73092  1.000 11.07695 ?  109 ILE A CB  1 
ATOM   386  C CG1 . ILE A 1 50  ? -7.48804  -7.13797  -9.17239  1.000 12.31944 ?  109 ILE A CG1 1 
ATOM   387  C CG2 . ILE A 1 50  ? -8.38619  -5.63084  -7.36961  1.000 14.49710 ?  109 ILE A CG2 1 
ATOM   388  C CD1 . ILE A 1 50  ? -7.25174  -8.32411  -8.22001  1.000 13.43556 ?  109 ILE A CD1 1 
ATOM   389  N N   . LYS A 1 51  ? -11.87018 -6.69864  -7.29764  1.000 15.89650 ?  110 LYS A N   1 
ATOM   390  C CA  . LYS A 1 51  ? -13.09394 -6.01548  -6.88143  1.000 23.14222 ?  110 LYS A CA  1 
ATOM   391  C C   . LYS A 1 51  ? -12.79604 -4.70876  -6.17468  1.000 21.18869 ?  110 LYS A C   1 
ATOM   392  O O   . LYS A 1 51  ? -13.55363 -3.74403  -6.30992  1.000 20.61092 ?  110 LYS A O   1 
ATOM   393  C CB  . LYS A 1 51  ? -13.91599 -6.87145  -5.93273  1.000 25.47815 ?  110 LYS A CB  1 
ATOM   394  C CG  . LYS A 1 51  ? -13.55409 -8.29517  -5.86332  1.000 36.30611 ?  110 LYS A CG  1 
ATOM   395  C CD  . LYS A 1 51  ? -14.74511 -9.06082  -6.33183  1.000 46.23757 ?  110 LYS A CD  1 
ATOM   396  C CE  . LYS A 1 51  ? -14.46324 -9.60493  -7.68743  1.000 47.64377 ?  110 LYS A CE  1 
ATOM   397  N NZ  . LYS A 1 51  ? -13.24234 -10.40375 -7.49342  1.000 45.77922 1  110 LYS A NZ  1 
ATOM   398  N N   . GLU A 1 52  ? -11.73641 -4.67460  -5.36941  1.000 13.45928 ?  111 GLU A N   1 
ATOM   399  C CA  . GLU A 1 52  ? -11.44061 -3.53023  -4.50934  1.000 13.72537 ?  111 GLU A CA  1 
ATOM   400  C C   . GLU A 1 52  ? -10.01185 -3.08425  -4.76846  1.000 9.75457  ?  111 GLU A C   1 
ATOM   401  O O   . GLU A 1 52  ? -9.11184  -3.35954  -3.96226  1.000 12.80070 ?  111 GLU A O   1 
ATOM   402  C CB  . GLU A 1 52  ? -11.60266 -3.87325  -3.03172  1.000 17.38622 ?  111 GLU A CB  1 
ATOM   403  C CG  . GLU A 1 52  ? -13.02394 -4.06525  -2.54474  1.000 24.29535 ?  111 GLU A CG  1 
ATOM   404  C CD  . GLU A 1 52  ? -13.07063 -4.26605  -1.04168  1.000 31.02454 ?  111 GLU A CD  1 
ATOM   405  O OE1 . GLU A 1 52  ? -12.65565 -5.34570  -0.56495  1.000 33.10368 ?  111 GLU A OE1 1 
ATOM   406  O OE2 . GLU A 1 52  ? -13.48774 -3.32976  -0.33059  1.000 35.25627 -1 111 GLU A OE2 1 
ATOM   407  N N   . PRO A 1 53  ? -9.77051  -2.37798  -5.86868  1.000 9.71898  ?  112 PRO A N   1 
ATOM   408  C CA  . PRO A 1 53  ? -8.41903  -1.87072  -6.13582  1.000 8.52531  ?  112 PRO A CA  1 
ATOM   409  C C   . PRO A 1 53  ? -7.94300  -0.94911  -5.02509  1.000 9.09308  ?  112 PRO A C   1 
ATOM   410  O O   . PRO A 1 53  ? -8.73771  -0.31150  -4.33046  1.000 10.03711 ?  112 PRO A O   1 
ATOM   411  C CB  . PRO A 1 53  ? -8.57843  -1.10858  -7.45423  1.000 9.72718  ?  112 PRO A CB  1 
ATOM   412  C CG  . PRO A 1 53  ? -9.79775  -1.72104  -8.09684  1.000 20.37012 ?  112 PRO A CG  1 
ATOM   413  C CD  . PRO A 1 53  ? -10.71223 -2.07361  -6.96297  1.000 12.46160 ?  112 PRO A CD  1 
ATOM   414  N N   . MET A 1 54  ? -6.62214  -0.89323  -4.85838  1.000 9.34311  ?  113 MET A N   1 
ATOM   415  C CA  . MET A 1 54  ? -6.02925  0.03622   -3.90831  1.000 8.82074  ?  113 MET A CA  1 
ATOM   416  C C   . MET A 1 54  ? -4.59936  0.31067   -4.35634  1.000 7.30936  ?  113 MET A C   1 
ATOM   417  O O   . MET A 1 54  ? -3.97675  -0.51659  -5.02100  1.000 10.33622 ?  113 MET A O   1 
ATOM   418  C CB  . MET A 1 54  ? -6.06267  -0.52469  -2.47699  1.000 9.65615  ?  113 MET A CB  1 
ATOM   419  C CG  . MET A 1 54  ? -5.58551  0.45208   -1.38920  1.000 9.36147  ?  113 MET A CG  1 
ATOM   420  S SD  . MET A 1 54  ? -6.41428  2.05969   -1.43293  1.000 10.35563 ?  113 MET A SD  1 
ATOM   421  C CE  . MET A 1 54  ? -8.13342  1.55107   -1.38521  1.000 13.89124 ?  113 MET A CE  1 
ATOM   422  N N   . ASP A 1 55  ? -4.11516  1.50756   -4.02985  1.000 8.41636  ?  114 ASP A N   1 
ATOM   423  C CA  . ASP A 1 55  ? -2.79071  1.94089   -4.44743  1.000 8.27749  ?  114 ASP A CA  1 
ATOM   424  C C   . ASP A 1 55  ? -2.30433  3.00047   -3.47460  1.000 8.19802  ?  114 ASP A C   1 
ATOM   425  O O   . ASP A 1 55  ? -3.07083  3.52444   -2.66075  1.000 7.38851  ?  114 ASP A O   1 
ATOM   426  C CB  . ASP A 1 55  ? -2.80835  2.50704   -5.85624  1.000 9.32630  ?  114 ASP A CB  1 
ATOM   427  C CG  . ASP A 1 55  ? -3.65165  3.75004   -5.92447  1.000 13.25952 ?  114 ASP A CG  1 
ATOM   428  O OD1 . ASP A 1 55  ? -4.88771  3.61100   -6.05321  1.000 12.72518 ?  114 ASP A OD1 1 
ATOM   429  O OD2 . ASP A 1 55  ? -3.09202  4.85597   -5.75873  1.000 11.12946 -1 114 ASP A OD2 1 
ATOM   430  N N   . LEU A 1 56  ? -1.00444  3.30169   -3.55684  1.000 8.14020  ?  115 LEU A N   1 
ATOM   431  C CA  . LEU A 1 56  ? -0.41201  4.19558   -2.56680  1.000 7.44767  ?  115 LEU A CA  1 
ATOM   432  C C   . LEU A 1 56  ? -0.87029  5.63759   -2.73476  1.000 9.82633  ?  115 LEU A C   1 
ATOM   433  O O   . LEU A 1 56  ? -0.92595  6.36976   -1.74156  1.000 9.33008  ?  115 LEU A O   1 
ATOM   434  C CB  . LEU A 1 56  ? 1.11631   4.11600   -2.61919  1.000 10.37662 ?  115 LEU A CB  1 
ATOM   435  C CG  . LEU A 1 56  ? 1.69504   2.74905   -2.24118  1.000 9.30080  ?  115 LEU A CG  1 
ATOM   436  C CD1 . LEU A 1 56  ? 3.17531   2.62634   -2.60156  1.000 10.46307 ?  115 LEU A CD1 1 
ATOM   437  C CD2 . LEU A 1 56  ? 1.47760   2.49159   -0.74791  1.000 10.36271 ?  115 LEU A CD2 1 
ATOM   438  N N   . ALA A 1 57  ? -1.18929  6.07062   -3.96429  1.000 8.09521  ?  116 ALA A N   1 
ATOM   439  C CA  . ALA A 1 57  ? -1.67703  7.43481   -4.15895  1.000 9.37206  ?  116 ALA A CA  1 
ATOM   440  C C   . ALA A 1 57  ? -3.06239  7.60944   -3.55449  1.000 12.37892 ?  116 ALA A C   1 
ATOM   441  O O   . ALA A 1 57  ? -3.35967  8.65206   -2.96267  1.000 10.25287 ?  116 ALA A O   1 
ATOM   442  C CB  . ALA A 1 57  ? -1.68332  7.77720   -5.64759  1.000 10.45755 ?  116 ALA A CB  1 
ATOM   443  N N   . THR A 1 58  ? -3.92472  6.60281   -3.70061  1.000 9.08342  ?  117 THR A N   1 
ATOM   444  C CA  . THR A 1 58  ? -5.21764  6.64278   -3.03330  1.000 8.92549  ?  117 THR A CA  1 
ATOM   445  C C   . THR A 1 58  ? -5.03736  6.66001   -1.52310  1.000 8.40705  ?  117 THR A C   1 
ATOM   446  O O   . THR A 1 58  ? -5.72909  7.39986   -0.81409  1.000 8.30363  ?  117 THR A O   1 
ATOM   447  C CB  . THR A 1 58  ? -6.05247  5.44295   -3.48221  1.000 8.45395  ?  117 THR A CB  1 
ATOM   448  O OG1 . THR A 1 58  ? -6.29877  5.58840   -4.88663  1.000 9.70244  ?  117 THR A OG1 1 
ATOM   449  C CG2 . THR A 1 58  ? -7.38198  5.37003   -2.74563  1.000 10.76704 ?  117 THR A CG2 1 
ATOM   450  N N   . MET A 1 59  ? -4.09109  5.86658   -1.01086  1.000 8.00289  ?  118 MET A N   1 
ATOM   451  C CA  . MET A 1 59  ? -3.85447  5.88783   0.42935   1.000 8.94778  ?  118 MET A CA  1 
ATOM   452  C C   . MET A 1 59  ? -3.29909  7.23259   0.87257   1.000 7.94394  ?  118 MET A C   1 
ATOM   453  O O   . MET A 1 59  ? -3.63960  7.71751   1.95460   1.000 9.38423  ?  118 MET A O   1 
ATOM   454  C CB  . MET A 1 59  ? -2.91802  4.75727   0.84288   1.000 9.49364  ?  118 MET A CB  1 
ATOM   455  C CG  . MET A 1 59  ? -3.55800  3.39356   0.67069   1.000 8.30980  ?  118 MET A CG  1 
ATOM   456  S SD  . MET A 1 59  ? -2.55475  2.10037   1.41520   1.000 10.21738 ?  118 MET A SD  1 
ATOM   457  C CE  . MET A 1 59  ? -2.70556  2.57266   3.13197   1.000 9.99402  ?  118 MET A CE  1 
ATOM   458  N N   . GLU A 1 60  ? -2.44507  7.85420   0.04954   1.000 8.49588  ?  119 GLU A N   1 
ATOM   459  C CA  . GLU A 1 60  ? -1.94437  9.18492   0.39403   1.000 9.23143  ?  119 GLU A CA  1 
ATOM   460  C C   . GLU A 1 60  ? -3.08345  10.19368  0.47118   1.000 8.66443  ?  119 GLU A C   1 
ATOM   461  O O   . GLU A 1 60  ? -3.16335  10.97535  1.42874   1.000 8.98561  ?  119 GLU A O   1 
ATOM   462  C CB  . GLU A 1 60  ? -0.88358  9.64605   -0.61142  1.000 9.95640  ?  119 GLU A CB  1 
ATOM   463  C CG  . GLU A 1 60  ? -0.37984  11.08052  -0.31488  1.000 12.07623 ?  119 GLU A CG  1 
ATOM   464  C CD  . GLU A 1 60  ? 0.97183   11.40618  -0.92786  1.000 23.65023 ?  119 GLU A CD  1 
ATOM   465  O OE1 . GLU A 1 60  ? 1.31576   10.85656  -1.98190  1.000 19.28245 ?  119 GLU A OE1 1 
ATOM   466  O OE2 . GLU A 1 60  ? 1.70290   12.23092  -0.33922  1.000 34.69606 -1 119 GLU A OE2 1 
ATOM   467  N N   . GLU A 1 61  ? -3.99097  10.17408  -0.51115  1.000 7.14053  ?  120 GLU A N   1 
ATOM   468  C CA  . GLU A 1 61  ? -5.16326  11.05102  -0.46126  1.000 8.16621  ?  120 GLU A CA  1 
ATOM   469  C C   . GLU A 1 61  ? -5.95274  10.83409  0.81833   1.000 8.52955  ?  120 GLU A C   1 
ATOM   470  O O   . GLU A 1 61  ? -6.34219  11.79706  1.49037   1.000 9.39168  ?  120 GLU A O   1 
ATOM   471  C CB  . GLU A 1 61  ? -6.05019  10.80588  -1.67677  1.000 9.20338  ?  120 GLU A CB  1 
ATOM   472  C CG  . GLU A 1 61  ? -7.37256  11.56564  -1.65325  1.000 9.58546  ?  120 GLU A CG  1 
ATOM   473  C CD  . GLU A 1 61  ? -8.29448  11.15141  -2.78328  1.000 16.74625 ?  120 GLU A CD  1 
ATOM   474  O OE1 . GLU A 1 61  ? -7.84514  10.42565  -3.69657  1.000 16.14106 ?  120 GLU A OE1 1 
ATOM   475  O OE2 . GLU A 1 61  ? -9.47887  11.54554  -2.75080  1.000 16.68235 -1 120 GLU A OE2 1 
ATOM   476  N N   . ARG A 1 62  ? -6.17488  9.56966   1.18116   1.000 7.36717  ?  121 ARG A N   1 
ATOM   477  C CA  . ARG A 1 62  ? -6.92423  9.25980   2.39219   1.000 7.49397  ?  121 ARG A CA  1 
ATOM   478  C C   . ARG A 1 62  ? -6.19176  9.74203   3.64623   1.000 8.35203  ?  121 ARG A C   1 
ATOM   479  O O   . ARG A 1 62  ? -6.81881  10.30220  4.55520   1.000 9.50631  ?  121 ARG A O   1 
ATOM   480  C CB  . ARG A 1 62  ? -7.21717  7.75733   2.44007   1.000 8.48140  ?  121 ARG A CB  1 
ATOM   481  C CG  . ARG A 1 62  ? -8.33310  7.35333   1.45827   1.000 6.89990  ?  121 ARG A CG  1 
ATOM   482  C CD  . ARG A 1 62  ? -8.52512  5.85297   1.35162   1.000 7.62472  ?  121 ARG A CD  1 
ATOM   483  N NE  . ARG A 1 62  ? -9.64961  5.59015   0.45725   1.000 9.49921  ?  121 ARG A NE  1 
ATOM   484  C CZ  . ARG A 1 62  ? -10.27429 4.42470   0.36527   1.000 9.53690  ?  121 ARG A CZ  1 
ATOM   485  N NH1 . ARG A 1 62  ? -11.29690 4.29802   -0.47709  1.000 9.12981  1  121 ARG A NH1 1 
ATOM   486  N NH2 . ARG A 1 62  ? -9.86844  3.38834   1.08305   1.000 8.75241  ?  121 ARG A NH2 1 
ATOM   487  N N   . VAL A 1 63  ? -4.86750  9.56758   3.70992   1.000 8.80312  ?  122 VAL A N   1 
ATOM   488  C CA  . VAL A 1 63  ? -4.10314  10.10695  4.83592   1.000 9.33428  ?  122 VAL A CA  1 
ATOM   489  C C   . VAL A 1 63  ? -4.26597  11.62299  4.91833   1.000 9.55911  ?  122 VAL A C   1 
ATOM   490  O O   . VAL A 1 63  ? -4.52165  12.18157  5.99173   1.000 11.86438 ?  122 VAL A O   1 
ATOM   491  C CB  . VAL A 1 63  ? -2.62159  9.70324   4.71366   1.000 7.64468  ?  122 VAL A CB  1 
ATOM   492  C CG1 . VAL A 1 63  ? -1.74721  10.51430  5.69466   1.000 10.33875 ?  122 VAL A CG1 1 
ATOM   493  C CG2 . VAL A 1 63  ? -2.47103  8.22749   4.99830   1.000 9.95466  ?  122 VAL A CG2 1 
ATOM   494  N N   . GLN A 1 64  ? -4.11380  12.30797  3.78831   1.000 8.79921  ?  123 GLN A N   1 
ATOM   495  C CA  . GLN A 1 64  ? -4.21843  13.76887  3.79253   1.000 9.99116  ?  123 GLN A CA  1 
ATOM   496  C C   . GLN A 1 64  ? -5.60987  14.23788  4.20344   1.000 11.63136 ?  123 GLN A C   1 
ATOM   497  O O   . GLN A 1 64  ? -5.74755  15.31251  4.79966   1.000 14.85197 ?  123 GLN A O   1 
ATOM   498  C CB  . GLN A 1 64  ? -3.85740  14.33766  2.41741   1.000 11.64289 ?  123 GLN A CB  1 
ATOM   499  C CG  . GLN A 1 64  ? -2.39761  14.13611  2.03999   1.000 10.67304 ?  123 GLN A CG  1 
ATOM   500  C CD  . GLN A 1 64  ? -2.01251  14.87443  0.78064   1.000 12.85195 ?  123 GLN A CD  1 
ATOM   501  O OE1 . GLN A 1 64  ? -2.34799  14.45796  -0.32917  1.000 15.28920 ?  123 GLN A OE1 1 
ATOM   502  N NE2 . GLN A 1 64  ? -1.30041  15.98002  0.94402   1.000 13.90300 ?  123 GLN A NE2 1 
ATOM   503  N N   . ARG A 1 65  ? -6.64760  13.46456  3.89705   1.000 10.34958 ?  124 ARG A N   1 
ATOM   504  C CA  . ARG A 1 65  ? -8.02044  13.80189  4.26158   1.000 10.08504 ?  124 ARG A CA  1 
ATOM   505  C C   . ARG A 1 65  ? -8.41062  13.29790  5.64874   1.000 10.38315 ?  124 ARG A C   1 
ATOM   506  O O   . ARG A 1 65  ? -9.56081  13.49059  6.06669   1.000 13.87980 ?  124 ARG A O   1 
ATOM   507  C CB  . ARG A 1 65  ? -8.99570  13.22865  3.22490   1.000 12.12494 ?  124 ARG A CB  1 
ATOM   508  C CG  . ARG A 1 65  ? -8.80722  13.70846  1.79601   1.000 22.37854 ?  124 ARG A CG  1 
ATOM   509  C CD  . ARG A 1 65  ? -9.07669  15.18038  1.64715   1.000 26.53226 ?  124 ARG A CD  1 
ATOM   510  N NE  . ARG A 1 65  ? -9.31186  15.53635  0.24903   1.000 23.77803 ?  124 ARG A NE  1 
ATOM   511  C CZ  . ARG A 1 65  ? -9.10305  16.75211  -0.24843  1.000 30.61311 ?  124 ARG A CZ  1 
ATOM   512  N NH1 . ARG A 1 65  ? -8.63077  17.72474  0.53504   1.000 16.08461 1  124 ARG A NH1 1 
ATOM   513  N NH2 . ARG A 1 65  ? -9.35064  16.98788  -1.53317  1.000 33.74778 ?  124 ARG A NH2 1 
ATOM   514  N N   . ARG A 1 66  ? -7.48460  12.66518  6.36359   1.000 9.26270  ?  125 ARG A N   1 
ATOM   515  C CA  . ARG A 1 66  ? -7.73611  12.08375  7.69159   1.000 11.14497 ?  125 ARG A CA  1 
ATOM   516  C C   . ARG A 1 66  ? -8.87419  11.06019  7.63339   1.000 12.99393 ?  125 ARG A C   1 
ATOM   517  O O   . ARG A 1 66  ? -9.69986  10.94970  8.54530   1.000 11.88828 ?  125 ARG A O   1 
ATOM   518  C CB  . ARG A 1 66  ? -8.00492  13.17508  8.74232   1.000 12.43421 ?  125 ARG A CB  1 
ATOM   519  C CG  . ARG A 1 66  ? -6.92661  14.25382  8.84819   1.000 19.61714 ?  125 ARG A CG  1 
ATOM   520  C CD  . ARG A 1 66  ? -5.50699  13.70112  8.92182   1.000 29.72430 ?  125 ARG A CD  1 
ATOM   521  N NE  . ARG A 1 66  ? -4.52890  14.72026  9.32458   1.000 35.19428 ?  125 ARG A NE  1 
ATOM   522  C CZ  . ARG A 1 66  ? -3.71015  15.37099  8.49658   1.000 36.76776 ?  125 ARG A CZ  1 
ATOM   523  N NH1 . ARG A 1 66  ? -3.72030  15.12645  7.19449   1.000 25.40557 1  125 ARG A NH1 1 
ATOM   524  N NH2 . ARG A 1 66  ? -2.86148  16.26896  8.97633   1.000 35.38729 ?  125 ARG A NH2 1 
ATOM   525  N N   . TYR A 1 67  ? -8.89008  10.27519  6.55028   1.000 9.96681  ?  126 TYR A N   1 
ATOM   526  C CA  . TYR A 1 67  ? -9.89238  9.22933   6.35897   1.000 10.25810 ?  126 TYR A CA  1 
ATOM   527  C C   . TYR A 1 67  ? -9.81222  8.15058   7.43231   1.000 10.35204 ?  126 TYR A C   1 
ATOM   528  O O   . TYR A 1 67  ? -10.84301 7.64385   7.89625   1.000 13.74168 ?  126 TYR A O   1 
ATOM   529  C CB  . TYR A 1 67  ? -9.68218  8.62332   4.96918   1.000 10.50735 ?  126 TYR A CB  1 
ATOM   530  C CG  . TYR A 1 67  ? -10.41247 7.33930   4.63875   1.000 11.73101 ?  126 TYR A CG  1 
ATOM   531  C CD1 . TYR A 1 67  ? -11.66244 7.36322   4.02578   1.000 15.30926 ?  126 TYR A CD1 1 
ATOM   532  C CD2 . TYR A 1 67  ? -9.82309  6.10610   4.87444   1.000 11.34382 ?  126 TYR A CD2 1 
ATOM   533  C CE1 . TYR A 1 67  ? -12.31153 6.18550   3.69163   1.000 13.95103 ?  126 TYR A CE1 1 
ATOM   534  C CE2 . TYR A 1 67  ? -10.45591 4.93052   4.53906   1.000 13.73926 ?  126 TYR A CE2 1 
ATOM   535  C CZ  . TYR A 1 67  ? -11.70532 4.97166   3.95511   1.000 16.79728 ?  126 TYR A CZ  1 
ATOM   536  O OH  . TYR A 1 67  ? -12.33860 3.79223   3.61387   1.000 18.01148 ?  126 TYR A OH  1 
ATOM   537  N N   . TYR A 1 68  ? -8.60227  7.78017   7.83041   1.000 11.60447 ?  127 TYR A N   1 
ATOM   538  C CA  . TYR A 1 68  ? -8.41568  6.65367   8.73485   1.000 11.74979 ?  127 TYR A CA  1 
ATOM   539  C C   . TYR A 1 68  ? -8.63489  7.08791   10.17511  1.000 11.47865 ?  127 TYR A C   1 
ATOM   540  O O   . TYR A 1 68  ? -8.06225  8.07976   10.62506  1.000 14.19977 ?  127 TYR A O   1 
ATOM   541  C CB  . TYR A 1 68  ? -7.01238  6.07033   8.56967   1.000 13.69152 ?  127 TYR A CB  1 
ATOM   542  C CG  . TYR A 1 68  ? -6.71604  5.60175   7.16601   1.000 11.06003 ?  127 TYR A CG  1 
ATOM   543  C CD1 . TYR A 1 68  ? -7.26914  4.42409   6.67800   1.000 10.15653 ?  127 TYR A CD1 1 
ATOM   544  C CD2 . TYR A 1 68  ? -5.88704  6.34275   6.32796   1.000 10.83588 ?  127 TYR A CD2 1 
ATOM   545  C CE1 . TYR A 1 68  ? -7.00331  3.99321   5.38096   1.000 10.23693 ?  127 TYR A CE1 1 
ATOM   546  C CE2 . TYR A 1 68  ? -5.60441  5.92136   5.05142   1.000 9.44284  ?  127 TYR A CE2 1 
ATOM   547  C CZ  . TYR A 1 68  ? -6.16241  4.75813   4.58166   1.000 9.77028  ?  127 TYR A CZ  1 
ATOM   548  O OH  . TYR A 1 68  ? -5.88806  4.37406   3.29313   1.000 10.63359 ?  127 TYR A OH  1 
ATOM   549  N N   . GLU A 1 69  ? -9.45031  6.32803   10.89683  1.000 11.51549 ?  128 GLU A N   1 
ATOM   550  C CA  . GLU A 1 69  ? -9.64234  6.57425   12.32368  1.000 14.39259 ?  128 GLU A CA  1 
ATOM   551  C C   . GLU A 1 69  ? -8.84150  5.62702   13.20449  1.000 13.54644 ?  128 GLU A C   1 
ATOM   552  O O   . GLU A 1 69  ? -8.48119  6.00204   14.32039  1.000 15.28036 ?  128 GLU A O   1 
ATOM   553  C CB  . GLU A 1 69  ? -11.13166 6.48699   12.68042  1.000 21.98803 ?  128 GLU A CB  1 
ATOM   554  C CG  . GLU A 1 69  ? -11.94398 7.57306   11.98434  1.000 23.04163 ?  128 GLU A CG  1 
ATOM   555  C CD  . GLU A 1 69  ? -13.41116 7.53798   12.32610  1.000 45.03176 ?  128 GLU A CD  1 
ATOM   556  O OE1 . GLU A 1 69  ? -13.80659 6.74723   13.21038  1.000 53.13945 ?  128 GLU A OE1 1 
ATOM   557  O OE2 . GLU A 1 69  ? -14.16986 8.30896   11.70203  1.000 46.65459 -1 128 GLU A OE2 1 
ATOM   558  N N   . LYS A 1 70  ? -8.53277  4.42025   12.71773  1.000 13.63840 ?  129 LYS A N   1 
ATOM   559  C CA  . LYS A 1 70  ? -7.79265  3.41646   13.46497  1.000 12.20496 ?  129 LYS A CA  1 
ATOM   560  C C   . LYS A 1 70  ? -6.69454  2.84009   12.58591  1.000 11.34159 ?  129 LYS A C   1 
ATOM   561  O O   . LYS A 1 70  ? -6.85574  2.72289   11.36919  1.000 11.27703 ?  129 LYS A O   1 
ATOM   562  C CB  . LYS A 1 70  ? -8.70373  2.27051   13.93186  1.000 14.84398 ?  129 LYS A CB  1 
ATOM   563  C CG  . LYS A 1 70  ? -9.89096  2.73496   14.74464  1.000 19.18878 ?  129 LYS A CG  1 
ATOM   564  C CD  . LYS A 1 70  ? -9.41043  3.43166   16.00223  1.000 21.01987 ?  129 LYS A CD  1 
ATOM   565  C CE  . LYS A 1 70  ? -10.55772 4.08678   16.73927  1.000 30.85316 ?  129 LYS A CE  1 
ATOM   566  N NZ  . LYS A 1 70  ? -11.48557 3.06608   17.26624  1.000 27.12847 1  129 LYS A NZ  1 
ATOM   567  N N   . LEU A 1 71  ? -5.58395  2.46065   13.22084  1.000 10.00092 ?  130 LEU A N   1 
ATOM   568  C CA  . LEU A 1 71  ? -4.45902  1.90647   12.46826  1.000 11.17569 ?  130 LEU A CA  1 
ATOM   569  C C   . LEU A 1 71  ? -4.89049  0.69565   11.65548  1.000 11.23922 ?  130 LEU A C   1 
ATOM   570  O O   . LEU A 1 71  ? -4.42072  0.48610   10.53107  1.000 9.40041  ?  130 LEU A O   1 
ATOM   571  C CB  . LEU A 1 71  ? -3.31696  1.54646   13.42474  1.000 11.02626 ?  130 LEU A CB  1 
ATOM   572  C CG  . LEU A 1 71  ? -2.07660  0.96024   12.75175  1.000 11.41834 ?  130 LEU A CG  1 
ATOM   573  C CD1 . LEU A 1 71  ? -1.49988  1.93199   11.70421  1.000 12.09892 ?  130 LEU A CD1 1 
ATOM   574  C CD2 . LEU A 1 71  ? -1.02188  0.60791   13.79957  1.000 11.94166 ?  130 LEU A CD2 1 
ATOM   575  N N   . THR A 1 72  ? -5.79313  -0.11574  12.20091  1.000 11.08797 ?  131 THR A N   1 
ATOM   576  C CA  . THR A 1 72  ? -6.21400  -1.31696  11.49957  1.000 10.16239 ?  131 THR A CA  1 
ATOM   577  C C   . THR A 1 72  ? -6.77724  -0.99278  10.11383  1.000 9.76089  ?  131 THR A C   1 
ATOM   578  O O   . THR A 1 72  ? -6.61037  -1.77918  9.17421   1.000 12.16466 ?  131 THR A O   1 
ATOM   579  C CB  . THR A 1 72  ? -7.22173  -2.07863  12.36194  1.000 17.85451 ?  131 THR A CB  1 
ATOM   580  O OG1 . THR A 1 72  ? -7.57302  -3.30665  11.71120  1.000 24.68275 ?  131 THR A OG1 1 
ATOM   581  C CG2 . THR A 1 72  ? -8.45894  -1.23284  12.59475  1.000 12.39566 ?  131 THR A CG2 1 
ATOM   582  N N   . GLU A 1 73  ? -7.41556  0.17094   9.95722   1.000 10.94875 ?  132 GLU A N   1 
ATOM   583  C CA  . GLU A 1 73  ? -7.98430  0.55369   8.66683   1.000 10.39819 ?  132 GLU A CA  1 
ATOM   584  C C   . GLU A 1 73  ? -6.89428  0.87799   7.64907   1.000 11.67937 ?  132 GLU A C   1 
ATOM   585  O O   . GLU A 1 73  ? -7.02472  0.55403   6.46290   1.000 11.89892 ?  132 GLU A O   1 
ATOM   586  C CB  . GLU A 1 73  ? -8.91409  1.75735   8.84665   1.000 11.63105 ?  132 GLU A CB  1 
ATOM   587  C CG  . GLU A 1 73  ? -10.12378 1.46713   9.73869   1.000 16.64810 ?  132 GLU A CG  1 
ATOM   588  C CD  . GLU A 1 73  ? -10.71628 2.70302   10.42415  1.000 27.06745 ?  132 GLU A CD  1 
ATOM   589  O OE1 . GLU A 1 73  ? -10.34673 3.85185   10.07921  1.000 20.23701 ?  132 GLU A OE1 1 
ATOM   590  O OE2 . GLU A 1 73  ? -11.56528 2.51083   11.32523  1.000 28.36987 -1 132 GLU A OE2 1 
ATOM   591  N N   . PHE A 1 74  ? -5.83911  1.56015   8.09957   1.000 10.70985 ?  133 PHE A N   1 
ATOM   592  C CA  . PHE A 1 74  ? -4.68890  1.85373   7.25274   1.000 7.57581  ?  133 PHE A CA  1 
ATOM   593  C C   . PHE A 1 74  ? -3.99174  0.56389   6.83321   1.000 9.68443  ?  133 PHE A C   1 
ATOM   594  O O   . PHE A 1 74  ? -3.68276  0.36044   5.65299   1.000 8.60399  ?  133 PHE A O   1 
ATOM   595  C CB  . PHE A 1 74  ? -3.75183  2.78973   8.01314   1.000 8.53490  ?  133 PHE A CB  1 
ATOM   596  C CG  . PHE A 1 74  ? -2.46525  3.11831   7.29898   1.000 8.14851  ?  133 PHE A CG  1 
ATOM   597  C CD1 . PHE A 1 74  ? -2.38371  4.23121   6.47915   1.000 7.18077  ?  133 PHE A CD1 1 
ATOM   598  C CD2 . PHE A 1 74  ? -1.33766  2.33050   7.46739   1.000 12.34021 ?  133 PHE A CD2 1 
ATOM   599  C CE1 . PHE A 1 74  ? -1.20708  4.57097   5.84424   1.000 8.55598  ?  133 PHE A CE1 1 
ATOM   600  C CE2 . PHE A 1 74  ? -0.15376  2.65562   6.82148   1.000 12.60685 ?  133 PHE A CE2 1 
ATOM   601  C CZ  . PHE A 1 74  ? -0.09124  3.77665   6.01163   1.000 11.82331 ?  133 PHE A CZ  1 
ATOM   602  N N   . VAL A 1 75  ? -3.78913  -0.34426  7.78725   1.000 9.71489  ?  134 VAL A N   1 
ATOM   603  C CA  . VAL A 1 75  ? -3.16390  -1.62122  7.47367   1.000 9.33083  ?  134 VAL A CA  1 
ATOM   604  C C   . VAL A 1 75  ? -4.02134  -2.40916  6.49144   1.000 9.33469  ?  134 VAL A C   1 
ATOM   605  O O   . VAL A 1 75  ? -3.50262  -3.07189  5.58421   1.000 10.26769 ?  134 VAL A O   1 
ATOM   606  C CB  . VAL A 1 75  ? -2.89035  -2.40632  8.77023   1.000 7.73689  ?  134 VAL A CB  1 
ATOM   607  C CG1 . VAL A 1 75  ? -2.40246  -3.81366  8.44173   1.000 9.47550  ?  134 VAL A CG1 1 
ATOM   608  C CG2 . VAL A 1 75  ? -1.85106  -1.66752  9.62102   1.000 9.60774  ?  134 VAL A CG2 1 
ATOM   609  N N   . ALA A 1 76  ? -5.34735  -2.33860  6.63837   1.000 8.31822  ?  135 ALA A N   1 
ATOM   610  C CA  . ALA A 1 76  ? -6.22130  -3.08171  5.73715   1.000 8.07187  ?  135 ALA A CA  1 
ATOM   611  C C   . ALA A 1 76  ? -6.09378  -2.58818  4.29869   1.000 8.23268  ?  135 ALA A C   1 
ATOM   612  O O   . ALA A 1 76  ? -6.05179  -3.39308  3.35941   1.000 11.22972 ?  135 ALA A O   1 
ATOM   613  C CB  . ALA A 1 76  ? -7.66979  -2.98075  6.22535   1.000 9.63680  ?  135 ALA A CB  1 
ATOM   614  N N   . ASP A 1 77  ? -6.01473  -1.26974  4.10161   1.000 8.56978  ?  136 ASP A N   1 
ATOM   615  C CA  . ASP A 1 77  ? -5.82893  -0.76512  2.74898   1.000 7.32408  ?  136 ASP A CA  1 
ATOM   616  C C   . ASP A 1 77  ? -4.47799  -1.18891  2.19320   1.000 7.88396  ?  136 ASP A C   1 
ATOM   617  O O   . ASP A 1 77  ? -4.37239  -1.55860  1.01975   1.000 7.74582  ?  136 ASP A O   1 
ATOM   618  C CB  . ASP A 1 77  ? -5.96067  0.75745   2.73211   1.000 7.93227  ?  136 ASP A CB  1 
ATOM   619  C CG  . ASP A 1 77  ? -7.38496  1.23916   2.52019   1.000 10.65014 ?  136 ASP A CG  1 
ATOM   620  O OD1 . ASP A 1 77  ? -8.31229  0.42635   2.33320   1.000 12.56258 ?  136 ASP A OD1 1 
ATOM   621  O OD2 . ASP A 1 77  ? -7.55149  2.47331   2.55873   1.000 10.09633 -1 136 ASP A OD2 1 
ATOM   622  N N   . MET A 1 78  ? -3.43318  -1.16580  3.02111   1.000 9.14893  ?  137 MET A N   1 
ATOM   623  C CA  . MET A 1 78  ? -2.12341  -1.57613  2.53783   1.000 8.78543  ?  137 MET A CA  1 
ATOM   624  C C   . MET A 1 78  ? -2.11968  -3.05029  2.17296   1.000 10.06787 ?  137 MET A C   1 
ATOM   625  O O   . MET A 1 78  ? -1.53792  -3.44510  1.15366   1.000 9.39972  ?  137 MET A O   1 
ATOM   626  C CB  . MET A 1 78  ? -1.06015  -1.27453  3.60083   1.000 9.50839  ?  137 MET A CB  1 
ATOM   627  C CG  . MET A 1 78  ? 0.35700   -1.43249  3.09674   1.000 9.15438  ?  137 MET A CG  1 
ATOM   628  S SD  . MET A 1 78  ? 0.83084   -0.17296  1.87838   1.000 12.96602 ?  137 MET A SD  1 
ATOM   629  C CE  . MET A 1 78  ? 0.81779   1.28539   2.89853   1.000 16.33292 ?  137 MET A CE  1 
ATOM   630  N N   . THR A 1 79  ? -2.76746  -3.87625  2.99981   1.000 10.47289 ?  138 THR A N   1 
ATOM   631  C CA  . THR A 1 79  ? -2.82944  -5.30444  2.72523   1.000 8.95181  ?  138 THR A CA  1 
ATOM   632  C C   . THR A 1 79  ? -3.58638  -5.58117  1.43616   1.000 11.95480 ?  138 THR A C   1 
ATOM   633  O O   . THR A 1 79  ? -3.22803  -6.49791  0.68871   1.000 13.67984 ?  138 THR A O   1 
ATOM   634  C CB  . THR A 1 79  ? -3.47214  -6.00306  3.91763   1.000 11.77770 ?  138 THR A CB  1 
ATOM   635  O OG1 . THR A 1 79  ? -2.71265  -5.69544  5.08869   1.000 14.64294 ?  138 THR A OG1 1 
ATOM   636  C CG2 . THR A 1 79  ? -3.46067  -7.49445  3.72987   1.000 15.20227 ?  138 THR A CG2 1 
ATOM   637  N N   . LYS A 1 80  ? -4.60525  -4.77315  1.13220   1.000 10.14288 ?  139 LYS A N   1 
ATOM   638  C CA  . LYS A 1 80  ? -5.31868  -4.92965  -0.13197  1.000 8.84339  ?  139 LYS A CA  1 
ATOM   639  C C   . LYS A 1 80  ? -4.37833  -4.76355  -1.32211  1.000 10.17545 ?  139 LYS A C   1 
ATOM   640  O O   . LYS A 1 80  ? -4.47278  -5.49828  -2.31547  1.000 8.60137  ?  139 LYS A O   1 
ATOM   641  C CB  . LYS A 1 80  ? -6.45652  -3.90888  -0.20278  1.000 12.72820 ?  139 LYS A CB  1 
ATOM   642  C CG  . LYS A 1 80  ? -7.80432  -4.44884  -0.60506  1.000 30.40454 ?  139 LYS A CG  1 
ATOM   643  C CD  . LYS A 1 80  ? -8.89960  -3.44485  -0.24932  1.000 28.86215 ?  139 LYS A CD  1 
ATOM   644  C CE  . LYS A 1 80  ? -9.35310  -3.60172  1.20801   1.000 32.43146 ?  139 LYS A CE  1 
ATOM   645  N NZ  . LYS A 1 80  ? -9.26027  -2.32330  1.99221   1.000 30.84451 1  139 LYS A NZ  1 
ATOM   646  N N   . ILE A 1 81  ? -3.48226  -3.77944  -1.25772  1.000 8.78296  ?  140 ILE A N   1 
ATOM   647  C CA  . ILE A 1 81  ? -2.51527  -3.59706  -2.34045  1.000 7.85833  ?  140 ILE A CA  1 
ATOM   648  C C   . ILE A 1 81  ? -1.76885  -4.89757  -2.60174  1.000 8.29436  ?  140 ILE A C   1 
ATOM   649  O O   . ILE A 1 81  ? -1.64488  -5.34565  -3.74555  1.000 9.41885  ?  140 ILE A O   1 
ATOM   650  C CB  . ILE A 1 81  ? -1.54292  -2.45121  -2.00995  1.000 8.47394  ?  140 ILE A CB  1 
ATOM   651  C CG1 . ILE A 1 81  ? -2.28708  -1.11781  -1.90795  1.000 9.66890  ?  140 ILE A CG1 1 
ATOM   652  C CG2 . ILE A 1 81  ? -0.42433  -2.38731  -3.05536  1.000 9.51901  ?  140 ILE A CG2 1 
ATOM   653  C CD1 . ILE A 1 81  ? -1.35333  0.05376   -1.58181  1.000 9.45182  ?  140 ILE A CD1 1 
ATOM   654  N N   . PHE A 1 82  ? -1.26562  -5.52503  -1.53857  1.000 8.70114  ?  141 PHE A N   1 
ATOM   655  C CA  . PHE A 1 82  ? -0.45037  -6.72021  -1.72631  1.000 7.61612  ?  141 PHE A CA  1 
ATOM   656  C C   . PHE A 1 82  ? -1.30324  -7.92156  -2.11868  1.000 10.41854 ?  141 PHE A C   1 
ATOM   657  O O   . PHE A 1 82  ? -0.92427  -8.69074  -3.01044  1.000 10.77969 ?  141 PHE A O   1 
ATOM   658  C CB  . PHE A 1 82  ? 0.36132   -6.98384  -0.45920  1.000 10.49431 ?  141 PHE A CB  1 
ATOM   659  C CG  . PHE A 1 82  ? 1.22512   -5.82314  -0.06863  1.000 11.54928 ?  141 PHE A CG  1 
ATOM   660  C CD1 . PHE A 1 82  ? 2.00692   -5.19747  -1.02124  1.000 13.75053 ?  141 PHE A CD1 1 
ATOM   661  C CD2 . PHE A 1 82  ? 1.24451   -5.34272  1.24315   1.000 11.51791 ?  141 PHE A CD2 1 
ATOM   662  C CE1 . PHE A 1 82  ? 2.80949   -4.10606  -0.68472  1.000 18.82586 ?  141 PHE A CE1 1 
ATOM   663  C CE2 . PHE A 1 82  ? 2.05596   -4.25188  1.58465   1.000 14.16780 ?  141 PHE A CE2 1 
ATOM   664  C CZ  . PHE A 1 82  ? 2.82418   -3.63713  0.61081   1.000 14.71499 ?  141 PHE A CZ  1 
ATOM   665  N N   . ASP A 1 83  ? -2.46158  -8.08769  -1.48929  1.000 10.53097 ?  142 ASP A N   1 
ATOM   666  C CA  . ASP A 1 83  ? -3.31208  -9.22781  -1.82324  1.000 11.84844 ?  142 ASP A CA  1 
ATOM   667  C C   . ASP A 1 83  ? -3.81014  -9.13678  -3.26064  1.000 12.66839 ?  142 ASP A C   1 
ATOM   668  O O   . ASP A 1 83  ? -3.86137  -10.14788 -3.97892  1.000 9.28014  ?  142 ASP A O   1 
ATOM   669  C CB  . ASP A 1 83  ? -4.48890  -9.30966  -0.84135  1.000 10.95805 ?  142 ASP A CB  1 
ATOM   670  C CG  . ASP A 1 83  ? -4.06687  -9.78075  0.55166   1.000 14.10092 ?  142 ASP A CG  1 
ATOM   671  O OD1 . ASP A 1 83  ? -2.88601  -10.13536 0.74799   1.000 18.14810 ?  142 ASP A OD1 1 
ATOM   672  O OD2 . ASP A 1 83  ? -4.91917  -9.75607  1.45573   1.000 22.47145 -1 142 ASP A OD2 1 
ATOM   673  N N   . ASN A 1 84  ? -4.18681  -7.93411  -3.70258  1.000 8.62321  ?  143 ASN A N   1 
ATOM   674  C CA  . ASN A 1 84  ? -4.61504  -7.77341  -5.08987  1.000 7.97089  ?  143 ASN A CA  1 
ATOM   675  C C   . ASN A 1 84  ? -3.50810  -8.18586  -6.04262  1.000 8.61508  ?  143 ASN A C   1 
ATOM   676  O O   . ASN A 1 84  ? -3.76509  -8.85747  -7.04982  1.000 9.02152  ?  143 ASN A O   1 
ATOM   677  C CB  . ASN A 1 84  ? -5.00810  -6.32121  -5.37325  1.000 7.90244  ?  143 ASN A CB  1 
ATOM   678  C CG  . ASN A 1 84  ? -6.27645  -5.89260  -4.66635  1.000 8.87445  ?  143 ASN A CG  1 
ATOM   679  O OD1 . ASN A 1 84  ? -7.02853  -6.70544  -4.12698  1.000 10.87895 ?  143 ASN A OD1 1 
ATOM   680  N ND2 . ASN A 1 84  ? -6.53008  -4.58341  -4.68749  1.000 8.89306  ?  143 ASN A ND2 1 
ATOM   681  N N   . CYS A 1 85  ? -2.26803  -7.79264  -5.73397  1.000 7.50223  ?  144 CYS A N   1 
ATOM   682  C CA  . CYS A 1 85  ? -1.14557  -8.05389  -6.62072  1.000 8.16565  ?  144 CYS A CA  1 
ATOM   683  C C   . CYS A 1 85  ? -0.87556  -9.54672  -6.72581  1.000 8.24445  ?  144 CYS A C   1 
ATOM   684  O O   . CYS A 1 85  ? -0.63776  -10.06763 -7.82016  1.000 12.91909 ?  144 CYS A O   1 
ATOM   685  C CB  . CYS A 1 85  ? 0.08038   -7.31092  -6.09721  1.000 9.90923  ?  144 CYS A CB  1 
ATOM   686  S SG  . CYS A 1 85  ? 1.64778   -7.77372  -6.87829  1.000 11.40434 ?  144 CYS A SG  1 
ATOM   687  N N   . ARG A 1 86  ? -0.92558  -10.24442 -5.59856  1.000 8.07021  ?  145 ARG A N   1 
ATOM   688  C CA  . ARG A 1 86  ? -0.60622  -11.66668 -5.61378  1.000 9.49253  ?  145 ARG A CA  1 
ATOM   689  C C   . ARG A 1 86  ? -1.72046  -12.47766 -6.25063  1.000 11.54990 ?  145 ARG A C   1 
ATOM   690  O O   . ARG A 1 86  ? -1.45905  -13.54776 -6.79828  1.000 13.54975 ?  145 ARG A O   1 
ATOM   691  C CB  . ARG A 1 86  ? -0.31920  -12.15788 -4.19613  1.000 14.10760 ?  145 ARG A CB  1 
ATOM   692  C CG  . ARG A 1 86  ? 1.02627   -11.67132 -3.68317  1.000 16.62092 ?  145 ARG A CG  1 
ATOM   693  C CD  . ARG A 1 86  ? 1.38053   -12.30409 -2.35886  1.000 22.65543 ?  145 ARG A CD  1 
ATOM   694  N NE  . ARG A 1 86  ? 0.59759   -11.70873 -1.29145  1.000 25.75045 ?  145 ARG A NE  1 
ATOM   695  C CZ  . ARG A 1 86  ? 1.07523   -10.84258 -0.40343  1.000 22.88056 ?  145 ARG A CZ  1 
ATOM   696  N NH1 . ARG A 1 86  ? 0.27187   -10.33394 0.52230   1.000 25.39364 1  145 ARG A NH1 1 
ATOM   697  N NH2 . ARG A 1 86  ? 2.35525   -10.49211 -0.43172  1.000 28.90663 ?  145 ARG A NH2 1 
ATOM   698  N N   . TYR A 1 87  ? -2.96304  -11.98941 -6.18508  1.000 9.23347  ?  146 TYR A N   1 
ATOM   699  C CA  . TYR A 1 87  ? -4.07836  -12.66796 -6.83170  1.000 8.39299  ?  146 TYR A CA  1 
ATOM   700  C C   . TYR A 1 87  ? -4.06652  -12.45821 -8.33900  1.000 9.42114  ?  146 TYR A C   1 
ATOM   701  O O   . TYR A 1 87  ? -4.34933  -13.39139 -9.10295  1.000 11.94002 ?  146 TYR A O   1 
ATOM   702  C CB  . TYR A 1 87  ? -5.38451  -12.15003 -6.23476  1.000 9.77774  ?  146 TYR A CB  1 
ATOM   703  C CG  . TYR A 1 87  ? -6.67445  -12.70314 -6.81257  1.000 8.73152  ?  146 TYR A CG  1 
ATOM   704  C CD1 . TYR A 1 87  ? -6.98800  -14.05911 -6.71703  1.000 9.34234  ?  146 TYR A CD1 1 
ATOM   705  C CD2 . TYR A 1 87  ? -7.60473  -11.85353 -7.39060  1.000 11.10193 ?  146 TYR A CD2 1 
ATOM   706  C CE1 . TYR A 1 87  ? -8.18716  -14.54363 -7.20986  1.000 10.12215 ?  146 TYR A CE1 1 
ATOM   707  C CE2 . TYR A 1 87  ? -8.80388  -12.33220 -7.88152  1.000 13.20283 ?  146 TYR A CE2 1 
ATOM   708  C CZ  . TYR A 1 87  ? -9.08252  -13.67617 -7.79403  1.000 11.99200 ?  146 TYR A CZ  1 
ATOM   709  O OH  . TYR A 1 87  ? -10.28360 -14.16938 -8.27813  1.000 16.05401 ?  146 TYR A OH  1 
ATOM   710  N N   . TYR A 1 88  ? -3.75412  -11.24574 -8.79179  1.000 10.35152 ?  147 TYR A N   1 
ATOM   711  C CA  . TYR A 1 88  ? -3.79763  -10.95468 -10.22110 1.000 9.31670  ?  147 TYR A CA  1 
ATOM   712  C C   . TYR A 1 88  ? -2.61809  -11.55490 -10.97022 1.000 11.56137 ?  147 TYR A C   1 
ATOM   713  O O   . TYR A 1 88  ? -2.76606  -11.95584 -12.13424 1.000 13.52531 ?  147 TYR A O   1 
ATOM   714  C CB  . TYR A 1 88  ? -3.83508  -9.44040  -10.43535 1.000 11.19531 ?  147 TYR A CB  1 
ATOM   715  C CG  . TYR A 1 88  ? -3.91893  -9.04958  -11.88522 1.000 14.55640 ?  147 TYR A CG  1 
ATOM   716  C CD1 . TYR A 1 88  ? -5.08902  -9.24519  -12.60619 1.000 19.32662 ?  147 TYR A CD1 1 
ATOM   717  C CD2 . TYR A 1 88  ? -2.83527  -8.48988  -12.53102 1.000 15.56949 ?  147 TYR A CD2 1 
ATOM   718  C CE1 . TYR A 1 88  ? -5.17078  -8.89580  -13.93806 1.000 18.93360 ?  147 TYR A CE1 1 
ATOM   719  C CE2 . TYR A 1 88  ? -2.90690  -8.13011  -13.86532 1.000 15.01743 ?  147 TYR A CE2 1 
ATOM   720  C CZ  . TYR A 1 88  ? -4.07789  -8.34053  -14.55852 1.000 17.23502 ?  147 TYR A CZ  1 
ATOM   721  O OH  . TYR A 1 88  ? -4.15802  -7.98797  -15.88283 1.000 25.78215 ?  147 TYR A OH  1 
ATOM   722  N N   . ASN A 1 89  ? -1.45132  -11.61760 -10.33175 1.000 11.10284 ?  148 ASN A N   1 
ATOM   723  C CA  . ASN A 1 89  ? -0.22093  -11.99050 -11.00207 1.000 11.26183 ?  148 ASN A CA  1 
ATOM   724  C C   . ASN A 1 89  ? 0.24643   -13.37528 -10.57841 1.000 12.11490 ?  148 ASN A C   1 
ATOM   725  O O   . ASN A 1 89  ? 0.08114   -13.76339 -9.41907  1.000 10.87858 ?  148 ASN A O   1 
ATOM   726  C CB  . ASN A 1 89  ? 0.88172   -10.97930 -10.66807 1.000 10.80863 ?  148 ASN A CB  1 
ATOM   727  C CG  . ASN A 1 89  ? 0.61768   -9.62100  -11.27450 1.000 11.04352 ?  148 ASN A CG  1 
ATOM   728  O OD1 . ASN A 1 89  ? 0.70865   -9.44754  -12.49175 1.000 14.94439 ?  148 ASN A OD1 1 
ATOM   729  N ND2 . ASN A 1 89  ? 0.27699   -8.64043  -10.42964 1.000 9.92783  ?  148 ASN A ND2 1 
ATOM   730  N N   . PRO A 1 90  ? 0.88930   -14.12571 -11.47008 1.000 13.95862 ?  149 PRO A N   1 
ATOM   731  C CA  . PRO A 1 90  ? 1.47661   -15.40238 -11.05990 1.000 16.41661 ?  149 PRO A CA  1 
ATOM   732  C C   . PRO A 1 90  ? 2.68686   -15.18109 -10.17064 1.000 17.30480 ?  149 PRO A C   1 
ATOM   733  O O   . PRO A 1 90  ? 3.32814   -14.12731 -10.20072 1.000 14.88879 ?  149 PRO A O   1 
ATOM   734  C CB  . PRO A 1 90  ? 1.87597   -16.05547 -12.38532 1.000 19.22173 ?  149 PRO A CB  1 
ATOM   735  C CG  . PRO A 1 90  ? 2.14501   -14.90439 -13.28865 1.000 19.92387 ?  149 PRO A CG  1 
ATOM   736  C CD  . PRO A 1 90  ? 1.18318   -13.80186 -12.87659 1.000 15.09226 ?  149 PRO A CD  1 
ATOM   737  N N   . SER A 1 91  ? 3.01334   -16.21272 -9.38791  1.000 17.89457 ?  150 SER A N   1 
ATOM   738  C CA  . SER A 1 91  ? 4.04744   -16.07888 -8.36699  1.000 14.24194 ?  150 SER A CA  1 
ATOM   739  C C   . SER A 1 91  ? 5.44933   -15.88901 -8.93248  1.000 18.41308 ?  150 SER A C   1 
ATOM   740  O O   . SER A 1 91  ? 6.34163   -15.50430 -8.16988  1.000 24.49304 ?  150 SER A O   1 
ATOM   741  C CB  . SER A 1 91  ? 4.02828   -17.28571 -7.42383  1.000 20.20852 ?  150 SER A CB  1 
ATOM   742  O OG  . SER A 1 91  ? 4.28259   -18.49629 -8.11714  1.000 26.96806 ?  150 SER A OG  1 
ATOM   743  N N   . ASP A 1 92  ? 5.67383   -16.13211 -10.22239 1.000 18.36265 ?  151 ASP A N   1 
ATOM   744  C CA  . ASP A 1 92  ? 6.97718   -15.87257 -10.82466 1.000 17.73745 ?  151 ASP A CA  1 
ATOM   745  C C   . ASP A 1 92  ? 7.01671   -14.55907 -11.60063 1.000 27.01246 ?  151 ASP A C   1 
ATOM   746  O O   . ASP A 1 92  ? 7.96450   -14.32001 -12.35824 1.000 24.59577 ?  151 ASP A O   1 
ATOM   747  C CB  . ASP A 1 92  ? 7.39937   -17.05050 -11.71654 1.000 21.09561 ?  151 ASP A CB  1 
ATOM   748  C CG  . ASP A 1 92  ? 6.46780   -17.27819 -12.89481 1.000 34.78317 ?  151 ASP A CG  1 
ATOM   749  O OD1 . ASP A 1 92  ? 5.42087   -16.60758 -13.00262 1.000 25.83228 ?  151 ASP A OD1 1 
ATOM   750  O OD2 . ASP A 1 92  ? 6.79529   -18.14213 -13.73517 1.000 41.97099 -1 151 ASP A OD2 1 
ATOM   751  N N   . SER A 1 93  ? 6.02184   -13.69929 -11.41562 1.000 16.18607 ?  152 SER A N   1 
ATOM   752  C CA  A SER A 1 93  ? 5.97873   -12.40671 -12.08924 0.752 16.03766 ?  152 SER A CA  1 
ATOM   753  C CA  B SER A 1 93  ? 5.98736   -12.41266 -12.09568 0.248 16.14782 ?  152 SER A CA  1 
ATOM   754  C C   . SER A 1 93  ? 6.82284   -11.38303 -11.33655 1.000 15.36622 ?  152 SER A C   1 
ATOM   755  O O   . SER A 1 93  ? 6.84904   -11.39278 -10.10895 1.000 15.83013 ?  152 SER A O   1 
ATOM   756  C CB  A SER A 1 93  ? 4.54645   -11.89370 -12.17494 0.752 16.68033 ?  152 SER A CB  1 
ATOM   757  C CB  B SER A 1 93  ? 4.55050   -11.91205 -12.21896 0.248 16.72614 ?  152 SER A CB  1 
ATOM   758  O OG  A SER A 1 93  ? 4.53970   -10.53984 -12.59995 0.752 20.48343 ?  152 SER A OG  1 
ATOM   759  O OG  B SER A 1 93  ? 4.52375   -10.55537 -12.62809 0.248 20.27416 ?  152 SER A OG  1 
ATOM   760  N N   . PRO A 1 94  ? 7.49770   -10.47580 -12.04051 1.000 16.13908 ?  153 PRO A N   1 
ATOM   761  C CA  . PRO A 1 94  ? 8.17037   -9.37779  -11.32860 1.000 14.84471 ?  153 PRO A CA  1 
ATOM   762  C C   . PRO A 1 94  ? 7.20730   -8.55740  -10.48717 1.000 14.83866 ?  153 PRO A C   1 
ATOM   763  O O   . PRO A 1 94  ? 7.61061   -8.02800  -9.44091  1.000 13.54930 ?  153 PRO A O   1 
ATOM   764  C CB  . PRO A 1 94  ? 8.79685   -8.54604  -12.45612 1.000 20.75989 ?  153 PRO A CB  1 
ATOM   765  C CG  . PRO A 1 94  ? 8.04869   -8.95037  -13.70298 1.000 20.25598 ?  153 PRO A CG  1 
ATOM   766  C CD  . PRO A 1 94  ? 7.62898   -10.37141 -13.50276 1.000 19.47228 ?  153 PRO A CD  1 
ATOM   767  N N   . PHE A 1 95  ? 5.94398   -8.43582  -10.91111 1.000 11.36506 ?  154 PHE A N   1 
ATOM   768  C CA  . PHE A 1 95  ? 4.96656   -7.69913  -10.11349 1.000 11.85057 ?  154 PHE A CA  1 
ATOM   769  C C   . PHE A 1 95  ? 4.70944   -8.39147  -8.78166  1.000 11.37368 ?  154 PHE A C   1 
ATOM   770  O O   . PHE A 1 95  ? 4.68101   -7.73567  -7.73282  1.000 12.94105 ?  154 PHE A O   1 
ATOM   771  C CB  . PHE A 1 95  ? 3.67014   -7.51890  -10.90869 1.000 11.22859 ?  154 PHE A CB  1 
ATOM   772  C CG  . PHE A 1 95  ? 3.82590   -6.63709  -12.10690 1.000 15.55599 ?  154 PHE A CG  1 
ATOM   773  C CD1 . PHE A 1 95  ? 3.70530   -5.26012  -11.98947 1.000 18.68074 ?  154 PHE A CD1 1 
ATOM   774  C CD2 . PHE A 1 95  ? 4.08987   -7.17495  -13.35308 1.000 18.12375 ?  154 PHE A CD2 1 
ATOM   775  C CE1 . PHE A 1 95  ? 3.84876   -4.43398  -13.09480 1.000 25.08883 ?  154 PHE A CE1 1 
ATOM   776  C CE2 . PHE A 1 95  ? 4.23605   -6.35692  -14.45961 1.000 28.45757 ?  154 PHE A CE2 1 
ATOM   777  C CZ  . PHE A 1 95  ? 4.11374   -4.98624  -14.33068 1.000 28.51604 ?  154 PHE A CZ  1 
ATOM   778  N N   . TYR A 1 96  ? 4.54572   -9.71909  -8.80204  1.000 11.64034 ?  155 TYR A N   1 
ATOM   779  C CA  . TYR A 1 96  ? 4.40227   -10.49195 -7.57455  1.000 11.63795 ?  155 TYR A CA  1 
ATOM   780  C C   . TYR A 1 96  ? 5.60937   -10.30839 -6.65706  1.000 12.95172 ?  155 TYR A C   1 
ATOM   781  O O   . TYR A 1 96  ? 5.46183   -10.14564 -5.43694  1.000 12.28101 ?  155 TYR A O   1 
ATOM   782  C CB  . TYR A 1 96  ? 4.21244   -11.96669 -7.95026  1.000 13.17992 ?  155 TYR A CB  1 
ATOM   783  C CG  . TYR A 1 96  ? 3.74868   -12.87965 -6.84553  1.000 9.34336  ?  155 TYR A CG  1 
ATOM   784  C CD1 . TYR A 1 96  ? 2.44236   -13.34973 -6.80820  1.000 13.73773 ?  155 TYR A CD1 1 
ATOM   785  C CD2 . TYR A 1 96  ? 4.62851   -13.29823 -5.84696  1.000 11.47294 ?  155 TYR A CD2 1 
ATOM   786  C CE1 . TYR A 1 96  ? 2.02081   -14.20087 -5.80111  1.000 12.13834 ?  155 TYR A CE1 1 
ATOM   787  C CE2 . TYR A 1 96  ? 4.21351   -14.14728 -4.84435  1.000 16.05696 ?  155 TYR A CE2 1 
ATOM   788  C CZ  . TYR A 1 96  ? 2.91106   -14.59129 -4.82303  1.000 14.78263 ?  155 TYR A CZ  1 
ATOM   789  O OH  . TYR A 1 96  ? 2.50127   -15.43962 -3.82174  1.000 20.35938 ?  155 TYR A OH  1 
ATOM   790  N N   . GLN A 1 97  ? 6.81261   -10.33011 -7.22771  1.000 12.95262 ?  156 GLN A N   1 
ATOM   791  C CA  . GLN A 1 97  ? 8.01930   -10.11934 -6.43855  1.000 14.46294 ?  156 GLN A CA  1 
ATOM   792  C C   . GLN A 1 97  ? 7.96275   -8.79184  -5.69837  1.000 12.33524 ?  156 GLN A C   1 
ATOM   793  O O   . GLN A 1 97  ? 8.39249   -8.69720  -4.53996  1.000 12.41714 ?  156 GLN A O   1 
ATOM   794  C CB  . GLN A 1 97  ? 9.24634   -10.16759 -7.34715  1.000 16.86280 ?  156 GLN A CB  1 
ATOM   795  C CG  . GLN A 1 97  ? 10.57001  -10.06616 -6.60791  1.000 23.30385 ?  156 GLN A CG  1 
ATOM   796  C CD  . GLN A 1 97  ? 11.76518  -9.92433  -7.54307  1.000 34.93317 ?  156 GLN A CD  1 
ATOM   797  O OE1 . GLN A 1 97  ? 11.63433  -9.48670  -8.68658  1.000 37.10248 ?  156 GLN A OE1 1 
ATOM   798  N NE2 . GLN A 1 97  ? 12.93863  -10.29261 -7.05223  1.000 41.69411 ?  156 GLN A NE2 1 
ATOM   799  N N   . CYS A 1 98  ? 7.44462   -7.74996  -6.35699  1.000 12.61837 ?  157 CYS A N   1 
ATOM   800  C CA  . CYS A 1 98  ? 7.37338   -6.44296  -5.71855  1.000 11.56001 ?  157 CYS A CA  1 
ATOM   801  C C   . CYS A 1 98  ? 6.51222   -6.51108  -4.47033  1.000 11.50281 ?  157 CYS A C   1 
ATOM   802  O O   . CYS A 1 98  ? 6.86261   -5.93923  -3.43445  1.000 13.47079 ?  157 CYS A O   1 
ATOM   803  C CB  . CYS A 1 98  ? 6.82771   -5.39693  -6.69123  1.000 14.76703 ?  157 CYS A CB  1 
ATOM   804  S SG  . CYS A 1 98  ? 7.97572   -4.91949  -7.98800  1.000 19.73467 ?  157 CYS A SG  1 
ATOM   805  N N   . ALA A 1 99  ? 5.38927   -7.23266  -4.53469  1.000 11.70068 ?  158 ALA A N   1 
ATOM   806  C CA  . ALA A 1 99  ? 4.54045   -7.34315  -3.35745  1.000 11.60155 ?  158 ALA A CA  1 
ATOM   807  C C   . ALA A 1 99  ? 5.25726   -8.08319  -2.23978  1.000 13.10008 ?  158 ALA A C   1 
ATOM   808  O O   . ALA A 1 99  ? 5.14364   -7.71258  -1.06462  1.000 12.59072 ?  158 ALA A O   1 
ATOM   809  C CB  . ALA A 1 99  ? 3.22791   -8.04105  -3.71665  1.000 14.48470 ?  158 ALA A CB  1 
ATOM   810  N N   . GLU A 1 100 ? 6.02021   -9.12109  -2.58622  1.000 9.98044  ?  159 GLU A N   1 
ATOM   811  C CA  . GLU A 1 100 ? 6.75887   -9.86389  -1.56675  1.000 14.21984 ?  159 GLU A CA  1 
ATOM   812  C C   . GLU A 1 100 ? 7.75194   -8.96466  -0.83843  1.000 12.76646 ?  159 GLU A C   1 
ATOM   813  O O   . GLU A 1 100 ? 7.81479   -8.96164  0.39767   1.000 13.86878 ?  159 GLU A O   1 
ATOM   814  C CB  . GLU A 1 100 ? 7.48488   -11.05117 -2.20784  1.000 12.64880 ?  159 GLU A CB  1 
ATOM   815  C CG  . GLU A 1 100 ? 6.57025   -12.10818 -2.79487  1.000 15.61996 ?  159 GLU A CG  1 
ATOM   816  C CD  . GLU A 1 100 ? 7.37033   -13.24028 -3.42314  1.000 27.21187 ?  159 GLU A CD  1 
ATOM   817  O OE1 . GLU A 1 100 ? 8.33706   -12.94260 -4.15724  1.000 29.39545 ?  159 GLU A OE1 1 
ATOM   818  O OE2 . GLU A 1 100 ? 7.05456   -14.42240 -3.16828  1.000 28.94476 -1 159 GLU A OE2 1 
ATOM   819  N N   . VAL A 1 101 ? 8.55035   -8.20647  -1.59068  1.000 10.46775 ?  160 VAL A N   1 
ATOM   820  C CA  . VAL A 1 101 ? 9.55767   -7.34008  -0.98481  1.000 9.94110  ?  160 VAL A CA  1 
ATOM   821  C C   . VAL A 1 101 ? 8.90041   -6.20320  -0.22305  1.000 11.15284 ?  160 VAL A C   1 
ATOM   822  O O   . VAL A 1 101 ? 9.24998   -5.91542  0.93329   1.000 11.17966 ?  160 VAL A O   1 
ATOM   823  C CB  . VAL A 1 101 ? 10.51082  -6.79860  -2.06437  1.000 12.11919 ?  160 VAL A CB  1 
ATOM   824  C CG1 . VAL A 1 101 ? 11.58966  -5.94942  -1.44049  1.000 17.92746 ?  160 VAL A CG1 1 
ATOM   825  C CG2 . VAL A 1 101 ? 11.11879  -7.95050  -2.86370  1.000 17.29730 ?  160 VAL A CG2 1 
ATOM   826  N N   . LEU A 1 102 ? 7.93957   -5.52930  -0.86016  1.000 11.19889 ?  161 LEU A N   1 
ATOM   827  C CA  . LEU A 1 102 ? 7.39407   -4.33760  -0.22925  1.000 9.33028  ?  161 LEU A CA  1 
ATOM   828  C C   . LEU A 1 102 ? 6.53455   -4.68734  0.97107   1.000 10.08301 ?  161 LEU A C   1 
ATOM   829  O O   . LEU A 1 102 ? 6.46524   -3.89971  1.92131   1.000 10.97719 ?  161 LEU A O   1 
ATOM   830  C CB  . LEU A 1 102 ? 6.59846   -3.51341  -1.23929  1.000 11.09416 ?  161 LEU A CB  1 
ATOM   831  C CG  . LEU A 1 102 ? 6.38204   -2.05441  -0.81778  1.000 12.74265 ?  161 LEU A CG  1 
ATOM   832  C CD1 . LEU A 1 102 ? 7.69290   -1.27593  -0.76894  1.000 17.31825 ?  161 LEU A CD1 1 
ATOM   833  C CD2 . LEU A 1 102 ? 5.38151   -1.38779  -1.74728  1.000 18.03925 ?  161 LEU A CD2 1 
ATOM   834  N N   . GLU A 1 103 ? 5.87134   -5.84786  0.96681   1.000 9.16136  ?  162 GLU A N   1 
ATOM   835  C CA  . GLU A 1 103 ? 5.10342   -6.18316  2.15639   1.000 11.05471 ?  162 GLU A CA  1 
ATOM   836  C C   . GLU A 1 103 ? 6.02074   -6.44558  3.34383   1.000 10.29233 ?  162 GLU A C   1 
ATOM   837  O O   . GLU A 1 103 ? 5.70642   -6.04026  4.46649   1.000 9.81852  ?  162 GLU A O   1 
ATOM   838  C CB  . GLU A 1 103 ? 4.17765   -7.37542  1.92022   1.000 15.24495 ?  162 GLU A CB  1 
ATOM   839  C CG  . GLU A 1 103 ? 3.29397   -7.62860  3.15547   1.000 14.07433 ?  162 GLU A CG  1 
ATOM   840  C CD  . GLU A 1 103 ? 2.06522   -8.47955  2.86394   1.000 24.93142 ?  162 GLU A CD  1 
ATOM   841  O OE1 . GLU A 1 103 ? 2.17456   -9.42587  2.06578   1.000 23.14443 ?  162 GLU A OE1 1 
ATOM   842  O OE2 . GLU A 1 103 ? 0.98445   -8.19993  3.43326   1.000 28.72102 -1 162 GLU A OE2 1 
ATOM   843  N N   . SER A 1 104 ? 7.15700   -7.11980  3.13441   1.000 12.27063 ?  163 SER A N   1 
ATOM   844  C CA  A SER A 1 104 ? 8.05383   -7.33408  4.26558   0.741 11.47475 ?  163 SER A CA  1 
ATOM   845  C CA  B SER A 1 104 ? 8.06114   -7.33453  4.26020   0.259 11.60521 ?  163 SER A CA  1 
ATOM   846  C C   . SER A 1 104 ? 8.63869   -6.01723  4.75770   1.000 10.49405 ?  163 SER A C   1 
ATOM   847  O O   . SER A 1 104 ? 8.83424   -5.84259  5.96208   1.000 11.97832 ?  163 SER A O   1 
ATOM   848  C CB  A SER A 1 104 ? 9.16373   -8.31440  3.89769   0.741 16.51393 ?  163 SER A CB  1 
ATOM   849  C CB  B SER A 1 104 ? 9.18102   -8.29724  3.87308   0.259 16.46069 ?  163 SER A CB  1 
ATOM   850  O OG  A SER A 1 104 ? 9.90176   -7.86598  2.78233   0.741 24.53482 ?  163 SER A OG  1 
ATOM   851  O OG  B SER A 1 104 ? 9.98345   -7.75788  2.84131   0.259 23.85516 ?  163 SER A OG  1 
ATOM   852  N N   . PHE A 1 105 ? 8.91166   -5.08832  3.84229   1.000 11.55271 ?  164 PHE A N   1 
ATOM   853  C CA  . PHE A 1 105 ? 9.37706   -3.76041  4.22399   1.000 9.66990  ?  164 PHE A CA  1 
ATOM   854  C C   . PHE A 1 105 ? 8.29197   -3.01115  4.98510   1.000 7.54818  ?  164 PHE A C   1 
ATOM   855  O O   . PHE A 1 105 ? 8.56292   -2.39965  6.02522   1.000 10.43606 ?  164 PHE A O   1 
ATOM   856  C CB  . PHE A 1 105 ? 9.79750   -3.00788  2.96394   1.000 9.20893  ?  164 PHE A CB  1 
ATOM   857  C CG  . PHE A 1 105 ? 10.27953  -1.61252  3.19186   1.000 11.16010 ?  164 PHE A CG  1 
ATOM   858  C CD1 . PHE A 1 105 ? 11.51457  -1.36779  3.77305   1.000 12.73427 ?  164 PHE A CD1 1 
ATOM   859  C CD2 . PHE A 1 105 ? 9.52859   -0.53648  2.76787   1.000 11.96886 ?  164 PHE A CD2 1 
ATOM   860  C CE1 . PHE A 1 105 ? 11.96457  -0.07029  3.94512   1.000 11.80080 ?  164 PHE A CE1 1 
ATOM   861  C CE2 . PHE A 1 105 ? 9.97703   0.76272   2.94067   1.000 10.40116 ?  164 PHE A CE2 1 
ATOM   862  C CZ  . PHE A 1 105 ? 11.19301  0.99880   3.51987   1.000 15.59621 ?  164 PHE A CZ  1 
ATOM   863  N N   . PHE A 1 106 ? 7.04971   -3.07691  4.50447   1.000 10.20422 ?  165 PHE A N   1 
ATOM   864  C CA  . PHE A 1 106 ? 5.94446   -2.47024  5.24038   1.000 9.64989  ?  165 PHE A CA  1 
ATOM   865  C C   . PHE A 1 106 ? 5.84339   -3.02887  6.65096   1.000 9.45715  ?  165 PHE A C   1 
ATOM   866  O O   . PHE A 1 106 ? 5.64190   -2.27084  7.60731   1.000 10.45039 ?  165 PHE A O   1 
ATOM   867  C CB  . PHE A 1 106 ? 4.62089   -2.68582  4.50340   1.000 10.72868 ?  165 PHE A CB  1 
ATOM   868  C CG  . PHE A 1 106 ? 3.40838   -2.24099  5.29144   1.000 8.18830  ?  165 PHE A CG  1 
ATOM   869  C CD1 . PHE A 1 106 ? 3.23612   -0.89604  5.62225   1.000 8.96562  ?  165 PHE A CD1 1 
ATOM   870  C CD2 . PHE A 1 106 ? 2.44775   -3.15746  5.68715   1.000 9.72688  ?  165 PHE A CD2 1 
ATOM   871  C CE1 . PHE A 1 106 ? 2.11985   -0.47986  6.35752   1.000 11.73857 ?  165 PHE A CE1 1 
ATOM   872  C CE2 . PHE A 1 106 ? 1.32977   -2.74831  6.40549   1.000 11.38667 ?  165 PHE A CE2 1 
ATOM   873  C CZ  . PHE A 1 106 ? 1.17668   -1.41308  6.74447   1.000 11.89879 ?  165 PHE A CZ  1 
ATOM   874  N N   . VAL A 1 107 ? 5.98295   -4.35121  6.80172   1.000 8.61047  ?  166 VAL A N   1 
ATOM   875  C CA  . VAL A 1 107 ? 5.90416   -4.94686  8.12976   1.000 8.15830  ?  166 VAL A CA  1 
ATOM   876  C C   . VAL A 1 107 ? 6.99879   -4.39336  9.03217   1.000 8.60370  ?  166 VAL A C   1 
ATOM   877  O O   . VAL A 1 107 ? 6.74806   -4.05417  10.19683  1.000 10.17808 ?  166 VAL A O   1 
ATOM   878  C CB  . VAL A 1 107 ? 5.94567   -6.48131  8.03520   1.000 9.88728  ?  166 VAL A CB  1 
ATOM   879  C CG1 . VAL A 1 107 ? 6.21275   -7.07631  9.40334   1.000 13.02376 ?  166 VAL A CG1 1 
ATOM   880  C CG2 . VAL A 1 107 ? 4.60247   -6.97277  7.51129   1.000 13.35278 ?  166 VAL A CG2 1 
ATOM   881  N N   . GLN A 1 108 ? 8.22191   -4.26879  8.51222   1.000 9.17806  ?  167 GLN A N   1 
ATOM   882  C CA  . GLN A 1 108 ? 9.29440   -3.68233  9.31040   1.000 9.01372  ?  167 GLN A CA  1 
ATOM   883  C C   . GLN A 1 108 ? 8.92885   -2.28089  9.77726   1.000 11.21144 ?  167 GLN A C   1 
ATOM   884  O O   . GLN A 1 108 ? 9.14081   -1.92325  10.94567  1.000 11.34515 ?  167 GLN A O   1 
ATOM   885  C CB  . GLN A 1 108 ? 10.57975  -3.64810  8.49313   1.000 10.49224 ?  167 GLN A CB  1 
ATOM   886  C CG  . GLN A 1 108 ? 11.20390  -5.01521  8.29634   1.000 13.83458 ?  167 GLN A CG  1 
ATOM   887  C CD  . GLN A 1 108 ? 12.34492  -4.98130  7.30149   1.000 10.20043 ?  167 GLN A CD  1 
ATOM   888  O OE1 . GLN A 1 108 ? 12.38045  -4.14089  6.40053   1.000 12.66380 ?  167 GLN A OE1 1 
ATOM   889  N NE2 . GLN A 1 108 ? 13.28174  -5.91156  7.44352   1.000 13.67301 ?  167 GLN A NE2 1 
ATOM   890  N N   . LYS A 1 109 ? 8.40628   -1.45983  8.86015   1.000 9.54633  ?  168 LYS A N   1 
ATOM   891  C CA  . LYS A 1 109 ? 8.08410   -0.07108  9.18329   1.000 10.01185 ?  168 LYS A CA  1 
ATOM   892  C C   . LYS A 1 109 ? 6.88397   0.00959   10.11285  1.000 11.72473 ?  168 LYS A C   1 
ATOM   893  O O   . LYS A 1 109 ? 6.82838   0.87517   10.99473  1.000 11.50997 ?  168 LYS A O   1 
ATOM   894  C CB  . LYS A 1 109 ? 7.81303   0.71580   7.89620   1.000 8.79099  ?  168 LYS A CB  1 
ATOM   895  C CG  . LYS A 1 109 ? 9.05797   0.97538   7.04656   1.000 11.26855 ?  168 LYS A CG  1 
ATOM   896  C CD  . LYS A 1 109 ? 10.01740  1.96653   7.71993   1.000 12.68041 ?  168 LYS A CD  1 
ATOM   897  C CE  . LYS A 1 109 ? 11.29406  2.12208   6.90768   1.000 15.74553 ?  168 LYS A CE  1 
ATOM   898  N NZ  . LYS A 1 109 ? 12.13310  3.25310   7.42232   1.000 20.59465 1  168 LYS A NZ  1 
ATOM   899  N N   . LEU A 1 110 ? 5.91472   -0.88445  9.91836   1.000 10.50804 ?  169 LEU A N   1 
ATOM   900  C CA  . LEU A 1 110 ? 4.72356   -0.89777  10.75470  1.000 9.85454  ?  169 LEU A CA  1 
ATOM   901  C C   . LEU A 1 110 ? 5.07240   -1.25414  12.18838  1.000 12.70049 ?  169 LEU A C   1 
ATOM   902  O O   . LEU A 1 110 ? 4.53245   -0.66276  13.12949  1.000 13.05968 ?  169 LEU A O   1 
ATOM   903  C CB  . LEU A 1 110 ? 3.70806   -1.88514  10.18373  1.000 10.42503 ?  169 LEU A CB  1 
ATOM   904  C CG  . LEU A 1 110 ? 2.40793   -2.09145  10.97147  1.000 11.88468 ?  169 LEU A CG  1 
ATOM   905  C CD1 . LEU A 1 110 ? 1.61918   -0.78323  11.00453  1.000 12.42254 ?  169 LEU A CD1 1 
ATOM   906  C CD2 . LEU A 1 110 ? 1.57504   -3.20685  10.35385  1.000 13.92991 ?  169 LEU A CD2 1 
ATOM   907  N N   . LYS A 1 111 ? 5.97671   -2.21126  12.37423  1.000 12.33308 ?  170 LYS A N   1 
ATOM   908  C CA  . LYS A 1 111 ? 6.38770   -2.55628  13.72599  1.000 10.75389 ?  170 LYS A CA  1 
ATOM   909  C C   . LYS A 1 111 ? 7.05820   -1.37266  14.40492  1.000 13.89196 ?  170 LYS A C   1 
ATOM   910  O O   . LYS A 1 111 ? 6.81821   -1.11026  15.58755  1.000 11.20136 ?  170 LYS A O   1 
ATOM   911  C CB  . LYS A 1 111 ? 7.30987   -3.77704  13.69162  1.000 11.21956 ?  170 LYS A CB  1 
ATOM   912  C CG  . LYS A 1 111 ? 6.59673   -5.06046  13.36405  1.000 15.68737 ?  170 LYS A CG  1 
ATOM   913  C CD  . LYS A 1 111 ? 7.56755   -6.22343  13.33414  1.000 20.87341 ?  170 LYS A CD  1 
ATOM   914  C CE  . LYS A 1 111 ? 6.83176   -7.53443  13.08620  1.000 30.01367 ?  170 LYS A CE  1 
ATOM   915  N NZ  . LYS A 1 111 ? 7.77744   -8.67672  12.95586  1.000 41.10571 1  170 LYS A NZ  1 
ATOM   916  N N   . GLY A 1 112 ? 7.89094   -0.63670  13.67057  1.000 11.89652 ?  171 GLY A N   1 
ATOM   917  C CA  . GLY A 1 112 ? 8.48473   0.56037   14.22908  1.000 11.73694 ?  171 GLY A CA  1 
ATOM   918  C C   . GLY A 1 112 ? 7.44541   1.61123   14.56333  1.000 12.47727 ?  171 GLY A C   1 
ATOM   919  O O   . GLY A 1 112 ? 7.53905   2.27884   15.59145  1.000 14.65890 ?  171 GLY A O   1 
ATOM   920  N N   . PHE A 1 113 ? 6.44069   1.77415   13.69687  1.000 11.33084 ?  172 PHE A N   1 
ATOM   921  C CA  . PHE A 1 113 ? 5.39914   2.75719   13.96652  1.000 11.93744 ?  172 PHE A CA  1 
ATOM   922  C C   . PHE A 1 113 ? 4.61044   2.39025   15.21679  1.000 13.24280 ?  172 PHE A C   1 
ATOM   923  O O   . PHE A 1 113 ? 4.33289   3.24936   16.05857  1.000 14.47664 ?  172 PHE A O   1 
ATOM   924  C CB  . PHE A 1 113 ? 4.46202   2.88978   12.76199  1.000 12.01687 ?  172 PHE A CB  1 
ATOM   925  C CG  . PHE A 1 113 ? 3.26487   3.75817   13.03379  1.000 11.85551 ?  172 PHE A CG  1 
ATOM   926  C CD1 . PHE A 1 113 ? 3.38556   5.13161   13.02511  1.000 16.32846 ?  172 PHE A CD1 1 
ATOM   927  C CD2 . PHE A 1 113 ? 2.03834   3.19551   13.33824  1.000 12.37198 ?  172 PHE A CD2 1 
ATOM   928  C CE1 . PHE A 1 113 ? 2.29262   5.93838   13.29669  1.000 21.90853 ?  172 PHE A CE1 1 
ATOM   929  C CE2 . PHE A 1 113 ? 0.94429   3.99621   13.61723  1.000 12.93795 ?  172 PHE A CE2 1 
ATOM   930  C CZ  . PHE A 1 113 ? 1.07193   5.36707   13.58990  1.000 13.99326 ?  172 PHE A CZ  1 
ATOM   931  N N   . LYS A 1 114 ? 4.23228   1.12382   15.34900  1.000 11.81385 ?  173 LYS A N   1 
ATOM   932  C CA  . LYS A 1 114 ? 3.50571   0.64765   16.52222  1.000 13.75917 ?  173 LYS A CA  1 
ATOM   933  C C   . LYS A 1 114 ? 2.09870   1.22758   16.58791  1.000 34.08201 ?  173 LYS A C   1 
ATOM   934  O O   . LYS A 1 114 ? 1.11655   0.49843   16.41312  1.000 51.09756 ?  173 LYS A O   1 
ATOM   935  C CB  . LYS A 1 114 ? 4.26880   0.99044   17.79552  1.000 20.69711 ?  173 LYS A CB  1 
ATOM   936  C CG  . LYS A 1 114 ? 5.71706   0.63292   17.70238  1.000 13.07164 ?  173 LYS A CG  1 
ATOM   937  C CD  . LYS A 1 114 ? 6.41212   0.96495   18.99791  1.000 15.86506 ?  173 LYS A CD  1 
ATOM   938  C CE  . LYS A 1 114 ? 6.43816   2.46579   19.21156  1.000 20.82698 ?  173 LYS A CE  1 
ATOM   939  N NZ  . LYS A 1 114 ? 6.62687   2.70990   20.64367  1.000 19.13759 1  173 LYS A NZ  1 
HETATM 940  C C10 . EUO B 2 .   ? 0.39389   0.63734   -14.65178 1.000 28.32564 ?  201 EUO A C10 1 
HETATM 941  C C13 . EUO B 2 .   ? 0.25986   1.63628   -12.62340 1.000 21.48271 ?  201 EUO A C13 1 
HETATM 942  C C20 . EUO B 2 .   ? -0.43580  -3.34799  -9.03561  1.000 14.11860 ?  201 EUO A C20 1 
HETATM 943  C C01 . EUO B 2 .   ? 0.28144   -4.81180  -11.40854 1.000 17.04933 ?  201 EUO A C01 1 
HETATM 944  C C03 . EUO B 2 .   ? 0.46526   -5.82117  -13.40707 1.000 25.54335 ?  201 EUO A C03 1 
HETATM 945  C C04 . EUO B 2 .   ? 0.47459   -4.57300  -14.03250 1.000 24.25668 ?  201 EUO A C04 1 
HETATM 946  C C05 . EUO B 2 .   ? 0.38114   -3.44388  -13.22365 1.000 26.86094 ?  201 EUO A C05 1 
HETATM 947  C C07 . EUO B 2 .   ? 0.38368   -2.01457  -13.75661 1.000 23.08291 ?  201 EUO A C07 1 
HETATM 948  C C08 . EUO B 2 .   ? 0.31765   -0.96039  -12.84498 1.000 22.25384 ?  201 EUO A C08 1 
HETATM 949  C C09 . EUO B 2 .   ? 0.32351   0.38204   -13.30587 1.000 15.28112 ?  201 EUO A C09 1 
HETATM 950  C C11 . EUO B 2 .   ? 0.46643   -0.44132  -15.57977 1.000 33.89328 ?  201 EUO A C11 1 
HETATM 951  C C12 . EUO B 2 .   ? 0.46212   -1.75860  -15.12513 1.000 29.60441 ?  201 EUO A C12 1 
HETATM 952  C C14 . EUO B 2 .   ? 0.30642   2.59050   -13.64031 1.000 20.46171 ?  201 EUO A C14 1 
HETATM 953  C C18 . EUO B 2 .   ? 0.84617   -7.05852  -15.58233 1.000 22.89481 ?  201 EUO A C18 1 
HETATM 954  N N02 . EUO B 2 .   ? 0.35981   -5.91652  -12.09573 1.000 15.10068 ?  201 EUO A N02 1 
HETATM 955  N N06 . EUO B 2 .   ? 0.29062   -3.60815  -11.92871 1.000 21.64862 ?  201 EUO A N06 1 
HETATM 956  N N15 . EUO B 2 .   ? 0.38417   1.98845   -14.81848 1.000 21.22439 ?  201 EUO A N15 1 
HETATM 957  N N17 . EUO B 2 .   ? 0.55957   -7.05580  -14.15619 1.000 23.05923 ?  201 EUO A N17 1 
HETATM 958  O O19 . EUO B 2 .   ? 1.46664   -5.24312  -9.05386  1.000 14.23117 ?  201 EUO A O19 1 
HETATM 959  O O21 . EUO B 2 .   ? -0.75647  -6.02726  -9.30697  1.000 14.42567 ?  201 EUO A O21 1 
HETATM 960  S S16 . EUO B 2 .   ? 0.16233   -4.94121  -9.63119  1.000 14.66133 ?  201 EUO A S16 1 
HETATM 961  H H1  . EUO B 2 .   ? 0.20664   1.78346   -11.70667 1.000 25.80560 ?  201 EUO A H1  1 
HETATM 962  H H2  . EUO B 2 .   ? -0.51002  -3.37139  -8.06874  1.000 16.96868 ?  201 EUO A H2  1 
HETATM 963  H H3  . EUO B 2 .   ? 0.18703   -2.65118  -9.29532  1.000 16.96868 ?  201 EUO A H3  1 
HETATM 964  H H4  . EUO B 2 .   ? -1.30618  -3.16427  -9.42237  1.000 16.96868 ?  201 EUO A H4  1 
HETATM 965  H H5  . EUO B 2 .   ? 0.54216   -4.49845  -14.95704 1.000 29.13437 ?  201 EUO A H5  1 
HETATM 966  H H6  . EUO B 2 .   ? 0.26722   -1.13775  -11.93345 1.000 26.73096 ?  201 EUO A H6  1 
HETATM 967  H H7  . EUO B 2 .   ? 0.51639   -0.26578  -16.49168 1.000 40.69828 ?  201 EUO A H7  1 
HETATM 968  H H8  . EUO B 2 .   ? 0.50816   -2.46274  -15.73090 1.000 35.55164 ?  201 EUO A H8  1 
HETATM 969  H H9  . EUO B 2 .   ? 0.28278   3.51116   -13.51096 1.000 24.58040 ?  201 EUO A H9  1 
HETATM 970  H H10 . EUO B 2 .   ? 1.77032   -6.80169  -15.72689 1.000 27.50012 ?  201 EUO A H10 1 
HETATM 971  H H11 . EUO B 2 .   ? 0.26136   -6.42787  -16.03087 1.000 27.50012 ?  201 EUO A H11 1 
HETATM 972  H H12 . EUO B 2 .   ? 0.69796   -7.94782  -15.94022 1.000 27.50012 ?  201 EUO A H12 1 
HETATM 973  H H14 . EUO B 2 .   ? 0.44359   -7.80446  -13.74920 1.000 27.69742 ?  201 EUO A H14 1 
HETATM 974  O O   . HOH C 3 .   ? 11.28863  11.14358  12.68490  1.000 42.94122 ?  301 HOH A O   1 
HETATM 975  O O   . HOH C 3 .   ? 10.12252  -13.55412 -4.49385  1.000 47.22742 ?  302 HOH A O   1 
HETATM 976  O O   . HOH C 3 .   ? 7.41897   -15.96176 -4.39220  1.000 44.77909 ?  303 HOH A O   1 
HETATM 977  O O   . HOH C 3 .   ? -0.77388  0.47239   17.34233  1.000 18.97580 ?  304 HOH A O   1 
HETATM 978  O O   . HOH C 3 .   ? 1.88897   -1.17861  15.29092  1.000 21.81494 ?  305 HOH A O   1 
HETATM 979  O O   . HOH C 3 .   ? -9.55261  14.94169  -2.41919  1.000 38.77825 ?  306 HOH A O   1 
HETATM 980  O O   . HOH C 3 .   ? -0.73182  15.12486  11.66045  1.000 26.43388 ?  307 HOH A O   1 
HETATM 981  O O   . HOH C 3 .   ? -1.75514  17.97361  7.93425   1.000 30.43635 ?  308 HOH A O   1 
HETATM 982  O O   . HOH C 3 .   ? -10.31747 -1.95009  21.14714  1.000 37.16009 ?  309 HOH A O   1 
HETATM 983  O O   . HOH C 3 .   ? 3.02404   10.58409  0.74482   1.000 25.50513 ?  310 HOH A O   1 
HETATM 984  O O   . HOH C 3 .   ? -2.97341  -5.57057  -7.85962  1.000 14.09738 ?  311 HOH A O   1 
HETATM 985  O O   . HOH C 3 .   ? 8.69796   2.92469   11.20623  1.000 19.00396 ?  312 HOH A O   1 
HETATM 986  O O   . HOH C 3 .   ? -8.37300  9.44237   14.53150  1.000 30.43764 ?  313 HOH A O   1 
HETATM 987  O O   . HOH C 3 .   ? -5.01149  -2.74622  -6.57449  1.000 15.28682 ?  314 HOH A O   1 
HETATM 988  O O   . HOH C 3 .   ? -11.08248 1.52118   3.87935   1.000 23.40762 ?  315 HOH A O   1 
HETATM 989  O O   . HOH C 3 .   ? -5.34202  2.34333   16.04147  1.000 14.11373 ?  316 HOH A O   1 
HETATM 990  O O   . HOH C 3 .   ? -9.66926  -6.61087  -4.07330  1.000 18.37732 ?  317 HOH A O   1 
HETATM 991  O O   . HOH C 3 .   ? -11.89286 12.24729  5.94731   1.000 28.02613 ?  318 HOH A O   1 
HETATM 992  O O   . HOH C 3 .   ? 5.14645   13.30313  8.71978   1.000 30.55871 ?  319 HOH A O   1 
HETATM 993  O O   . HOH C 3 .   ? -5.44492  7.83972   20.64028  1.000 36.57469 ?  320 HOH A O   1 
HETATM 994  O O   . HOH C 3 .   ? 0.52582   -12.06517 2.54017   1.000 37.56009 ?  321 HOH A O   1 
HETATM 995  O O   . HOH C 3 .   ? 13.51727  -4.91492  4.10630   1.000 27.35198 ?  322 HOH A O   1 
HETATM 996  O O   . HOH C 3 .   ? -6.62585  1.83899   -7.09387  1.000 15.04954 ?  323 HOH A O   1 
HETATM 997  O O   . HOH C 3 .   ? 10.43022  5.70287   7.75208   1.000 21.39666 ?  324 HOH A O   1 
HETATM 998  O O   . HOH C 3 .   ? -1.87585  -3.99347  -6.06866  1.000 14.12923 ?  325 HOH A O   1 
HETATM 999  O O   . HOH C 3 .   ? -7.26590  -5.79303  3.57450   1.000 21.13260 ?  326 HOH A O   1 
HETATM 1000 O O   . HOH C 3 .   ? -0.16131  9.92392   20.00046  1.000 29.13775 ?  327 HOH A O   1 
HETATM 1001 O O   . HOH C 3 .   ? -12.60323 -3.14736  -10.22872 1.000 20.69106 ?  328 HOH A O   1 
HETATM 1002 O O   . HOH C 3 .   ? -3.02483  5.45133   -13.07764 1.000 30.61751 ?  329 HOH A O   1 
HETATM 1003 O O   . HOH C 3 .   ? -1.85244  -12.82073 -0.94991  1.000 28.63042 ?  330 HOH A O   1 
HETATM 1004 O O   . HOH C 3 .   ? -15.66765 -3.82563  -8.01245  1.000 35.66633 ?  331 HOH A O   1 
HETATM 1005 O O   . HOH C 3 .   ? 10.08410  2.71454   16.43697  1.000 23.97717 ?  332 HOH A O   1 
HETATM 1006 O O   . HOH C 3 .   ? -1.40701  -0.05473  -8.62399  1.000 12.12782 ?  333 HOH A O   1 
HETATM 1007 O O   . HOH C 3 .   ? 5.78381   5.54492   16.31792  1.000 26.36484 ?  334 HOH A O   1 
HETATM 1008 O O   . HOH C 3 .   ? -5.01175  -12.77540 -13.47447 1.000 27.93292 ?  335 HOH A O   1 
HETATM 1009 O O   . HOH C 3 .   ? -12.82595 9.14148   9.06403   1.000 26.82565 ?  336 HOH A O   1 
HETATM 1010 O O   . HOH C 3 .   ? -8.60968  6.51373   -6.05367  1.000 14.71588 ?  337 HOH A O   1 
HETATM 1011 O O   . HOH C 3 .   ? -1.78974  6.95055   19.82278  1.000 27.94351 ?  338 HOH A O   1 
HETATM 1012 O O   . HOH C 3 .   ? 0.33714   -6.01057  4.97442   1.000 24.27625 ?  339 HOH A O   1 
HETATM 1013 O O   . HOH C 3 .   ? -1.65871  -1.24620  -6.34371  1.000 14.90006 ?  340 HOH A O   1 
HETATM 1014 O O   . HOH C 3 .   ? 2.14299   3.03219   -10.54565 1.000 21.25959 ?  341 HOH A O   1 
HETATM 1015 O O   . HOH C 3 .   ? 7.89436   14.53550  8.07896   1.000 25.11584 ?  342 HOH A O   1 
HETATM 1016 O O   . HOH C 3 .   ? -15.16363 -1.77457  -5.17880  1.000 20.69566 ?  343 HOH A O   1 
HETATM 1017 O O   . HOH C 3 .   ? -2.51750  -15.49011 -9.13666  1.000 13.49800 ?  344 HOH A O   1 
HETATM 1018 O O   . HOH C 3 .   ? -4.47801  14.42380  18.08753  1.000 32.35040 ?  345 HOH A O   1 
HETATM 1019 O O   . HOH C 3 .   ? -10.89874 0.72415   1.29657   1.000 21.28983 ?  346 HOH A O   1 
HETATM 1020 O O   . HOH C 3 .   ? 2.10621   7.23403   -4.66611  1.000 15.94474 ?  347 HOH A O   1 
HETATM 1021 O O   . HOH C 3 .   ? 4.60228   15.51383  6.84300   1.000 33.44671 ?  348 HOH A O   1 
HETATM 1022 O O   . HOH C 3 .   ? 9.20271   -8.12879  7.55815   1.000 12.50944 ?  349 HOH A O   1 
HETATM 1023 O O   . HOH C 3 .   ? -2.85551  8.60082   -11.38493 1.000 34.98774 ?  350 HOH A O   1 
HETATM 1024 O O   . HOH C 3 .   ? 5.99852   -3.21390  17.26769  1.000 26.61112 ?  351 HOH A O   1 
HETATM 1025 O O   . HOH C 3 .   ? -11.35522 -0.09071  -3.31774  1.000 14.44842 ?  352 HOH A O   1 
HETATM 1026 O O   . HOH C 3 .   ? -4.13245  -12.60055 -2.62185  1.000 11.19739 ?  353 HOH A O   1 
HETATM 1027 O O   . HOH C 3 .   ? 12.31732  3.66967   1.20778   1.000 18.06571 ?  354 HOH A O   1 
HETATM 1028 O O   . HOH C 3 .   ? 1.09789   0.56530   19.23502  1.000 27.50310 ?  355 HOH A O   1 
HETATM 1029 O O   . HOH C 3 .   ? 9.38075   4.11923   -6.04863  1.000 25.10302 ?  356 HOH A O   1 
HETATM 1030 O O   . HOH C 3 .   ? 13.39054  6.85429   -3.97694  1.000 25.96031 ?  357 HOH A O   1 
HETATM 1031 O O   . HOH C 3 .   ? 8.69028   9.27920   -0.75298  1.000 15.13571 ?  358 HOH A O   1 
HETATM 1032 O O   . HOH C 3 .   ? -9.59048  8.19435   -3.95851  1.000 13.95031 ?  359 HOH A O   1 
HETATM 1033 O O   . HOH C 3 .   ? -11.08895 10.21321  -0.81709  1.000 21.51054 ?  360 HOH A O   1 
HETATM 1034 O O   . HOH C 3 .   ? 7.19827   7.84367   -5.24523  1.000 26.68421 ?  361 HOH A O   1 
HETATM 1035 O O   . HOH C 3 .   ? 0.44276   -17.14736 -4.82109  1.000 34.47184 ?  362 HOH A O   1 
HETATM 1036 O O   . HOH C 3 .   ? -5.63902  10.45691  -5.51367  1.000 29.09143 ?  363 HOH A O   1 
HETATM 1037 O O   . HOH C 3 .   ? -10.58991 7.53176   -1.42375  1.000 15.07203 ?  364 HOH A O   1 
HETATM 1038 O O   . HOH C 3 .   ? -1.16570  -10.05349 3.06377   1.000 33.51699 ?  365 HOH A O   1 
HETATM 1039 O O   . HOH C 3 .   ? 1.57409   8.66049   19.04403  1.000 33.82031 ?  366 HOH A O   1 
HETATM 1040 O O   . HOH C 3 .   ? -4.39900  -12.35300 2.56504   1.000 16.25087 ?  367 HOH A O   1 
HETATM 1041 O O   . HOH C 3 .   ? -6.88583  -7.66059  1.38500   1.000 22.61116 ?  368 HOH A O   1 
HETATM 1042 O O   . HOH C 3 .   ? -5.83272  -4.53776  9.43188   1.000 17.55513 ?  369 HOH A O   1 
HETATM 1043 O O   . HOH C 3 .   ? -5.80242  -5.25713  12.88496  1.000 29.06596 ?  370 HOH A O   1 
HETATM 1044 O O   . HOH C 3 .   ? 6.12894   -10.60036 2.06879   1.000 27.32646 ?  371 HOH A O   1 
HETATM 1045 O O   . HOH C 3 .   ? -9.48625  -3.35081  -16.54362 1.000 29.49236 ?  372 HOH A O   1 
HETATM 1046 O O   . HOH C 3 .   ? -7.46238  16.60613  6.74616   1.000 24.49816 ?  373 HOH A O   1 
HETATM 1047 O O   . HOH C 3 .   ? -11.90412 1.53022   -1.10185  1.000 19.83894 ?  374 HOH A O   1 
HETATM 1048 O O   . HOH C 3 .   ? 1.20350   -18.48748 -9.42378  1.000 28.62999 ?  375 HOH A O   1 
HETATM 1049 O O   . HOH C 3 .   ? -1.26577  14.11199  18.69847  1.000 24.06484 ?  376 HOH A O   1 
HETATM 1050 O O   . HOH C 3 .   ? -12.42355 5.10880   8.02464   1.000 34.11704 ?  377 HOH A O   1 
HETATM 1051 O O   . HOH C 3 .   ? -7.77452  -7.45827  -1.31189  1.000 34.24451 ?  378 HOH A O   1 
HETATM 1052 O O   . HOH C 3 .   ? 13.70062  -3.43143  1.58098   1.000 18.90311 ?  379 HOH A O   1 
HETATM 1053 O O   . HOH C 3 .   ? -14.93872 -6.10405  -10.66723 1.000 38.42687 ?  380 HOH A O   1 
HETATM 1054 O O   . HOH C 3 .   ? 9.62937   5.42733   14.89768  1.000 26.51579 ?  381 HOH A O   1 
HETATM 1055 O O   . HOH C 3 .   ? -5.29914  0.05228   -8.78341  1.000 19.98902 ?  382 HOH A O   1 
HETATM 1056 O O   . HOH C 3 .   ? -0.17207  -15.39825 -2.36474  1.000 34.58815 ?  383 HOH A O   1 
HETATM 1057 O O   . HOH C 3 .   ? 9.62013   3.22017   21.02429  1.000 29.43033 ?  384 HOH A O   1 
HETATM 1058 O O   . HOH C 3 .   ? 1.86891   -20.36451 -7.78616  1.000 33.11890 ?  385 HOH A O   1 
HETATM 1059 O O   . HOH C 3 .   ? -9.90932  0.06871   5.51810   1.000 33.66011 ?  386 HOH A O   1 
HETATM 1060 O O   . HOH C 3 .   ? 14.57415  0.49036   -1.98730  1.000 26.91042 ?  387 HOH A O   1 
HETATM 1061 O O   . HOH C 3 .   ? -1.03021  4.44661   17.42191  1.000 20.75363 ?  388 HOH A O   1 
HETATM 1062 O O   . HOH C 3 .   ? 3.07770   8.06918   16.84508  1.000 30.26754 ?  389 HOH A O   1 
HETATM 1063 O O   . HOH C 3 .   ? 7.29964   -19.32437 -8.59474  1.000 39.19520 ?  390 HOH A O   1 
HETATM 1064 O O   . HOH C 3 .   ? -5.06188  -6.11508  7.22428   1.000 24.93180 ?  391 HOH A O   1 
HETATM 1065 O O   . HOH C 3 .   ? 1.44910   18.54478  9.14638   1.000 35.42628 ?  392 HOH A O   1 
HETATM 1066 O O   . HOH C 3 .   ? 1.32069   13.60468  2.87384   1.000 38.47765 ?  393 HOH A O   1 
HETATM 1067 O O   . HOH C 3 .   ? 2.71297   10.97942  3.18051   1.000 24.76524 ?  394 HOH A O   1 
HETATM 1068 O O   . HOH C 3 .   ? -7.27563  3.77940   -13.46617 1.000 23.55721 ?  395 HOH A O   1 
HETATM 1069 O O   . HOH C 3 .   ? 4.30044   4.65442   19.14850  1.000 20.83212 ?  396 HOH A O   1 
HETATM 1070 O O   . HOH C 3 .   ? 11.75767  5.84261   -6.04423  1.000 36.99380 ?  397 HOH A O   1 
HETATM 1071 O O   . HOH C 3 .   ? -4.67604  4.93282   -15.48379 1.000 36.44409 ?  398 HOH A O   1 
HETATM 1072 O O   . HOH C 3 .   ? 5.59133   -9.74651  5.06164   1.000 30.18190 ?  399 HOH A O   1 
HETATM 1073 O O   . HOH C 3 .   ? -8.45325  4.05251   -25.29872 1.000 28.47407 ?  400 HOH A O   1 
HETATM 1074 O O   . HOH C 3 .   ? -16.44383 -5.02124  -11.63303 1.000 35.99222 ?  401 HOH A O   1 
HETATM 1075 O O   . HOH C 3 .   ? 0.94935   -15.64406 -0.50227  0.50  35.88445 ?  402 HOH A O   1 
HETATM 1076 O O   . HOH C 3 .   ? -4.13656  -4.74199  11.85986  1.000 20.09820 ?  403 HOH A O   1 
HETATM 1077 O O   . HOH C 3 .   ? -7.61356  6.53356   -22.70731 1.000 36.61415 ?  404 HOH A O   1 
HETATM 1078 O O   . HOH C 3 .   ? 4.52251   8.46358   -5.29972  1.000 28.67541 ?  405 HOH A O   1 
HETATM 1079 O O   . HOH C 3 .   ? -7.06311  7.97746   -7.80120  1.000 33.63720 ?  406 HOH A O   1 
HETATM 1080 O O   . HOH C 3 .   ? -8.71235  18.02137  4.38983   1.000 30.28042 ?  407 HOH A O   1 
HETATM 1081 O O   . HOH C 3 .   ? 1.68860   4.44780   19.00453  1.000 30.80575 ?  408 HOH A O   1 
HETATM 1082 O O   . HOH C 3 .   ? 0.48242   -2.66507  14.16908  1.000 24.08962 ?  409 HOH A O   1 
HETATM 1083 O O   . HOH C 3 .   ? -1.86033  -2.06835  16.30129  1.000 18.38150 ?  410 HOH A O   1 
HETATM 1084 O O   . HOH C 3 .   ? -7.12205  5.60811   -25.12221 1.000 33.72602 ?  411 HOH A O   1 
HETATM 1085 O O   . HOH C 3 .   ? 5.27764   6.31931   19.55078  1.000 24.42315 ?  412 HOH A O   1 
HETATM 1086 O O   . HOH C 3 .   ? -9.60460  2.79732   -25.08006 1.000 38.45650 ?  413 HOH A O   1 
HETATM 1087 O O   . HOH C 3 .   ? 14.85860  -0.90228  2.12482   1.000 22.87553 ?  414 HOH A O   1 
HETATM 1088 O O   . HOH C 3 .   ? 0.51096   -6.58087  7.40569   1.000 35.65510 ?  415 HOH A O   1 
HETATM 1089 O O   . HOH C 3 .   ? -3.45984  -2.40530  14.76844  1.000 26.40812 ?  416 HOH A O   1 
HETATM 1090 O O   . HOH C 3 .   ? 14.07472  1.44863   0.71637   1.000 24.18060 ?  417 HOH A O   1 
HETATM 1091 O O   . HOH C 3 .   ? -9.56688  1.06822   -25.33825 1.000 32.68467 ?  418 HOH A O   1 
HETATM 1092 O O   . HOH C 3 .   ? 11.79232  2.06927   14.84762  1.000 26.46439 ?  419 HOH A O   1 
HETATM 1093 O O   . HOH C 3 .   ? -16.86589 -2.59400  -2.94787  1.000 33.07252 ?  420 HOH A O   1 
HETATM 1094 O O   . HOH C 3 .   ? -7.03184  -6.92599  5.75035   1.000 30.00620 ?  421 HOH A O   1 
HETATM 1095 O O   . HOH C 3 .   ? 2.92566   -5.29866  13.20673  1.000 34.36516 ?  422 HOH A O   1 
HETATM 1096 O O   . HOH C 3 .   ? 2.78939   5.30815   21.46002  1.000 28.19827 ?  423 HOH A O   1 
HETATM 1097 O O   . HOH C 3 .   ? -18.32491 -3.92511  -6.54575  1.000 45.36451 ?  424 HOH A O   1 
HETATM 1098 O O   . HOH C 3 .   ? -4.06302  -6.16568  13.36036  1.000 36.40392 ?  425 HOH A O   1 
HETATM 1099 O O   . HOH C 3 .   ? -5.40455  7.12858   -12.58469 1.000 36.63611 ?  426 HOH A O   1 
HETATM 1100 O O   . HOH C 3 .   ? -7.46525  -0.04254  -27.15888 1.000 36.77888 ?  427 HOH A O   1 
HETATM 1101 O O   . HOH C 3 .   ? 4.48046   -2.42677  19.80334  1.000 43.19490 ?  428 HOH A O   1 
HETATM 1102 O O   . HOH C 3 .   ? 4.24549   -5.58870  16.10806  1.000 33.70970 ?  429 HOH A O   1 
HETATM 1103 O O   . HOH C 3 .   ? -8.91297  1.34369   -27.53018 1.000 27.95357 ?  430 HOH A O   1 
HETATM 1104 O O   . HOH C 3 .   ? -1.38236  -4.64933  12.09770  1.000 21.00109 ?  431 HOH A O   1 
# 
loop_
_pdbx_poly_seq_scheme.asym_id 
_pdbx_poly_seq_scheme.entity_id 
_pdbx_poly_seq_scheme.seq_id 
_pdbx_poly_seq_scheme.mon_id 
_pdbx_poly_seq_scheme.ndb_seq_num 
_pdbx_poly_seq_scheme.pdb_seq_num 
_pdbx_poly_seq_scheme.auth_seq_num 
_pdbx_poly_seq_scheme.pdb_mon_id 
_pdbx_poly_seq_scheme.auth_mon_id 
_pdbx_poly_seq_scheme.pdb_strand_id 
_pdbx_poly_seq_scheme.pdb_ins_code 
_pdbx_poly_seq_scheme.hetero 
A 1 1   GLY 1   60  ?   ?   ?   A . n 
A 1 2   PRO 2   61  ?   ?   ?   A . n 
A 1 3   LEU 3   62  ?   ?   ?   A . n 
A 1 4   GLY 4   63  ?   ?   ?   A . n 
A 1 5   SER 5   64  ?   ?   ?   A . n 
A 1 6   VAL 6   65  ?   ?   ?   A . n 
A 1 7   LEU 7   66  66  LEU LEU A . n 
A 1 8   THR 8   67  67  THR THR A . n 
A 1 9   PRO 9   68  68  PRO PRO A . n 
A 1 10  LEU 10  69  69  LEU LEU A . n 
A 1 11  THR 11  70  70  THR THR A . n 
A 1 12  GLU 12  71  71  GLU GLU A . n 
A 1 13  LYS 13  72  72  LYS LYS A . n 
A 1 14  ASP 14  73  73  ASP ASP A . n 
A 1 15  TYR 15  74  74  TYR TYR A . n 
A 1 16  GLU 16  75  75  GLU GLU A . n 
A 1 17  GLY 17  76  76  GLY GLY A . n 
A 1 18  LEU 18  77  77  LEU LEU A . n 
A 1 19  LYS 19  78  78  LYS LYS A . n 
A 1 20  ARG 20  79  79  ARG ARG A . n 
A 1 21  VAL 21  80  80  VAL VAL A . n 
A 1 22  LEU 22  81  81  LEU LEU A . n 
A 1 23  ARG 23  82  82  ARG ARG A . n 
A 1 24  SER 24  83  83  SER SER A . n 
A 1 25  LEU 25  84  84  LEU LEU A . n 
A 1 26  GLN 26  85  85  GLN GLN A . n 
A 1 27  ALA 27  86  86  ALA ALA A . n 
A 1 28  HIS 28  87  87  HIS HIS A . n 
A 1 29  LYS 29  88  88  LYS LYS A . n 
A 1 30  MET 30  89  89  MET MET A . n 
A 1 31  ALA 31  90  90  ALA ALA A . n 
A 1 32  TRP 32  91  91  TRP TRP A . n 
A 1 33  PRO 33  92  92  PRO PRO A . n 
A 1 34  PHE 34  93  93  PHE PHE A . n 
A 1 35  LEU 35  94  94  LEU LEU A . n 
A 1 36  GLU 36  95  95  GLU GLU A . n 
A 1 37  PRO 37  96  96  PRO PRO A . n 
A 1 38  VAL 38  97  97  VAL VAL A . n 
A 1 39  ASP 39  98  98  ASP ASP A . n 
A 1 40  PRO 40  99  99  PRO PRO A . n 
A 1 41  ASN 41  100 100 ASN ASN A . n 
A 1 42  ASP 42  101 101 ASP ASP A . n 
A 1 43  ALA 43  102 102 ALA ALA A . n 
A 1 44  PRO 44  103 103 PRO PRO A . n 
A 1 45  ASP 45  104 104 ASP ASP A . n 
A 1 46  TYR 46  105 105 TYR TYR A . n 
A 1 47  TYR 47  106 106 TYR TYR A . n 
A 1 48  GLY 48  107 107 GLY GLY A . n 
A 1 49  VAL 49  108 108 VAL VAL A . n 
A 1 50  ILE 50  109 109 ILE ILE A . n 
A 1 51  LYS 51  110 110 LYS LYS A . n 
A 1 52  GLU 52  111 111 GLU GLU A . n 
A 1 53  PRO 53  112 112 PRO PRO A . n 
A 1 54  MET 54  113 113 MET MET A . n 
A 1 55  ASP 55  114 114 ASP ASP A . n 
A 1 56  LEU 56  115 115 LEU LEU A . n 
A 1 57  ALA 57  116 116 ALA ALA A . n 
A 1 58  THR 58  117 117 THR THR A . n 
A 1 59  MET 59  118 118 MET MET A . n 
A 1 60  GLU 60  119 119 GLU GLU A . n 
A 1 61  GLU 61  120 120 GLU GLU A . n 
A 1 62  ARG 62  121 121 ARG ARG A . n 
A 1 63  VAL 63  122 122 VAL VAL A . n 
A 1 64  GLN 64  123 123 GLN GLN A . n 
A 1 65  ARG 65  124 124 ARG ARG A . n 
A 1 66  ARG 66  125 125 ARG ARG A . n 
A 1 67  TYR 67  126 126 TYR TYR A . n 
A 1 68  TYR 68  127 127 TYR TYR A . n 
A 1 69  GLU 69  128 128 GLU GLU A . n 
A 1 70  LYS 70  129 129 LYS LYS A . n 
A 1 71  LEU 71  130 130 LEU LEU A . n 
A 1 72  THR 72  131 131 THR THR A . n 
A 1 73  GLU 73  132 132 GLU GLU A . n 
A 1 74  PHE 74  133 133 PHE PHE A . n 
A 1 75  VAL 75  134 134 VAL VAL A . n 
A 1 76  ALA 76  135 135 ALA ALA A . n 
A 1 77  ASP 77  136 136 ASP ASP A . n 
A 1 78  MET 78  137 137 MET MET A . n 
A 1 79  THR 79  138 138 THR THR A . n 
A 1 80  LYS 80  139 139 LYS LYS A . n 
A 1 81  ILE 81  140 140 ILE ILE A . n 
A 1 82  PHE 82  141 141 PHE PHE A . n 
A 1 83  ASP 83  142 142 ASP ASP A . n 
A 1 84  ASN 84  143 143 ASN ASN A . n 
A 1 85  CYS 85  144 144 CYS CYS A . n 
A 1 86  ARG 86  145 145 ARG ARG A . n 
A 1 87  TYR 87  146 146 TYR TYR A . n 
A 1 88  TYR 88  147 147 TYR TYR A . n 
A 1 89  ASN 89  148 148 ASN ASN A . n 
A 1 90  PRO 90  149 149 PRO PRO A . n 
A 1 91  SER 91  150 150 SER SER A . n 
A 1 92  ASP 92  151 151 ASP ASP A . n 
A 1 93  SER 93  152 152 SER SER A . n 
A 1 94  PRO 94  153 153 PRO PRO A . n 
A 1 95  PHE 95  154 154 PHE PHE A . n 
A 1 96  TYR 96  155 155 TYR TYR A . n 
A 1 97  GLN 97  156 156 GLN GLN A . n 
A 1 98  CYS 98  157 157 CYS CYS A . n 
A 1 99  ALA 99  158 158 ALA ALA A . n 
A 1 100 GLU 100 159 159 GLU GLU A . n 
A 1 101 VAL 101 160 160 VAL VAL A . n 
A 1 102 LEU 102 161 161 LEU LEU A . n 
A 1 103 GLU 103 162 162 GLU GLU A . n 
A 1 104 SER 104 163 163 SER SER A . n 
A 1 105 PHE 105 164 164 PHE PHE A . n 
A 1 106 PHE 106 165 165 PHE PHE A . n 
A 1 107 VAL 107 166 166 VAL VAL A . n 
A 1 108 GLN 108 167 167 GLN GLN A . n 
A 1 109 LYS 109 168 168 LYS LYS A . n 
A 1 110 LEU 110 169 169 LEU LEU A . n 
A 1 111 LYS 111 170 170 LYS LYS A . n 
A 1 112 GLY 112 171 171 GLY GLY A . n 
A 1 113 PHE 113 172 172 PHE PHE A . n 
A 1 114 LYS 114 173 173 LYS LYS A . n 
A 1 115 ALA 115 174 ?   ?   ?   A . n 
# 
loop_
_pdbx_nonpoly_scheme.asym_id 
_pdbx_nonpoly_scheme.entity_id 
_pdbx_nonpoly_scheme.mon_id 
_pdbx_nonpoly_scheme.ndb_seq_num 
_pdbx_nonpoly_scheme.pdb_seq_num 
_pdbx_nonpoly_scheme.auth_seq_num 
_pdbx_nonpoly_scheme.pdb_mon_id 
_pdbx_nonpoly_scheme.auth_mon_id 
_pdbx_nonpoly_scheme.pdb_strand_id 
_pdbx_nonpoly_scheme.pdb_ins_code 
B 2 EUO 1   201 1   EUO LIG A . 
C 3 HOH 1   301 47  HOH HOH A . 
C 3 HOH 2   302 98  HOH HOH A . 
C 3 HOH 3   303 95  HOH HOH A . 
C 3 HOH 4   304 25  HOH HOH A . 
C 3 HOH 5   305 17  HOH HOH A . 
C 3 HOH 6   306 90  HOH HOH A . 
C 3 HOH 7   307 53  HOH HOH A . 
C 3 HOH 8   308 109 HOH HOH A . 
C 3 HOH 9   309 129 HOH HOH A . 
C 3 HOH 10  310 82  HOH HOH A . 
C 3 HOH 11  311 8   HOH HOH A . 
C 3 HOH 12  312 46  HOH HOH A . 
C 3 HOH 13  313 74  HOH HOH A . 
C 3 HOH 14  314 9   HOH HOH A . 
C 3 HOH 15  315 63  HOH HOH A . 
C 3 HOH 16  316 2   HOH HOH A . 
C 3 HOH 17  317 32  HOH HOH A . 
C 3 HOH 18  318 92  HOH HOH A . 
C 3 HOH 19  319 103 HOH HOH A . 
C 3 HOH 20  320 127 HOH HOH A . 
C 3 HOH 21  321 115 HOH HOH A . 
C 3 HOH 22  322 120 HOH HOH A . 
C 3 HOH 23  323 7   HOH HOH A . 
C 3 HOH 24  324 36  HOH HOH A . 
C 3 HOH 25  325 4   HOH HOH A . 
C 3 HOH 26  326 26  HOH HOH A . 
C 3 HOH 27  327 73  HOH HOH A . 
C 3 HOH 28  328 28  HOH HOH A . 
C 3 HOH 29  329 57  HOH HOH A . 
C 3 HOH 30  330 107 HOH HOH A . 
C 3 HOH 31  331 128 HOH HOH A . 
C 3 HOH 32  332 56  HOH HOH A . 
C 3 HOH 33  333 3   HOH HOH A . 
C 3 HOH 34  334 42  HOH HOH A . 
C 3 HOH 35  335 80  HOH HOH A . 
C 3 HOH 36  336 50  HOH HOH A . 
C 3 HOH 37  337 6   HOH HOH A . 
C 3 HOH 38  338 106 HOH HOH A . 
C 3 HOH 39  339 68  HOH HOH A . 
C 3 HOH 40  340 16  HOH HOH A . 
C 3 HOH 41  341 48  HOH HOH A . 
C 3 HOH 42  342 83  HOH HOH A . 
C 3 HOH 43  343 49  HOH HOH A . 
C 3 HOH 44  344 12  HOH HOH A . 
C 3 HOH 45  345 67  HOH HOH A . 
C 3 HOH 46  346 34  HOH HOH A . 
C 3 HOH 47  347 10  HOH HOH A . 
C 3 HOH 48  348 84  HOH HOH A . 
C 3 HOH 49  349 15  HOH HOH A . 
C 3 HOH 50  350 91  HOH HOH A . 
C 3 HOH 51  351 60  HOH HOH A . 
C 3 HOH 52  352 5   HOH HOH A . 
C 3 HOH 53  353 1   HOH HOH A . 
C 3 HOH 54  354 29  HOH HOH A . 
C 3 HOH 55  355 69  HOH HOH A . 
C 3 HOH 56  356 102 HOH HOH A . 
C 3 HOH 57  357 55  HOH HOH A . 
C 3 HOH 58  358 13  HOH HOH A . 
C 3 HOH 59  359 20  HOH HOH A . 
C 3 HOH 60  360 58  HOH HOH A . 
C 3 HOH 61  361 41  HOH HOH A . 
C 3 HOH 62  362 86  HOH HOH A . 
C 3 HOH 63  363 66  HOH HOH A . 
C 3 HOH 64  364 39  HOH HOH A . 
C 3 HOH 65  365 110 HOH HOH A . 
C 3 HOH 66  366 117 HOH HOH A . 
C 3 HOH 67  367 21  HOH HOH A . 
C 3 HOH 68  368 71  HOH HOH A . 
C 3 HOH 69  369 14  HOH HOH A . 
C 3 HOH 70  370 72  HOH HOH A . 
C 3 HOH 71  371 62  HOH HOH A . 
C 3 HOH 72  372 114 HOH HOH A . 
C 3 HOH 73  373 35  HOH HOH A . 
C 3 HOH 74  374 31  HOH HOH A . 
C 3 HOH 75  375 79  HOH HOH A . 
C 3 HOH 76  376 64  HOH HOH A . 
C 3 HOH 77  377 121 HOH HOH A . 
C 3 HOH 78  378 108 HOH HOH A . 
C 3 HOH 79  379 18  HOH HOH A . 
C 3 HOH 80  380 88  HOH HOH A . 
C 3 HOH 81  381 51  HOH HOH A . 
C 3 HOH 82  382 22  HOH HOH A . 
C 3 HOH 83  383 131 HOH HOH A . 
C 3 HOH 84  384 111 HOH HOH A . 
C 3 HOH 85  385 75  HOH HOH A . 
C 3 HOH 86  386 113 HOH HOH A . 
C 3 HOH 87  387 61  HOH HOH A . 
C 3 HOH 88  388 19  HOH HOH A . 
C 3 HOH 89  389 104 HOH HOH A . 
C 3 HOH 90  390 105 HOH HOH A . 
C 3 HOH 91  391 44  HOH HOH A . 
C 3 HOH 92  392 85  HOH HOH A . 
C 3 HOH 93  393 122 HOH HOH A . 
C 3 HOH 94  394 59  HOH HOH A . 
C 3 HOH 95  395 99  HOH HOH A . 
C 3 HOH 96  396 11  HOH HOH A . 
C 3 HOH 97  397 130 HOH HOH A . 
C 3 HOH 98  398 81  HOH HOH A . 
C 3 HOH 99  399 100 HOH HOH A . 
C 3 HOH 100 400 38  HOH HOH A . 
C 3 HOH 101 401 116 HOH HOH A . 
C 3 HOH 102 402 126 HOH HOH A . 
C 3 HOH 103 403 40  HOH HOH A . 
C 3 HOH 104 404 123 HOH HOH A . 
C 3 HOH 105 405 101 HOH HOH A . 
C 3 HOH 106 406 76  HOH HOH A . 
C 3 HOH 107 407 97  HOH HOH A . 
C 3 HOH 108 408 52  HOH HOH A . 
C 3 HOH 109 409 33  HOH HOH A . 
C 3 HOH 110 410 23  HOH HOH A . 
C 3 HOH 111 411 65  HOH HOH A . 
C 3 HOH 112 412 24  HOH HOH A . 
C 3 HOH 113 413 93  HOH HOH A . 
C 3 HOH 114 414 37  HOH HOH A . 
C 3 HOH 115 415 87  HOH HOH A . 
C 3 HOH 116 416 45  HOH HOH A . 
C 3 HOH 117 417 43  HOH HOH A . 
C 3 HOH 118 418 54  HOH HOH A . 
C 3 HOH 119 419 89  HOH HOH A . 
C 3 HOH 120 420 118 HOH HOH A . 
C 3 HOH 121 421 78  HOH HOH A . 
C 3 HOH 122 422 124 HOH HOH A . 
C 3 HOH 123 423 30  HOH HOH A . 
C 3 HOH 124 424 119 HOH HOH A . 
C 3 HOH 125 425 77  HOH HOH A . 
C 3 HOH 126 426 112 HOH HOH A . 
C 3 HOH 127 427 96  HOH HOH A . 
C 3 HOH 128 428 125 HOH HOH A . 
C 3 HOH 129 429 70  HOH HOH A . 
C 3 HOH 130 430 94  HOH HOH A . 
C 3 HOH 131 431 27  HOH HOH A . 
# 
_pdbx_struct_assembly.id                   1 
_pdbx_struct_assembly.details              author_defined_assembly 
_pdbx_struct_assembly.method_details       ? 
_pdbx_struct_assembly.oligomeric_details   monomeric 
_pdbx_struct_assembly.oligomeric_count     1 
# 
_pdbx_struct_assembly_gen.assembly_id       1 
_pdbx_struct_assembly_gen.oper_expression   1 
_pdbx_struct_assembly_gen.asym_id_list      A,B,C 
# 
loop_
_pdbx_struct_assembly_prop.biol_id 
_pdbx_struct_assembly_prop.type 
_pdbx_struct_assembly_prop.value 
_pdbx_struct_assembly_prop.details 
1 'ABSA (A^2)' 0    ? 
1 MORE         0    ? 
1 'SSA (A^2)'  6640 ? 
# 
_pdbx_struct_oper_list.id                   1 
_pdbx_struct_oper_list.type                 'identity operation' 
_pdbx_struct_oper_list.name                 1_555 
_pdbx_struct_oper_list.symmetry_operation   x,y,z 
_pdbx_struct_oper_list.matrix[1][1]         1.0000000000 
_pdbx_struct_oper_list.matrix[1][2]         0.0000000000 
_pdbx_struct_oper_list.matrix[1][3]         0.0000000000 
_pdbx_struct_oper_list.vector[1]            0.0000000000 
_pdbx_struct_oper_list.matrix[2][1]         0.0000000000 
_pdbx_struct_oper_list.matrix[2][2]         1.0000000000 
_pdbx_struct_oper_list.matrix[2][3]         0.0000000000 
_pdbx_struct_oper_list.vector[2]            0.0000000000 
_pdbx_struct_oper_list.matrix[3][1]         0.0000000000 
_pdbx_struct_oper_list.matrix[3][2]         0.0000000000 
_pdbx_struct_oper_list.matrix[3][3]         1.0000000000 
_pdbx_struct_oper_list.vector[3]            0.0000000000 
# 
_pdbx_struct_special_symmetry.id              1 
_pdbx_struct_special_symmetry.PDB_model_num   1 
_pdbx_struct_special_symmetry.auth_asym_id    A 
_pdbx_struct_special_symmetry.auth_comp_id    HOH 
_pdbx_struct_special_symmetry.auth_seq_id     402 
_pdbx_struct_special_symmetry.PDB_ins_code    ? 
_pdbx_struct_special_symmetry.label_asym_id   C 
_pdbx_struct_special_symmetry.label_comp_id   HOH 
_pdbx_struct_special_symmetry.label_seq_id    . 
# 
loop_
_pdbx_audit_revision_history.ordinal 
_pdbx_audit_revision_history.data_content_type 
_pdbx_audit_revision_history.major_revision 
_pdbx_audit_revision_history.minor_revision 
_pdbx_audit_revision_history.revision_date 
1 'Structure model' 1 0 2022-06-29 
2 'Structure model' 1 1 2023-11-29 
# 
_pdbx_audit_revision_details.ordinal             1 
_pdbx_audit_revision_details.revision_ordinal    1 
_pdbx_audit_revision_details.data_content_type   'Structure model' 
_pdbx_audit_revision_details.provider            repository 
_pdbx_audit_revision_details.type                'Initial release' 
_pdbx_audit_revision_details.description         ? 
_pdbx_audit_revision_details.details             ? 
# 
loop_
_pdbx_audit_revision_group.ordinal 
_pdbx_audit_revision_group.revision_ordinal 
_pdbx_audit_revision_group.data_content_type 
_pdbx_audit_revision_group.group 
1 2 'Structure model' 'Data collection'        
2 2 'Structure model' 'Refinement description' 
# 
loop_
_pdbx_audit_revision_category.ordinal 
_pdbx_audit_revision_category.revision_ordinal 
_pdbx_audit_revision_category.data_content_type 
_pdbx_audit_revision_category.category 
1 2 'Structure model' chem_comp_atom                
2 2 'Structure model' chem_comp_bond                
3 2 'Structure model' pdbx_initial_refinement_model 
# 
loop_
_space_group_symop.id 
_space_group_symop.operation_xyz 
1 x,y,z           
2 -x,y,-z         
3 x+1/2,y+1/2,z   
4 -x+1/2,y+1/2,-z 
# 
loop_
_software.citation_id 
_software.classification 
_software.compiler_name 
_software.compiler_version 
_software.contact_author 
_software.contact_author_email 
_software.date 
_software.description 
_software.dependencies 
_software.hardware 
_software.language 
_software.location 
_software.mods 
_software.name 
_software.os 
_software.os_version 
_software.type 
_software.version 
_software.pdbx_ordinal 
? refinement       ? ? ? ? ? ? ? ? ? ? ? PHENIX   ? ? ? 1.12_2829 1 
? 'data reduction' ? ? ? ? ? ? ? ? ? ? ? HKL-3000 ? ? ? .         2 
? 'data scaling'   ? ? ? ? ? ? ? ? ? ? ? Aimless  ? ? ? .         3 
? phasing          ? ? ? ? ? ? ? ? ? ? ? PHASER   ? ? ? .         4 
# 
_pdbx_entry_details.entry_id                 7F5D 
_pdbx_entry_details.has_ligand_of_interest   Y 
_pdbx_entry_details.compound_details         ? 
_pdbx_entry_details.source_details           ? 
_pdbx_entry_details.nonpolymer_details       ? 
_pdbx_entry_details.sequence_details         ? 
# 
loop_
_pdbx_validate_close_contact.id 
_pdbx_validate_close_contact.PDB_model_num 
_pdbx_validate_close_contact.auth_atom_id_1 
_pdbx_validate_close_contact.auth_asym_id_1 
_pdbx_validate_close_contact.auth_comp_id_1 
_pdbx_validate_close_contact.auth_seq_id_1 
_pdbx_validate_close_contact.PDB_ins_code_1 
_pdbx_validate_close_contact.label_alt_id_1 
_pdbx_validate_close_contact.auth_atom_id_2 
_pdbx_validate_close_contact.auth_asym_id_2 
_pdbx_validate_close_contact.auth_comp_id_2 
_pdbx_validate_close_contact.auth_seq_id_2 
_pdbx_validate_close_contact.PDB_ins_code_2 
_pdbx_validate_close_contact.label_alt_id_2 
_pdbx_validate_close_contact.dist 
1  1 O   A HOH 400 ? ? O A HOH 413 ? ? 1.72 
2  1 O   A HOH 413 ? ? O A HOH 418 ? ? 1.75 
3  1 NH1 A ARG 79  ? A O A HOH 301 ? ? 1.79 
4  1 OE1 A GLU 159 ? ? O A HOH 302 ? ? 1.92 
5  1 O   A HOH 396 ? ? O A HOH 412 ? ? 1.97 
6  1 OE2 A GLU 159 ? ? O A HOH 303 ? ? 2.00 
7  1 O   A HOH 370 ? ? O A HOH 425 ? ? 2.02 
8  1 O   A HOH 370 ? ? O A HOH 403 ? ? 2.02 
9  1 O   A HOH 427 ? ? O A HOH 430 ? ? 2.04 
10 1 O   A HOH 400 ? ? O A HOH 411 ? ? 2.06 
11 1 O   A HOH 403 ? ? O A HOH 425 ? ? 2.07 
12 1 O   A HOH 380 ? ? O A HOH 401 ? ? 2.09 
13 1 O   A LYS 173 ? ? O A HOH 304 ? ? 2.11 
14 1 O   A LYS 173 ? ? O A HOH 305 ? ? 2.16 
# 
loop_
_pdbx_validate_symm_contact.id 
_pdbx_validate_symm_contact.PDB_model_num 
_pdbx_validate_symm_contact.auth_atom_id_1 
_pdbx_validate_symm_contact.auth_asym_id_1 
_pdbx_validate_symm_contact.auth_comp_id_1 
_pdbx_validate_symm_contact.auth_seq_id_1 
_pdbx_validate_symm_contact.PDB_ins_code_1 
_pdbx_validate_symm_contact.label_alt_id_1 
_pdbx_validate_symm_contact.site_symmetry_1 
_pdbx_validate_symm_contact.auth_atom_id_2 
_pdbx_validate_symm_contact.auth_asym_id_2 
_pdbx_validate_symm_contact.auth_comp_id_2 
_pdbx_validate_symm_contact.auth_seq_id_2 
_pdbx_validate_symm_contact.PDB_ins_code_2 
_pdbx_validate_symm_contact.label_alt_id_2 
_pdbx_validate_symm_contact.site_symmetry_2 
_pdbx_validate_symm_contact.dist 
1 1 O  A VAL 108 ? ? 1_555 NZ A LYS 110 ? ? 2_556 1.74 
2 1 NZ A LYS 110 ? ? 1_555 NZ A LYS 110 ? ? 2_556 2.04 
3 1 O  A HOH 348 ? ? 1_555 O  A HOH 363 ? ? 4_556 2.11 
4 1 O  A HOH 330 ? ? 1_555 O  A HOH 383 ? ? 2_556 2.15 
# 
_pdbx_validate_torsion.id              1 
_pdbx_validate_torsion.PDB_model_num   1 
_pdbx_validate_torsion.auth_comp_id    ALA 
_pdbx_validate_torsion.auth_asym_id    A 
_pdbx_validate_torsion.auth_seq_id     102 
_pdbx_validate_torsion.PDB_ins_code    ? 
_pdbx_validate_torsion.label_alt_id    ? 
_pdbx_validate_torsion.phi             -158.48 
_pdbx_validate_torsion.psi             79.83 
# 
_pdbx_distant_solvent_atoms.id                                1 
_pdbx_distant_solvent_atoms.PDB_model_num                     1 
_pdbx_distant_solvent_atoms.auth_atom_id                      O 
_pdbx_distant_solvent_atoms.label_alt_id                      ? 
_pdbx_distant_solvent_atoms.auth_asym_id                      A 
_pdbx_distant_solvent_atoms.auth_comp_id                      HOH 
_pdbx_distant_solvent_atoms.auth_seq_id                       431 
_pdbx_distant_solvent_atoms.PDB_ins_code                      ? 
_pdbx_distant_solvent_atoms.neighbor_macromolecule_distance   6.17 
_pdbx_distant_solvent_atoms.neighbor_ligand_distance          . 
# 
loop_
_pdbx_unobs_or_zero_occ_residues.id 
_pdbx_unobs_or_zero_occ_residues.PDB_model_num 
_pdbx_unobs_or_zero_occ_residues.polymer_flag 
_pdbx_unobs_or_zero_occ_residues.occupancy_flag 
_pdbx_unobs_or_zero_occ_residues.auth_asym_id 
_pdbx_unobs_or_zero_occ_residues.auth_comp_id 
_pdbx_unobs_or_zero_occ_residues.auth_seq_id 
_pdbx_unobs_or_zero_occ_residues.PDB_ins_code 
_pdbx_unobs_or_zero_occ_residues.label_asym_id 
_pdbx_unobs_or_zero_occ_residues.label_comp_id 
_pdbx_unobs_or_zero_occ_residues.label_seq_id 
1 1 Y 1 A GLY 60  ? A GLY 1   
2 1 Y 1 A PRO 61  ? A PRO 2   
3 1 Y 1 A LEU 62  ? A LEU 3   
4 1 Y 1 A GLY 63  ? A GLY 4   
5 1 Y 1 A SER 64  ? A SER 5   
6 1 Y 1 A VAL 65  ? A VAL 6   
7 1 Y 1 A ALA 174 ? A ALA 115 
# 
loop_
_chem_comp_atom.comp_id 
_chem_comp_atom.atom_id 
_chem_comp_atom.type_symbol 
_chem_comp_atom.pdbx_aromatic_flag 
_chem_comp_atom.pdbx_stereo_config 
_chem_comp_atom.pdbx_ordinal 
ALA N    N N N 1   
ALA CA   C N S 2   
ALA C    C N N 3   
ALA O    O N N 4   
ALA CB   C N N 5   
ALA OXT  O N N 6   
ALA H    H N N 7   
ALA H2   H N N 8   
ALA HA   H N N 9   
ALA HB1  H N N 10  
ALA HB2  H N N 11  
ALA HB3  H N N 12  
ALA HXT  H N N 13  
ARG N    N N N 14  
ARG CA   C N S 15  
ARG C    C N N 16  
ARG O    O N N 17  
ARG CB   C N N 18  
ARG CG   C N N 19  
ARG CD   C N N 20  
ARG NE   N N N 21  
ARG CZ   C N N 22  
ARG NH1  N N N 23  
ARG NH2  N N N 24  
ARG OXT  O N N 25  
ARG H    H N N 26  
ARG H2   H N N 27  
ARG HA   H N N 28  
ARG HB2  H N N 29  
ARG HB3  H N N 30  
ARG HG2  H N N 31  
ARG HG3  H N N 32  
ARG HD2  H N N 33  
ARG HD3  H N N 34  
ARG HE   H N N 35  
ARG HH11 H N N 36  
ARG HH12 H N N 37  
ARG HH21 H N N 38  
ARG HH22 H N N 39  
ARG HXT  H N N 40  
ASN N    N N N 41  
ASN CA   C N S 42  
ASN C    C N N 43  
ASN O    O N N 44  
ASN CB   C N N 45  
ASN CG   C N N 46  
ASN OD1  O N N 47  
ASN ND2  N N N 48  
ASN OXT  O N N 49  
ASN H    H N N 50  
ASN H2   H N N 51  
ASN HA   H N N 52  
ASN HB2  H N N 53  
ASN HB3  H N N 54  
ASN HD21 H N N 55  
ASN HD22 H N N 56  
ASN HXT  H N N 57  
ASP N    N N N 58  
ASP CA   C N S 59  
ASP C    C N N 60  
ASP O    O N N 61  
ASP CB   C N N 62  
ASP CG   C N N 63  
ASP OD1  O N N 64  
ASP OD2  O N N 65  
ASP OXT  O N N 66  
ASP H    H N N 67  
ASP H2   H N N 68  
ASP HA   H N N 69  
ASP HB2  H N N 70  
ASP HB3  H N N 71  
ASP HD2  H N N 72  
ASP HXT  H N N 73  
CYS N    N N N 74  
CYS CA   C N R 75  
CYS C    C N N 76  
CYS O    O N N 77  
CYS CB   C N N 78  
CYS SG   S N N 79  
CYS OXT  O N N 80  
CYS H    H N N 81  
CYS H2   H N N 82  
CYS HA   H N N 83  
CYS HB2  H N N 84  
CYS HB3  H N N 85  
CYS HG   H N N 86  
CYS HXT  H N N 87  
EUO C10  C Y N 88  
EUO C13  C Y N 89  
EUO C20  C N N 90  
EUO C01  C Y N 91  
EUO C03  C Y N 92  
EUO C04  C Y N 93  
EUO C05  C Y N 94  
EUO C07  C Y N 95  
EUO C08  C Y N 96  
EUO C09  C Y N 97  
EUO C11  C Y N 98  
EUO C12  C Y N 99  
EUO C14  C Y N 100 
EUO C18  C N N 101 
EUO N02  N Y N 102 
EUO N06  N Y N 103 
EUO N15  N Y N 104 
EUO N17  N N N 105 
EUO O19  O N N 106 
EUO O21  O N N 107 
EUO S16  S N N 108 
EUO H1   H N N 109 
EUO H2   H N N 110 
EUO H3   H N N 111 
EUO H4   H N N 112 
EUO H5   H N N 113 
EUO H6   H N N 114 
EUO H7   H N N 115 
EUO H8   H N N 116 
EUO H9   H N N 117 
EUO H10  H N N 118 
EUO H11  H N N 119 
EUO H12  H N N 120 
EUO H13  H N N 121 
EUO H14  H N N 122 
GLN N    N N N 123 
GLN CA   C N S 124 
GLN C    C N N 125 
GLN O    O N N 126 
GLN CB   C N N 127 
GLN CG   C N N 128 
GLN CD   C N N 129 
GLN OE1  O N N 130 
GLN NE2  N N N 131 
GLN OXT  O N N 132 
GLN H    H N N 133 
GLN H2   H N N 134 
GLN HA   H N N 135 
GLN HB2  H N N 136 
GLN HB3  H N N 137 
GLN HG2  H N N 138 
GLN HG3  H N N 139 
GLN HE21 H N N 140 
GLN HE22 H N N 141 
GLN HXT  H N N 142 
GLU N    N N N 143 
GLU CA   C N S 144 
GLU C    C N N 145 
GLU O    O N N 146 
GLU CB   C N N 147 
GLU CG   C N N 148 
GLU CD   C N N 149 
GLU OE1  O N N 150 
GLU OE2  O N N 151 
GLU OXT  O N N 152 
GLU H    H N N 153 
GLU H2   H N N 154 
GLU HA   H N N 155 
GLU HB2  H N N 156 
GLU HB3  H N N 157 
GLU HG2  H N N 158 
GLU HG3  H N N 159 
GLU HE2  H N N 160 
GLU HXT  H N N 161 
GLY N    N N N 162 
GLY CA   C N N 163 
GLY C    C N N 164 
GLY O    O N N 165 
GLY OXT  O N N 166 
GLY H    H N N 167 
GLY H2   H N N 168 
GLY HA2  H N N 169 
GLY HA3  H N N 170 
GLY HXT  H N N 171 
HIS N    N N N 172 
HIS CA   C N S 173 
HIS C    C N N 174 
HIS O    O N N 175 
HIS CB   C N N 176 
HIS CG   C Y N 177 
HIS ND1  N Y N 178 
HIS CD2  C Y N 179 
HIS CE1  C Y N 180 
HIS NE2  N Y N 181 
HIS OXT  O N N 182 
HIS H    H N N 183 
HIS H2   H N N 184 
HIS HA   H N N 185 
HIS HB2  H N N 186 
HIS HB3  H N N 187 
HIS HD1  H N N 188 
HIS HD2  H N N 189 
HIS HE1  H N N 190 
HIS HE2  H N N 191 
HIS HXT  H N N 192 
HOH O    O N N 193 
HOH H1   H N N 194 
HOH H2   H N N 195 
ILE N    N N N 196 
ILE CA   C N S 197 
ILE C    C N N 198 
ILE O    O N N 199 
ILE CB   C N S 200 
ILE CG1  C N N 201 
ILE CG2  C N N 202 
ILE CD1  C N N 203 
ILE OXT  O N N 204 
ILE H    H N N 205 
ILE H2   H N N 206 
ILE HA   H N N 207 
ILE HB   H N N 208 
ILE HG12 H N N 209 
ILE HG13 H N N 210 
ILE HG21 H N N 211 
ILE HG22 H N N 212 
ILE HG23 H N N 213 
ILE HD11 H N N 214 
ILE HD12 H N N 215 
ILE HD13 H N N 216 
ILE HXT  H N N 217 
LEU N    N N N 218 
LEU CA   C N S 219 
LEU C    C N N 220 
LEU O    O N N 221 
LEU CB   C N N 222 
LEU CG   C N N 223 
LEU CD1  C N N 224 
LEU CD2  C N N 225 
LEU OXT  O N N 226 
LEU H    H N N 227 
LEU H2   H N N 228 
LEU HA   H N N 229 
LEU HB2  H N N 230 
LEU HB3  H N N 231 
LEU HG   H N N 232 
LEU HD11 H N N 233 
LEU HD12 H N N 234 
LEU HD13 H N N 235 
LEU HD21 H N N 236 
LEU HD22 H N N 237 
LEU HD23 H N N 238 
LEU HXT  H N N 239 
LYS N    N N N 240 
LYS CA   C N S 241 
LYS C    C N N 242 
LYS O    O N N 243 
LYS CB   C N N 244 
LYS CG   C N N 245 
LYS CD   C N N 246 
LYS CE   C N N 247 
LYS NZ   N N N 248 
LYS OXT  O N N 249 
LYS H    H N N 250 
LYS H2   H N N 251 
LYS HA   H N N 252 
LYS HB2  H N N 253 
LYS HB3  H N N 254 
LYS HG2  H N N 255 
LYS HG3  H N N 256 
LYS HD2  H N N 257 
LYS HD3  H N N 258 
LYS HE2  H N N 259 
LYS HE3  H N N 260 
LYS HZ1  H N N 261 
LYS HZ2  H N N 262 
LYS HZ3  H N N 263 
LYS HXT  H N N 264 
MET N    N N N 265 
MET CA   C N S 266 
MET C    C N N 267 
MET O    O N N 268 
MET CB   C N N 269 
MET CG   C N N 270 
MET SD   S N N 271 
MET CE   C N N 272 
MET OXT  O N N 273 
MET H    H N N 274 
MET H2   H N N 275 
MET HA   H N N 276 
MET HB2  H N N 277 
MET HB3  H N N 278 
MET HG2  H N N 279 
MET HG3  H N N 280 
MET HE1  H N N 281 
MET HE2  H N N 282 
MET HE3  H N N 283 
MET HXT  H N N 284 
PHE N    N N N 285 
PHE CA   C N S 286 
PHE C    C N N 287 
PHE O    O N N 288 
PHE CB   C N N 289 
PHE CG   C Y N 290 
PHE CD1  C Y N 291 
PHE CD2  C Y N 292 
PHE CE1  C Y N 293 
PHE CE2  C Y N 294 
PHE CZ   C Y N 295 
PHE OXT  O N N 296 
PHE H    H N N 297 
PHE H2   H N N 298 
PHE HA   H N N 299 
PHE HB2  H N N 300 
PHE HB3  H N N 301 
PHE HD1  H N N 302 
PHE HD2  H N N 303 
PHE HE1  H N N 304 
PHE HE2  H N N 305 
PHE HZ   H N N 306 
PHE HXT  H N N 307 
PRO N    N N N 308 
PRO CA   C N S 309 
PRO C    C N N 310 
PRO O    O N N 311 
PRO CB   C N N 312 
PRO CG   C N N 313 
PRO CD   C N N 314 
PRO OXT  O N N 315 
PRO H    H N N 316 
PRO HA   H N N 317 
PRO HB2  H N N 318 
PRO HB3  H N N 319 
PRO HG2  H N N 320 
PRO HG3  H N N 321 
PRO HD2  H N N 322 
PRO HD3  H N N 323 
PRO HXT  H N N 324 
SER N    N N N 325 
SER CA   C N S 326 
SER C    C N N 327 
SER O    O N N 328 
SER CB   C N N 329 
SER OG   O N N 330 
SER OXT  O N N 331 
SER H    H N N 332 
SER H2   H N N 333 
SER HA   H N N 334 
SER HB2  H N N 335 
SER HB3  H N N 336 
SER HG   H N N 337 
SER HXT  H N N 338 
THR N    N N N 339 
THR CA   C N S 340 
THR C    C N N 341 
THR O    O N N 342 
THR CB   C N R 343 
THR OG1  O N N 344 
THR CG2  C N N 345 
THR OXT  O N N 346 
THR H    H N N 347 
THR H2   H N N 348 
THR HA   H N N 349 
THR HB   H N N 350 
THR HG1  H N N 351 
THR HG21 H N N 352 
THR HG22 H N N 353 
THR HG23 H N N 354 
THR HXT  H N N 355 
TRP N    N N N 356 
TRP CA   C N S 357 
TRP C    C N N 358 
TRP O    O N N 359 
TRP CB   C N N 360 
TRP CG   C Y N 361 
TRP CD1  C Y N 362 
TRP CD2  C Y N 363 
TRP NE1  N Y N 364 
TRP CE2  C Y N 365 
TRP CE3  C Y N 366 
TRP CZ2  C Y N 367 
TRP CZ3  C Y N 368 
TRP CH2  C Y N 369 
TRP OXT  O N N 370 
TRP H    H N N 371 
TRP H2   H N N 372 
TRP HA   H N N 373 
TRP HB2  H N N 374 
TRP HB3  H N N 375 
TRP HD1  H N N 376 
TRP HE1  H N N 377 
TRP HE3  H N N 378 
TRP HZ2  H N N 379 
TRP HZ3  H N N 380 
TRP HH2  H N N 381 
TRP HXT  H N N 382 
TYR N    N N N 383 
TYR CA   C N S 384 
TYR C    C N N 385 
TYR O    O N N 386 
TYR CB   C N N 387 
TYR CG   C Y N 388 
TYR CD1  C Y N 389 
TYR CD2  C Y N 390 
TYR CE1  C Y N 391 
TYR CE2  C Y N 392 
TYR CZ   C Y N 393 
TYR OH   O N N 394 
TYR OXT  O N N 395 
TYR H    H N N 396 
TYR H2   H N N 397 
TYR HA   H N N 398 
TYR HB2  H N N 399 
TYR HB3  H N N 400 
TYR HD1  H N N 401 
TYR HD2  H N N 402 
TYR HE1  H N N 403 
TYR HE2  H N N 404 
TYR HH   H N N 405 
TYR HXT  H N N 406 
VAL N    N N N 407 
VAL CA   C N S 408 
VAL C    C N N 409 
VAL O    O N N 410 
VAL CB   C N N 411 
VAL CG1  C N N 412 
VAL CG2  C N N 413 
VAL OXT  O N N 414 
VAL H    H N N 415 
VAL H2   H N N 416 
VAL HA   H N N 417 
VAL HB   H N N 418 
VAL HG11 H N N 419 
VAL HG12 H N N 420 
VAL HG13 H N N 421 
VAL HG21 H N N 422 
VAL HG22 H N N 423 
VAL HG23 H N N 424 
VAL HXT  H N N 425 
# 
loop_
_chem_comp_bond.comp_id 
_chem_comp_bond.atom_id_1 
_chem_comp_bond.atom_id_2 
_chem_comp_bond.value_order 
_chem_comp_bond.pdbx_aromatic_flag 
_chem_comp_bond.pdbx_stereo_config 
_chem_comp_bond.pdbx_ordinal 
ALA N   CA   sing N N 1   
ALA N   H    sing N N 2   
ALA N   H2   sing N N 3   
ALA CA  C    sing N N 4   
ALA CA  CB   sing N N 5   
ALA CA  HA   sing N N 6   
ALA C   O    doub N N 7   
ALA C   OXT  sing N N 8   
ALA CB  HB1  sing N N 9   
ALA CB  HB2  sing N N 10  
ALA CB  HB3  sing N N 11  
ALA OXT HXT  sing N N 12  
ARG N   CA   sing N N 13  
ARG N   H    sing N N 14  
ARG N   H2   sing N N 15  
ARG CA  C    sing N N 16  
ARG CA  CB   sing N N 17  
ARG CA  HA   sing N N 18  
ARG C   O    doub N N 19  
ARG C   OXT  sing N N 20  
ARG CB  CG   sing N N 21  
ARG CB  HB2  sing N N 22  
ARG CB  HB3  sing N N 23  
ARG CG  CD   sing N N 24  
ARG CG  HG2  sing N N 25  
ARG CG  HG3  sing N N 26  
ARG CD  NE   sing N N 27  
ARG CD  HD2  sing N N 28  
ARG CD  HD3  sing N N 29  
ARG NE  CZ   sing N N 30  
ARG NE  HE   sing N N 31  
ARG CZ  NH1  sing N N 32  
ARG CZ  NH2  doub N N 33  
ARG NH1 HH11 sing N N 34  
ARG NH1 HH12 sing N N 35  
ARG NH2 HH21 sing N N 36  
ARG NH2 HH22 sing N N 37  
ARG OXT HXT  sing N N 38  
ASN N   CA   sing N N 39  
ASN N   H    sing N N 40  
ASN N   H2   sing N N 41  
ASN CA  C    sing N N 42  
ASN CA  CB   sing N N 43  
ASN CA  HA   sing N N 44  
ASN C   O    doub N N 45  
ASN C   OXT  sing N N 46  
ASN CB  CG   sing N N 47  
ASN CB  HB2  sing N N 48  
ASN CB  HB3  sing N N 49  
ASN CG  OD1  doub N N 50  
ASN CG  ND2  sing N N 51  
ASN ND2 HD21 sing N N 52  
ASN ND2 HD22 sing N N 53  
ASN OXT HXT  sing N N 54  
ASP N   CA   sing N N 55  
ASP N   H    sing N N 56  
ASP N   H2   sing N N 57  
ASP CA  C    sing N N 58  
ASP CA  CB   sing N N 59  
ASP CA  HA   sing N N 60  
ASP C   O    doub N N 61  
ASP C   OXT  sing N N 62  
ASP CB  CG   sing N N 63  
ASP CB  HB2  sing N N 64  
ASP CB  HB3  sing N N 65  
ASP CG  OD1  doub N N 66  
ASP CG  OD2  sing N N 67  
ASP OD2 HD2  sing N N 68  
ASP OXT HXT  sing N N 69  
CYS N   CA   sing N N 70  
CYS N   H    sing N N 71  
CYS N   H2   sing N N 72  
CYS CA  C    sing N N 73  
CYS CA  CB   sing N N 74  
CYS CA  HA   sing N N 75  
CYS C   O    doub N N 76  
CYS C   OXT  sing N N 77  
CYS CB  SG   sing N N 78  
CYS CB  HB2  sing N N 79  
CYS CB  HB3  sing N N 80  
CYS SG  HG   sing N N 81  
CYS OXT HXT  sing N N 82  
EUO C20 S16  sing N N 83  
EUO O21 S16  doub N N 84  
EUO S16 O19  doub N N 85  
EUO S16 C01  sing N N 86  
EUO C01 N06  doub Y N 87  
EUO C01 N02  sing Y N 88  
EUO N06 C05  sing Y N 89  
EUO N02 C03  doub Y N 90  
EUO C13 C09  sing Y N 91  
EUO C13 C14  doub Y N 92  
EUO C08 C09  doub Y N 93  
EUO C08 C07  sing Y N 94  
EUO C05 C07  sing N N 95  
EUO C05 C04  doub Y N 96  
EUO C09 C10  sing Y N 97  
EUO C03 C04  sing Y N 98  
EUO C03 N17  sing N N 99  
EUO C07 C12  doub Y N 100 
EUO C14 N15  sing Y N 101 
EUO N17 C18  sing N N 102 
EUO C10 N15  sing Y N 103 
EUO C10 C11  doub Y N 104 
EUO C12 C11  sing Y N 105 
EUO C13 H1   sing N N 106 
EUO C20 H2   sing N N 107 
EUO C20 H3   sing N N 108 
EUO C20 H4   sing N N 109 
EUO C04 H5   sing N N 110 
EUO C08 H6   sing N N 111 
EUO C11 H7   sing N N 112 
EUO C12 H8   sing N N 113 
EUO C14 H9   sing N N 114 
EUO C18 H10  sing N N 115 
EUO C18 H11  sing N N 116 
EUO C18 H12  sing N N 117 
EUO N15 H13  sing N N 118 
EUO N17 H14  sing N N 119 
GLN N   CA   sing N N 120 
GLN N   H    sing N N 121 
GLN N   H2   sing N N 122 
GLN CA  C    sing N N 123 
GLN CA  CB   sing N N 124 
GLN CA  HA   sing N N 125 
GLN C   O    doub N N 126 
GLN C   OXT  sing N N 127 
GLN CB  CG   sing N N 128 
GLN CB  HB2  sing N N 129 
GLN CB  HB3  sing N N 130 
GLN CG  CD   sing N N 131 
GLN CG  HG2  sing N N 132 
GLN CG  HG3  sing N N 133 
GLN CD  OE1  doub N N 134 
GLN CD  NE2  sing N N 135 
GLN NE2 HE21 sing N N 136 
GLN NE2 HE22 sing N N 137 
GLN OXT HXT  sing N N 138 
GLU N   CA   sing N N 139 
GLU N   H    sing N N 140 
GLU N   H2   sing N N 141 
GLU CA  C    sing N N 142 
GLU CA  CB   sing N N 143 
GLU CA  HA   sing N N 144 
GLU C   O    doub N N 145 
GLU C   OXT  sing N N 146 
GLU CB  CG   sing N N 147 
GLU CB  HB2  sing N N 148 
GLU CB  HB3  sing N N 149 
GLU CG  CD   sing N N 150 
GLU CG  HG2  sing N N 151 
GLU CG  HG3  sing N N 152 
GLU CD  OE1  doub N N 153 
GLU CD  OE2  sing N N 154 
GLU OE2 HE2  sing N N 155 
GLU OXT HXT  sing N N 156 
GLY N   CA   sing N N 157 
GLY N   H    sing N N 158 
GLY N   H2   sing N N 159 
GLY CA  C    sing N N 160 
GLY CA  HA2  sing N N 161 
GLY CA  HA3  sing N N 162 
GLY C   O    doub N N 163 
GLY C   OXT  sing N N 164 
GLY OXT HXT  sing N N 165 
HIS N   CA   sing N N 166 
HIS N   H    sing N N 167 
HIS N   H2   sing N N 168 
HIS CA  C    sing N N 169 
HIS CA  CB   sing N N 170 
HIS CA  HA   sing N N 171 
HIS C   O    doub N N 172 
HIS C   OXT  sing N N 173 
HIS CB  CG   sing N N 174 
HIS CB  HB2  sing N N 175 
HIS CB  HB3  sing N N 176 
HIS CG  ND1  sing Y N 177 
HIS CG  CD2  doub Y N 178 
HIS ND1 CE1  doub Y N 179 
HIS ND1 HD1  sing N N 180 
HIS CD2 NE2  sing Y N 181 
HIS CD2 HD2  sing N N 182 
HIS CE1 NE2  sing Y N 183 
HIS CE1 HE1  sing N N 184 
HIS NE2 HE2  sing N N 185 
HIS OXT HXT  sing N N 186 
HOH O   H1   sing N N 187 
HOH O   H2   sing N N 188 
ILE N   CA   sing N N 189 
ILE N   H    sing N N 190 
ILE N   H2   sing N N 191 
ILE CA  C    sing N N 192 
ILE CA  CB   sing N N 193 
ILE CA  HA   sing N N 194 
ILE C   O    doub N N 195 
ILE C   OXT  sing N N 196 
ILE CB  CG1  sing N N 197 
ILE CB  CG2  sing N N 198 
ILE CB  HB   sing N N 199 
ILE CG1 CD1  sing N N 200 
ILE CG1 HG12 sing N N 201 
ILE CG1 HG13 sing N N 202 
ILE CG2 HG21 sing N N 203 
ILE CG2 HG22 sing N N 204 
ILE CG2 HG23 sing N N 205 
ILE CD1 HD11 sing N N 206 
ILE CD1 HD12 sing N N 207 
ILE CD1 HD13 sing N N 208 
ILE OXT HXT  sing N N 209 
LEU N   CA   sing N N 210 
LEU N   H    sing N N 211 
LEU N   H2   sing N N 212 
LEU CA  C    sing N N 213 
LEU CA  CB   sing N N 214 
LEU CA  HA   sing N N 215 
LEU C   O    doub N N 216 
LEU C   OXT  sing N N 217 
LEU CB  CG   sing N N 218 
LEU CB  HB2  sing N N 219 
LEU CB  HB3  sing N N 220 
LEU CG  CD1  sing N N 221 
LEU CG  CD2  sing N N 222 
LEU CG  HG   sing N N 223 
LEU CD1 HD11 sing N N 224 
LEU CD1 HD12 sing N N 225 
LEU CD1 HD13 sing N N 226 
LEU CD2 HD21 sing N N 227 
LEU CD2 HD22 sing N N 228 
LEU CD2 HD23 sing N N 229 
LEU OXT HXT  sing N N 230 
LYS N   CA   sing N N 231 
LYS N   H    sing N N 232 
LYS N   H2   sing N N 233 
LYS CA  C    sing N N 234 
LYS CA  CB   sing N N 235 
LYS CA  HA   sing N N 236 
LYS C   O    doub N N 237 
LYS C   OXT  sing N N 238 
LYS CB  CG   sing N N 239 
LYS CB  HB2  sing N N 240 
LYS CB  HB3  sing N N 241 
LYS CG  CD   sing N N 242 
LYS CG  HG2  sing N N 243 
LYS CG  HG3  sing N N 244 
LYS CD  CE   sing N N 245 
LYS CD  HD2  sing N N 246 
LYS CD  HD3  sing N N 247 
LYS CE  NZ   sing N N 248 
LYS CE  HE2  sing N N 249 
LYS CE  HE3  sing N N 250 
LYS NZ  HZ1  sing N N 251 
LYS NZ  HZ2  sing N N 252 
LYS NZ  HZ3  sing N N 253 
LYS OXT HXT  sing N N 254 
MET N   CA   sing N N 255 
MET N   H    sing N N 256 
MET N   H2   sing N N 257 
MET CA  C    sing N N 258 
MET CA  CB   sing N N 259 
MET CA  HA   sing N N 260 
MET C   O    doub N N 261 
MET C   OXT  sing N N 262 
MET CB  CG   sing N N 263 
MET CB  HB2  sing N N 264 
MET CB  HB3  sing N N 265 
MET CG  SD   sing N N 266 
MET CG  HG2  sing N N 267 
MET CG  HG3  sing N N 268 
MET SD  CE   sing N N 269 
MET CE  HE1  sing N N 270 
MET CE  HE2  sing N N 271 
MET CE  HE3  sing N N 272 
MET OXT HXT  sing N N 273 
PHE N   CA   sing N N 274 
PHE N   H    sing N N 275 
PHE N   H2   sing N N 276 
PHE CA  C    sing N N 277 
PHE CA  CB   sing N N 278 
PHE CA  HA   sing N N 279 
PHE C   O    doub N N 280 
PHE C   OXT  sing N N 281 
PHE CB  CG   sing N N 282 
PHE CB  HB2  sing N N 283 
PHE CB  HB3  sing N N 284 
PHE CG  CD1  doub Y N 285 
PHE CG  CD2  sing Y N 286 
PHE CD1 CE1  sing Y N 287 
PHE CD1 HD1  sing N N 288 
PHE CD2 CE2  doub Y N 289 
PHE CD2 HD2  sing N N 290 
PHE CE1 CZ   doub Y N 291 
PHE CE1 HE1  sing N N 292 
PHE CE2 CZ   sing Y N 293 
PHE CE2 HE2  sing N N 294 
PHE CZ  HZ   sing N N 295 
PHE OXT HXT  sing N N 296 
PRO N   CA   sing N N 297 
PRO N   CD   sing N N 298 
PRO N   H    sing N N 299 
PRO CA  C    sing N N 300 
PRO CA  CB   sing N N 301 
PRO CA  HA   sing N N 302 
PRO C   O    doub N N 303 
PRO C   OXT  sing N N 304 
PRO CB  CG   sing N N 305 
PRO CB  HB2  sing N N 306 
PRO CB  HB3  sing N N 307 
PRO CG  CD   sing N N 308 
PRO CG  HG2  sing N N 309 
PRO CG  HG3  sing N N 310 
PRO CD  HD2  sing N N 311 
PRO CD  HD3  sing N N 312 
PRO OXT HXT  sing N N 313 
SER N   CA   sing N N 314 
SER N   H    sing N N 315 
SER N   H2   sing N N 316 
SER CA  C    sing N N 317 
SER CA  CB   sing N N 318 
SER CA  HA   sing N N 319 
SER C   O    doub N N 320 
SER C   OXT  sing N N 321 
SER CB  OG   sing N N 322 
SER CB  HB2  sing N N 323 
SER CB  HB3  sing N N 324 
SER OG  HG   sing N N 325 
SER OXT HXT  sing N N 326 
THR N   CA   sing N N 327 
THR N   H    sing N N 328 
THR N   H2   sing N N 329 
THR CA  C    sing N N 330 
THR CA  CB   sing N N 331 
THR CA  HA   sing N N 332 
THR C   O    doub N N 333 
THR C   OXT  sing N N 334 
THR CB  OG1  sing N N 335 
THR CB  CG2  sing N N 336 
THR CB  HB   sing N N 337 
THR OG1 HG1  sing N N 338 
THR CG2 HG21 sing N N 339 
THR CG2 HG22 sing N N 340 
THR CG2 HG23 sing N N 341 
THR OXT HXT  sing N N 342 
TRP N   CA   sing N N 343 
TRP N   H    sing N N 344 
TRP N   H2   sing N N 345 
TRP CA  C    sing N N 346 
TRP CA  CB   sing N N 347 
TRP CA  HA   sing N N 348 
TRP C   O    doub N N 349 
TRP C   OXT  sing N N 350 
TRP CB  CG   sing N N 351 
TRP CB  HB2  sing N N 352 
TRP CB  HB3  sing N N 353 
TRP CG  CD1  doub Y N 354 
TRP CG  CD2  sing Y N 355 
TRP CD1 NE1  sing Y N 356 
TRP CD1 HD1  sing N N 357 
TRP CD2 CE2  doub Y N 358 
TRP CD2 CE3  sing Y N 359 
TRP NE1 CE2  sing Y N 360 
TRP NE1 HE1  sing N N 361 
TRP CE2 CZ2  sing Y N 362 
TRP CE3 CZ3  doub Y N 363 
TRP CE3 HE3  sing N N 364 
TRP CZ2 CH2  doub Y N 365 
TRP CZ2 HZ2  sing N N 366 
TRP CZ3 CH2  sing Y N 367 
TRP CZ3 HZ3  sing N N 368 
TRP CH2 HH2  sing N N 369 
TRP OXT HXT  sing N N 370 
TYR N   CA   sing N N 371 
TYR N   H    sing N N 372 
TYR N   H2   sing N N 373 
TYR CA  C    sing N N 374 
TYR CA  CB   sing N N 375 
TYR CA  HA   sing N N 376 
TYR C   O    doub N N 377 
TYR C   OXT  sing N N 378 
TYR CB  CG   sing N N 379 
TYR CB  HB2  sing N N 380 
TYR CB  HB3  sing N N 381 
TYR CG  CD1  doub Y N 382 
TYR CG  CD2  sing Y N 383 
TYR CD1 CE1  sing Y N 384 
TYR CD1 HD1  sing N N 385 
TYR CD2 CE2  doub Y N 386 
TYR CD2 HD2  sing N N 387 
TYR CE1 CZ   doub Y N 388 
TYR CE1 HE1  sing N N 389 
TYR CE2 CZ   sing Y N 390 
TYR CE2 HE2  sing N N 391 
TYR CZ  OH   sing N N 392 
TYR OH  HH   sing N N 393 
TYR OXT HXT  sing N N 394 
VAL N   CA   sing N N 395 
VAL N   H    sing N N 396 
VAL N   H2   sing N N 397 
VAL CA  C    sing N N 398 
VAL CA  CB   sing N N 399 
VAL CA  HA   sing N N 400 
VAL C   O    doub N N 401 
VAL C   OXT  sing N N 402 
VAL CB  CG1  sing N N 403 
VAL CB  CG2  sing N N 404 
VAL CB  HB   sing N N 405 
VAL CG1 HG11 sing N N 406 
VAL CG1 HG12 sing N N 407 
VAL CG1 HG13 sing N N 408 
VAL CG2 HG21 sing N N 409 
VAL CG2 HG22 sing N N 410 
VAL CG2 HG23 sing N N 411 
VAL OXT HXT  sing N N 412 
# 
_pdbx_entity_instance_feature.ordinal        1 
_pdbx_entity_instance_feature.comp_id        EUO 
_pdbx_entity_instance_feature.asym_id        ? 
_pdbx_entity_instance_feature.seq_num        ? 
_pdbx_entity_instance_feature.auth_comp_id   EUO 
_pdbx_entity_instance_feature.auth_asym_id   ? 
_pdbx_entity_instance_feature.auth_seq_num   ? 
_pdbx_entity_instance_feature.feature_type   'SUBJECT OF INVESTIGATION' 
_pdbx_entity_instance_feature.details        ? 
# 
loop_
_pdbx_entity_nonpoly.entity_id 
_pdbx_entity_nonpoly.name 
_pdbx_entity_nonpoly.comp_id 
2 '6-(1H-indol-5-yl)-N-methyl-2-methylsulfonyl-pyrimidin-4-amine' EUO 
3 water                                                           HOH 
# 
_pdbx_initial_refinement_model.id               1 
_pdbx_initial_refinement_model.entity_id_list   ? 
_pdbx_initial_refinement_model.type             'experimental model' 
_pdbx_initial_refinement_model.source_name      PDB 
_pdbx_initial_refinement_model.accession_code   3QZT 
_pdbx_initial_refinement_model.details          ? 
# 
_pdbx_struct_assembly_auth_evidence.id                     1 
_pdbx_struct_assembly_auth_evidence.assembly_id            1 
_pdbx_struct_assembly_auth_evidence.experimental_support   none 
_pdbx_struct_assembly_auth_evidence.details                ? 
# 
_space_group.name_H-M_alt     'C 1 2 1' 
_space_group.name_Hall        'C 2y' 
_space_group.IT_number        5 
_space_group.crystal_system   monoclinic 
_space_group.id               1 
# 
